data_1FZC
#
_entry.id   1FZC
#
_cell.length_a   83.443
_cell.length_b   95.600
_cell.length_c   113.641
_cell.angle_alpha   90.00
_cell.angle_beta   90.19
_cell.angle_gamma   90.00
#
_symmetry.space_group_name_H-M   'P 1 21 1'
#
loop_
_entity.id
_entity.type
_entity.pdbx_description
1 polymer FIBRIN
2 polymer FIBRIN
3 polymer FIBRIN
4 polymer FIBRIN
5 polymer FIBRIN
6 branched 2-acetamido-2-deoxy-beta-D-glucopyranose-(1-4)-2-acetamido-2-deoxy-beta-D-glucopyranose
7 non-polymer alpha-D-mannopyranose
8 non-polymer 'CALCIUM ION'
9 non-polymer 2-acetamido-2-deoxy-beta-D-glucopyranose
10 water water
#
loop_
_entity_poly.entity_id
_entity_poly.type
_entity_poly.pdbx_seq_one_letter_code
_entity_poly.pdbx_strand_id
1 'polypeptide(L)'
;VSEDLRSRIEVLKRKVIEKVQHIQLLQKNVRAQLVDMKRLEVDIDIKIRSCRGSCSRALAREVDLKDYEDQQKQLEQVIA
KDLLPSR
;
A,D
2 'polypeptide(L)'
;DNENVVNEYSSELEKHQLYIDETVNSNIPTNLRVLRSILENLRSKIQKLESDVSAQMEYCRTPCTVSCNIPVVSGKECEE
IIRKGGETSEMYLIQPDSSVKPYRVYCDMNTENGGWTVIQNRQDGSVDFGRKWDPYKQGFGNVATNTDGKNYCGLPGEYW
LGNDKISQLTRMGPTELLIEMEDWKGDKVKAHYGGFTVQNEANKYQISVNKYRGTAGNALMDGASQLMGENRTMTIHNGM
FFSTYDRDNDGWLTSDPRKQCSKEDGGGWWYNRCHAANPNGRYYWGGQYTWDMAKHGTDDGVVWMNWKGSWYSMRKMSMK
IRPFFPQQ
;
B,E
3 'polypeptide(L)'
;KMLEEIMKYEASILTHDSSIRYLQEIYNSNNQKIVNLKEKVAQLEAQCQEPCKDTVQIHDITGKDCQDIANKGAKQSGLY
FIKPLKANQQFLVYCEIDGSGNGWTVFQKRLDGSVDFKKNWIQYKEGFGHLSPTGTTEFWLGNEKIHLISTQSAIPYALR
VELEDWNGRTSTADYAMFKVGPEADKYRLTYAYFAGGDAGDAFDGFDFGDDPSDKFFTSHNGMQFSTWDNDNDKFEGNCA
EQDGSGWWMNKCHAGHLNGVYYQGGTYSKASTPNGYDNGIIWATWKTRWYSMKKTTMKIIPFNRLTIGEGQQHHLGGAK
;
C,F
4 'polypeptide(L)' GPRP G,H
5 'polypeptide(L)' GHRP I,J
#
loop_
_chem_comp.id
_chem_comp.type
_chem_comp.name
_chem_comp.formula
CA non-polymer 'CALCIUM ION' 'Ca 2'
MAN D-saccharide, alpha linking alpha-D-mannopyranose 'C6 H12 O6'
NAG D-saccharide, beta linking 2-acetamido-2-deoxy-beta-D-glucopyranose 'C8 H15 N O6'
#
# COMPACT_ATOMS: atom_id res chain seq x y z
N ILE A 9 -120.12 22.70 -8.78
CA ILE A 9 -119.14 21.65 -9.16
C ILE A 9 -117.72 22.21 -9.27
N GLU A 10 -117.51 23.35 -9.90
CA GLU A 10 -116.13 23.89 -9.95
C GLU A 10 -115.52 23.83 -8.55
N VAL A 11 -116.18 24.45 -7.58
CA VAL A 11 -115.78 24.47 -6.19
C VAL A 11 -115.84 23.09 -5.54
N LEU A 12 -115.94 22.05 -6.36
CA LEU A 12 -115.92 20.67 -5.84
C LEU A 12 -115.15 19.77 -6.81
N LYS A 13 -115.78 18.73 -7.34
CA LYS A 13 -115.07 17.82 -8.23
C LYS A 13 -114.06 18.53 -9.11
N ARG A 14 -114.21 19.83 -9.37
CA ARG A 14 -113.20 20.46 -10.21
C ARG A 14 -111.99 20.81 -9.35
N LYS A 15 -112.32 21.36 -8.17
CA LYS A 15 -111.24 21.73 -7.25
C LYS A 15 -110.48 20.50 -6.81
N VAL A 16 -111.17 19.36 -6.71
CA VAL A 16 -110.47 18.14 -6.31
C VAL A 16 -109.41 17.85 -7.39
N ILE A 17 -109.92 17.69 -8.60
CA ILE A 17 -109.08 17.39 -9.75
C ILE A 17 -107.91 18.37 -9.85
N GLU A 18 -108.15 19.65 -9.60
CA GLU A 18 -107.09 20.65 -9.60
C GLU A 18 -105.98 20.29 -8.60
N LYS A 19 -106.37 19.72 -7.44
CA LYS A 19 -105.38 19.44 -6.40
C LYS A 19 -104.66 18.12 -6.67
N VAL A 20 -105.39 17.12 -7.16
CA VAL A 20 -104.80 15.85 -7.55
C VAL A 20 -103.64 16.03 -8.53
N GLN A 21 -103.74 17.04 -9.41
CA GLN A 21 -102.67 17.25 -10.39
C GLN A 21 -101.45 17.79 -9.66
N HIS A 22 -101.68 18.58 -8.61
CA HIS A 22 -100.55 19.12 -7.87
C HIS A 22 -99.84 18.08 -7.01
N ILE A 23 -100.59 17.10 -6.52
CA ILE A 23 -100.02 16.02 -5.72
C ILE A 23 -99.18 15.14 -6.65
N GLN A 24 -99.67 14.90 -7.84
CA GLN A 24 -99.07 14.10 -8.88
C GLN A 24 -97.75 14.71 -9.36
N LEU A 25 -97.66 16.00 -9.38
CA LEU A 25 -96.49 16.79 -9.70
C LEU A 25 -95.50 16.55 -8.56
N LEU A 26 -95.90 16.79 -7.32
CA LEU A 26 -95.04 16.53 -6.18
C LEU A 26 -94.44 15.11 -6.25
N GLN A 27 -95.32 14.14 -6.44
CA GLN A 27 -94.99 12.74 -6.48
C GLN A 27 -93.77 12.48 -7.38
N LYS A 28 -93.90 12.86 -8.64
CA LYS A 28 -92.83 12.74 -9.60
C LYS A 28 -91.60 13.50 -9.10
N ASN A 29 -91.83 14.69 -8.54
CA ASN A 29 -90.72 15.50 -8.10
C ASN A 29 -89.92 14.77 -7.02
N VAL A 30 -90.61 14.23 -6.02
CA VAL A 30 -89.90 13.57 -4.93
C VAL A 30 -89.29 12.25 -5.38
N ARG A 31 -89.83 11.67 -6.43
CA ARG A 31 -89.24 10.46 -7.00
C ARG A 31 -87.83 10.82 -7.52
N ALA A 32 -87.75 11.95 -8.23
CA ALA A 32 -86.43 12.40 -8.70
C ALA A 32 -85.58 12.87 -7.56
N GLN A 33 -86.05 13.43 -6.43
CA GLN A 33 -85.15 13.91 -5.39
C GLN A 33 -84.58 12.76 -4.53
N LEU A 34 -85.32 11.67 -4.39
CA LEU A 34 -84.77 10.47 -3.73
C LEU A 34 -83.60 9.94 -4.56
N VAL A 35 -83.66 9.93 -5.88
CA VAL A 35 -82.56 9.51 -6.74
C VAL A 35 -81.36 10.47 -6.58
N ASP A 36 -81.54 11.79 -6.66
CA ASP A 36 -80.48 12.73 -6.37
C ASP A 36 -79.88 12.47 -4.99
N MET A 37 -80.64 12.18 -3.96
CA MET A 37 -80.14 12.03 -2.60
C MET A 37 -79.35 10.75 -2.47
N LYS A 38 -79.80 9.68 -3.12
CA LYS A 38 -79.00 8.42 -3.07
C LYS A 38 -77.64 8.60 -3.72
N ARG A 39 -77.66 9.31 -4.87
CA ARG A 39 -76.46 9.63 -5.60
C ARG A 39 -75.49 10.55 -4.89
N LEU A 40 -75.97 11.46 -4.07
CA LEU A 40 -75.13 12.39 -3.28
C LEU A 40 -74.47 11.74 -2.09
N GLU A 41 -75.20 10.85 -1.40
CA GLU A 41 -74.69 9.99 -0.30
C GLU A 41 -73.56 9.04 -0.76
N VAL A 42 -73.65 8.41 -1.91
CA VAL A 42 -72.63 7.52 -2.45
C VAL A 42 -71.43 8.37 -2.90
N ASP A 43 -71.74 9.45 -3.65
CA ASP A 43 -70.67 10.40 -4.01
C ASP A 43 -69.95 10.95 -2.78
N ILE A 44 -70.59 11.33 -1.70
CA ILE A 44 -69.87 11.79 -0.50
C ILE A 44 -69.11 10.68 0.18
N ASP A 45 -69.60 9.45 0.25
CA ASP A 45 -68.85 8.33 0.83
C ASP A 45 -67.57 8.10 0.02
N ILE A 46 -67.65 8.11 -1.30
CA ILE A 46 -66.44 7.94 -2.16
C ILE A 46 -65.43 9.09 -2.04
N LYS A 47 -65.81 10.38 -2.01
CA LYS A 47 -64.90 11.49 -1.87
C LYS A 47 -64.25 11.62 -0.48
N ILE A 48 -64.95 11.28 0.61
CA ILE A 48 -64.32 11.26 1.93
C ILE A 48 -63.26 10.16 2.00
N ARG A 49 -63.53 8.99 1.51
CA ARG A 49 -62.63 7.84 1.47
C ARG A 49 -61.37 8.21 0.64
N SER A 50 -61.61 8.91 -0.47
CA SER A 50 -60.51 9.37 -1.30
C SER A 50 -59.65 10.43 -0.60
N CYS A 51 -59.94 10.86 0.63
CA CYS A 51 -59.00 11.75 1.33
C CYS A 51 -58.05 10.95 2.19
N ARG A 52 -58.32 9.68 2.40
CA ARG A 52 -57.46 8.82 3.24
C ARG A 52 -56.01 8.86 2.73
N GLY A 53 -55.85 9.01 1.39
CA GLY A 53 -54.47 9.02 0.86
C GLY A 53 -53.79 10.40 0.92
N SER A 54 -54.47 11.47 1.29
CA SER A 54 -53.74 12.75 1.43
C SER A 54 -53.72 13.36 2.84
N CYS A 55 -54.78 13.21 3.60
CA CYS A 55 -55.06 13.82 4.90
C CYS A 55 -54.64 12.91 6.05
N SER A 56 -54.41 13.53 7.22
CA SER A 56 -54.07 12.84 8.45
C SER A 56 -55.06 11.71 8.74
N ARG A 57 -56.36 11.88 8.53
CA ARG A 57 -57.28 10.75 8.77
C ARG A 57 -58.59 11.01 7.99
N ALA A 58 -59.38 9.95 7.81
CA ALA A 58 -60.66 10.10 7.13
C ALA A 58 -61.79 9.70 8.08
N LEU A 59 -62.92 10.37 8.06
CA LEU A 59 -64.07 10.09 8.91
C LEU A 59 -64.63 8.66 8.77
N ALA A 60 -64.76 7.90 9.86
CA ALA A 60 -65.34 6.55 9.74
C ALA A 60 -66.86 6.71 9.65
N ARG A 61 -67.43 6.13 8.61
CA ARG A 61 -68.88 6.32 8.37
C ARG A 61 -69.46 5.02 7.85
N GLU A 62 -70.76 4.89 7.77
CA GLU A 62 -71.43 3.69 7.30
C GLU A 62 -72.62 4.11 6.45
N VAL A 63 -72.63 3.65 5.22
CA VAL A 63 -73.76 3.97 4.34
C VAL A 63 -74.65 2.75 4.15
N ASP A 64 -75.93 2.89 3.95
CA ASP A 64 -76.80 1.75 3.67
C ASP A 64 -78.00 2.43 2.98
N LEU A 65 -78.14 2.00 1.73
CA LEU A 65 -79.13 2.55 0.85
C LEU A 65 -80.51 1.97 1.11
N LYS A 66 -80.70 1.33 2.26
CA LYS A 66 -81.94 0.64 2.64
C LYS A 66 -83.06 1.58 3.05
N ASP A 67 -82.71 2.57 3.88
CA ASP A 67 -83.70 3.60 4.21
C ASP A 67 -84.14 4.27 2.90
N TYR A 68 -83.24 4.39 1.91
CA TYR A 68 -83.54 5.03 0.65
C TYR A 68 -84.43 4.11 -0.20
N GLU A 69 -84.12 2.83 -0.06
CA GLU A 69 -84.83 1.79 -0.81
C GLU A 69 -86.23 1.51 -0.26
N ASP A 70 -86.36 1.61 1.03
CA ASP A 70 -87.68 1.47 1.68
C ASP A 70 -88.57 2.60 1.20
N GLN A 71 -88.02 3.82 1.31
CA GLN A 71 -88.70 5.01 0.86
C GLN A 71 -89.03 5.03 -0.63
N GLN A 72 -88.17 4.47 -1.47
CA GLN A 72 -88.51 4.48 -2.91
C GLN A 72 -89.65 3.49 -3.24
N LYS A 73 -89.74 2.31 -2.63
CA LYS A 73 -90.84 1.42 -2.98
C LYS A 73 -92.14 1.99 -2.41
N GLN A 74 -92.04 2.46 -1.17
CA GLN A 74 -93.14 3.12 -0.50
C GLN A 74 -93.80 4.18 -1.37
N LEU A 75 -92.98 5.08 -1.91
CA LEU A 75 -93.46 6.14 -2.78
C LEU A 75 -94.01 5.52 -4.06
N GLU A 76 -93.40 4.47 -4.59
CA GLU A 76 -93.85 3.81 -5.80
C GLU A 76 -95.23 3.18 -5.61
N GLN A 77 -95.52 2.71 -4.41
CA GLN A 77 -96.82 2.09 -4.12
C GLN A 77 -97.90 3.16 -4.25
N VAL A 78 -97.63 4.29 -3.61
CA VAL A 78 -98.55 5.43 -3.64
C VAL A 78 -98.73 5.95 -5.07
N ILE A 79 -97.66 6.17 -5.82
CA ILE A 79 -97.76 6.67 -7.19
C ILE A 79 -98.54 5.69 -8.08
N ALA A 80 -98.27 4.41 -7.87
CA ALA A 80 -98.83 3.34 -8.67
C ALA A 80 -100.32 3.13 -8.39
N LYS A 81 -100.55 2.95 -7.08
CA LYS A 81 -101.86 2.66 -6.53
C LYS A 81 -102.72 3.91 -6.51
N ASP A 82 -102.55 4.74 -7.54
CA ASP A 82 -103.32 5.97 -7.68
C ASP A 82 -104.40 5.83 -8.76
N LEU B 18 -119.31 12.27 -8.40
CA LEU B 18 -120.14 11.54 -7.40
C LEU B 18 -119.44 11.21 -6.09
N TYR B 19 -119.32 9.94 -5.73
CA TYR B 19 -118.74 9.48 -4.48
C TYR B 19 -117.21 9.52 -4.46
N ILE B 20 -116.64 9.99 -5.55
CA ILE B 20 -115.18 10.07 -5.69
C ILE B 20 -114.61 11.10 -4.71
N ASP B 21 -115.49 11.88 -4.11
CA ASP B 21 -115.08 12.85 -3.09
C ASP B 21 -114.88 12.14 -1.75
N GLU B 22 -114.41 10.90 -1.80
CA GLU B 22 -114.08 10.14 -0.60
C GLU B 22 -112.58 10.42 -0.43
N THR B 23 -111.87 10.27 -1.55
CA THR B 23 -110.46 10.49 -1.63
C THR B 23 -110.04 11.86 -1.08
N VAL B 24 -111.01 12.68 -0.74
CA VAL B 24 -110.72 13.99 -0.16
C VAL B 24 -110.40 13.73 1.32
N ASN B 25 -111.02 12.68 1.86
CA ASN B 25 -110.76 12.38 3.27
C ASN B 25 -110.10 11.02 3.38
N SER B 26 -109.84 10.39 2.24
CA SER B 26 -109.12 9.12 2.26
C SER B 26 -107.71 9.18 1.66
N ASN B 27 -107.65 9.10 0.33
CA ASN B 27 -106.40 9.12 -0.41
C ASN B 27 -105.55 10.37 -0.27
N ILE B 28 -106.05 11.56 -0.56
CA ILE B 28 -105.18 12.74 -0.40
C ILE B 28 -104.48 12.79 0.94
N PRO B 29 -105.17 12.59 2.05
CA PRO B 29 -104.55 12.64 3.36
C PRO B 29 -103.40 11.63 3.45
N THR B 30 -103.56 10.47 2.80
CA THR B 30 -102.52 9.45 2.90
C THR B 30 -101.30 9.85 2.06
N ASN B 31 -101.54 10.32 0.83
CA ASN B 31 -100.47 10.80 -0.01
C ASN B 31 -99.66 11.84 0.78
N LEU B 32 -100.40 12.73 1.45
CA LEU B 32 -99.80 13.82 2.18
C LEU B 32 -99.00 13.29 3.35
N ARG B 33 -99.40 12.10 3.80
CA ARG B 33 -98.68 11.43 4.87
C ARG B 33 -97.32 10.91 4.38
N VAL B 34 -97.35 10.16 3.29
CA VAL B 34 -96.16 9.53 2.71
C VAL B 34 -95.14 10.59 2.28
N LEU B 35 -95.61 11.55 1.49
CA LEU B 35 -94.79 12.67 1.04
C LEU B 35 -94.16 13.47 2.17
N ARG B 36 -94.93 13.75 3.22
CA ARG B 36 -94.41 14.45 4.36
C ARG B 36 -93.25 13.68 5.01
N SER B 37 -93.37 12.37 5.26
CA SER B 37 -92.30 11.69 5.97
C SER B 37 -91.04 11.63 5.10
N ILE B 38 -91.21 11.33 3.82
CA ILE B 38 -90.02 11.26 3.00
C ILE B 38 -89.30 12.63 2.88
N LEU B 39 -89.97 13.74 2.75
CA LEU B 39 -89.36 15.05 2.58
C LEU B 39 -88.64 15.54 3.83
N GLU B 40 -89.24 15.32 5.01
CA GLU B 40 -88.58 15.64 6.26
C GLU B 40 -87.35 14.73 6.48
N ASN B 41 -87.47 13.46 6.11
CA ASN B 41 -86.40 12.51 6.22
C ASN B 41 -85.24 12.91 5.30
N LEU B 42 -85.52 13.34 4.07
CA LEU B 42 -84.44 13.80 3.19
C LEU B 42 -83.84 15.06 3.78
N ARG B 43 -84.63 15.86 4.50
CA ARG B 43 -84.04 17.09 5.06
C ARG B 43 -83.05 16.79 6.18
N SER B 44 -83.27 15.82 7.06
CA SER B 44 -82.28 15.47 8.09
C SER B 44 -81.06 14.79 7.53
N LYS B 45 -81.19 13.94 6.54
CA LYS B 45 -79.98 13.34 5.92
C LYS B 45 -79.03 14.40 5.36
N ILE B 46 -79.55 15.41 4.65
CA ILE B 46 -78.78 16.50 4.08
C ILE B 46 -77.98 17.24 5.16
N GLN B 47 -78.69 17.55 6.28
CA GLN B 47 -77.90 18.25 7.31
C GLN B 47 -76.74 17.40 7.87
N LYS B 48 -76.91 16.11 8.07
CA LYS B 48 -75.84 15.24 8.56
C LYS B 48 -74.71 15.13 7.51
N LEU B 49 -75.03 15.02 6.21
CA LEU B 49 -74.00 14.97 5.19
C LEU B 49 -73.21 16.29 5.20
N GLU B 50 -73.81 17.43 5.50
CA GLU B 50 -73.00 18.67 5.53
C GLU B 50 -72.06 18.65 6.74
N SER B 51 -72.55 18.08 7.85
CA SER B 51 -71.69 17.89 9.02
C SER B 51 -70.53 16.94 8.63
N ASP B 52 -70.76 15.91 7.85
CA ASP B 52 -69.64 14.99 7.51
C ASP B 52 -68.58 15.66 6.63
N VAL B 53 -69.00 16.44 5.62
CA VAL B 53 -68.04 17.11 4.71
C VAL B 53 -67.22 18.15 5.46
N SER B 54 -67.91 18.87 6.34
CA SER B 54 -67.20 19.85 7.22
C SER B 54 -66.25 19.18 8.20
N ALA B 55 -66.56 18.06 8.82
CA ALA B 55 -65.53 17.40 9.65
C ALA B 55 -64.27 16.97 8.87
N GLN B 56 -64.47 16.27 7.74
CA GLN B 56 -63.37 15.86 6.88
C GLN B 56 -62.54 17.05 6.42
N MET B 57 -63.11 18.24 6.17
CA MET B 57 -62.30 19.40 5.81
C MET B 57 -61.39 19.82 6.97
N GLU B 58 -61.76 19.65 8.22
CA GLU B 58 -60.88 19.87 9.35
C GLU B 58 -59.68 18.94 9.36
N TYR B 59 -59.96 17.63 9.17
CA TYR B 59 -58.96 16.59 9.15
C TYR B 59 -57.95 16.90 8.03
N CYS B 60 -58.47 17.47 6.93
CA CYS B 60 -57.58 17.76 5.81
C CYS B 60 -56.71 18.95 6.13
N ARG B 61 -56.72 19.61 7.30
CA ARG B 61 -55.73 20.62 7.56
C ARG B 61 -54.34 20.00 7.85
N THR B 62 -54.24 18.72 8.14
CA THR B 62 -52.95 18.08 8.36
C THR B 62 -52.76 16.98 7.29
N PRO B 63 -51.57 16.69 6.88
CA PRO B 63 -51.27 15.66 5.90
C PRO B 63 -50.96 14.28 6.44
N CYS B 64 -51.10 13.24 5.62
CA CYS B 64 -50.60 11.91 5.98
C CYS B 64 -49.08 11.90 5.71
N THR B 65 -48.30 11.05 6.37
CA THR B 65 -46.86 11.04 6.08
C THR B 65 -46.35 9.61 5.94
N VAL B 66 -45.18 9.46 5.34
CA VAL B 66 -44.58 8.13 5.15
C VAL B 66 -43.07 8.36 5.35
N SER B 67 -42.32 7.32 5.62
CA SER B 67 -40.84 7.44 5.63
C SER B 67 -40.35 6.29 4.74
N CYS B 68 -40.05 6.48 3.46
CA CYS B 68 -39.68 5.33 2.62
C CYS B 68 -38.18 5.22 2.33
N ASN B 69 -37.49 4.51 3.21
CA ASN B 69 -36.04 4.28 3.08
C ASN B 69 -35.76 3.61 1.72
N ILE B 70 -34.71 3.95 1.01
CA ILE B 70 -34.52 3.51 -0.34
C ILE B 70 -33.57 2.31 -0.52
N PRO B 71 -34.11 1.25 -1.09
CA PRO B 71 -33.33 0.08 -1.40
C PRO B 71 -32.01 0.46 -2.07
N VAL B 72 -30.93 -0.24 -1.69
CA VAL B 72 -29.64 0.06 -2.30
C VAL B 72 -29.66 -0.20 -3.82
N VAL B 73 -30.27 -1.29 -4.20
CA VAL B 73 -30.26 -1.76 -5.56
C VAL B 73 -31.17 -0.93 -6.46
N SER B 74 -30.60 -0.53 -7.60
CA SER B 74 -31.33 0.25 -8.58
C SER B 74 -31.05 -0.17 -10.01
N GLY B 75 -31.73 0.37 -11.00
CA GLY B 75 -31.55 0.08 -12.41
C GLY B 75 -32.54 0.89 -13.27
N LYS B 76 -32.64 0.50 -14.54
CA LYS B 76 -33.44 1.19 -15.53
C LYS B 76 -34.93 0.97 -15.33
N GLU B 77 -35.30 -0.23 -14.89
CA GLU B 77 -36.69 -0.52 -14.55
C GLU B 77 -36.75 -1.79 -13.67
N CYS B 78 -37.91 -2.24 -13.26
CA CYS B 78 -38.02 -3.35 -12.29
C CYS B 78 -37.47 -4.65 -12.84
N GLU B 79 -37.34 -4.88 -14.12
CA GLU B 79 -36.79 -6.12 -14.69
C GLU B 79 -35.28 -6.16 -14.56
N GLU B 80 -34.65 -4.98 -14.73
CA GLU B 80 -33.19 -4.98 -14.47
C GLU B 80 -32.90 -5.21 -12.97
N ILE B 81 -33.78 -4.72 -12.08
CA ILE B 81 -33.60 -4.83 -10.66
C ILE B 81 -33.80 -6.27 -10.12
N ILE B 82 -34.76 -7.03 -10.61
CA ILE B 82 -34.88 -8.42 -10.17
C ILE B 82 -33.64 -9.17 -10.66
N ARG B 83 -33.14 -8.92 -11.87
CA ARG B 83 -31.91 -9.55 -12.37
C ARG B 83 -30.70 -9.05 -11.58
N LYS B 84 -30.82 -7.87 -10.92
CA LYS B 84 -29.73 -7.52 -9.99
C LYS B 84 -29.90 -8.16 -8.63
N GLY B 85 -30.86 -9.06 -8.42
CA GLY B 85 -30.96 -9.57 -7.04
C GLY B 85 -32.06 -8.98 -6.22
N GLY B 86 -32.78 -7.93 -6.67
CA GLY B 86 -33.90 -7.33 -5.96
C GLY B 86 -35.08 -8.33 -6.05
N GLU B 87 -35.28 -9.10 -5.01
CA GLU B 87 -36.23 -10.19 -4.98
C GLU B 87 -37.45 -9.87 -4.14
N THR B 88 -37.47 -8.80 -3.35
CA THR B 88 -38.73 -8.51 -2.64
C THR B 88 -39.50 -7.38 -3.33
N SER B 89 -40.80 -7.41 -3.25
CA SER B 89 -41.76 -6.48 -3.77
C SER B 89 -41.77 -5.30 -2.77
N GLU B 90 -41.64 -4.10 -3.26
CA GLU B 90 -41.54 -2.91 -2.47
C GLU B 90 -41.20 -1.74 -3.39
N MET B 91 -41.11 -0.53 -2.91
CA MET B 91 -40.72 0.64 -3.66
C MET B 91 -39.25 0.72 -4.10
N TYR B 92 -38.93 0.97 -5.40
CA TYR B 92 -37.53 1.07 -5.74
C TYR B 92 -37.31 2.44 -6.45
N LEU B 93 -36.11 2.89 -6.52
CA LEU B 93 -35.79 4.04 -7.39
C LEU B 93 -35.32 3.50 -8.75
N ILE B 94 -35.76 4.00 -9.88
CA ILE B 94 -35.40 3.61 -11.19
C ILE B 94 -34.95 4.81 -12.02
N GLN B 95 -34.07 4.60 -12.99
CA GLN B 95 -33.64 5.71 -13.86
C GLN B 95 -33.63 5.22 -15.32
N PRO B 96 -34.81 5.11 -15.89
CA PRO B 96 -34.98 4.57 -17.24
C PRO B 96 -34.13 5.28 -18.27
N ASP B 97 -33.82 6.54 -18.00
CA ASP B 97 -32.97 7.33 -18.86
C ASP B 97 -31.98 8.31 -18.23
N SER B 98 -30.72 8.20 -18.62
CA SER B 98 -29.64 9.08 -18.20
C SER B 98 -30.01 10.56 -18.31
N SER B 99 -30.93 10.91 -19.19
CA SER B 99 -31.39 12.30 -19.24
C SER B 99 -32.42 12.55 -18.16
N VAL B 100 -33.19 11.52 -17.76
CA VAL B 100 -34.24 11.77 -16.77
C VAL B 100 -33.72 11.61 -15.35
N LYS B 101 -34.34 12.34 -14.42
CA LYS B 101 -33.93 12.14 -13.01
C LYS B 101 -34.66 10.92 -12.41
N PRO B 102 -33.94 10.14 -11.63
CA PRO B 102 -34.46 8.91 -11.02
C PRO B 102 -35.80 9.13 -10.34
N TYR B 103 -36.70 8.17 -10.35
CA TYR B 103 -37.97 8.41 -9.65
C TYR B 103 -38.42 7.13 -8.97
N ARG B 104 -39.38 7.25 -8.06
CA ARG B 104 -39.92 6.15 -7.32
C ARG B 104 -40.98 5.34 -8.06
N VAL B 105 -40.98 3.99 -7.83
CA VAL B 105 -41.99 3.11 -8.44
C VAL B 105 -42.15 1.90 -7.54
N TYR B 106 -43.31 1.24 -7.56
CA TYR B 106 -43.55 0.01 -6.90
C TYR B 106 -43.13 -1.11 -7.87
N CYS B 107 -42.22 -1.98 -7.50
CA CYS B 107 -41.82 -3.19 -8.22
C CYS B 107 -42.55 -4.43 -7.68
N ASP B 108 -43.24 -5.15 -8.55
CA ASP B 108 -43.87 -6.41 -8.12
C ASP B 108 -42.93 -7.56 -8.48
N MET B 109 -42.21 -8.14 -7.54
CA MET B 109 -41.24 -9.20 -7.85
C MET B 109 -41.76 -10.64 -7.71
N ASN B 110 -43.00 -10.91 -7.39
CA ASN B 110 -43.64 -12.18 -7.19
C ASN B 110 -44.61 -12.62 -8.28
N THR B 111 -45.58 -11.89 -8.79
CA THR B 111 -46.47 -12.40 -9.82
C THR B 111 -45.74 -12.67 -11.15
N GLU B 112 -46.25 -13.67 -11.87
CA GLU B 112 -45.70 -14.02 -13.18
C GLU B 112 -44.22 -13.78 -13.36
N ASN B 113 -43.38 -14.46 -12.62
CA ASN B 113 -41.96 -14.32 -12.60
C ASN B 113 -41.44 -12.93 -12.29
N GLY B 114 -42.20 -12.00 -11.68
CA GLY B 114 -41.52 -10.80 -11.17
C GLY B 114 -40.85 -9.94 -12.24
N GLY B 115 -40.29 -8.83 -11.78
CA GLY B 115 -39.75 -7.75 -12.60
C GLY B 115 -40.82 -6.87 -13.23
N TRP B 116 -42.01 -6.73 -12.66
CA TRP B 116 -43.07 -5.88 -13.17
C TRP B 116 -43.02 -4.43 -12.61
N THR B 117 -43.00 -3.41 -13.44
CA THR B 117 -43.04 -1.98 -13.01
C THR B 117 -44.50 -1.50 -12.92
N VAL B 118 -45.03 -1.20 -11.75
CA VAL B 118 -46.46 -0.90 -11.57
C VAL B 118 -46.68 0.53 -12.05
N ILE B 119 -47.71 0.67 -12.85
CA ILE B 119 -48.09 1.90 -13.58
C ILE B 119 -49.41 2.35 -13.03
N GLN B 120 -50.16 1.44 -12.40
CA GLN B 120 -51.46 1.87 -11.82
C GLN B 120 -51.86 0.86 -10.76
N ASN B 121 -52.51 1.27 -9.73
CA ASN B 121 -52.93 0.50 -8.60
C ASN B 121 -54.18 0.99 -7.87
N ARG B 122 -55.24 0.19 -7.78
CA ARG B 122 -56.45 0.39 -7.02
C ARG B 122 -56.59 -0.72 -5.94
N GLN B 123 -57.00 -0.51 -4.69
CA GLN B 123 -57.06 -1.58 -3.71
C GLN B 123 -57.94 -1.24 -2.49
N ASP B 124 -58.18 0.05 -2.36
CA ASP B 124 -58.89 0.66 -1.24
C ASP B 124 -59.38 1.98 -1.80
N GLY B 125 -60.22 2.86 -1.33
CA GLY B 125 -60.45 3.91 -2.47
C GLY B 125 -59.83 5.20 -1.95
N SER B 126 -58.61 5.05 -1.49
CA SER B 126 -57.84 6.05 -0.82
C SER B 126 -57.40 7.23 -1.71
N VAL B 127 -57.53 7.15 -3.03
CA VAL B 127 -57.03 8.24 -3.87
C VAL B 127 -58.04 8.60 -4.93
N ASP B 128 -58.05 9.95 -5.18
CA ASP B 128 -59.08 10.39 -6.20
C ASP B 128 -58.56 10.22 -7.61
N PHE B 129 -59.22 9.52 -8.52
CA PHE B 129 -58.76 9.33 -9.89
C PHE B 129 -59.48 10.23 -10.93
N GLY B 130 -60.40 11.10 -10.55
CA GLY B 130 -61.21 12.01 -11.38
C GLY B 130 -60.40 13.31 -11.57
N ARG B 131 -59.25 13.31 -12.19
CA ARG B 131 -58.35 14.44 -12.34
C ARG B 131 -58.23 14.94 -13.79
N LYS B 132 -57.64 16.12 -13.94
CA LYS B 132 -57.55 16.81 -15.21
C LYS B 132 -56.27 16.30 -15.94
N TRP B 133 -56.07 16.85 -17.12
CA TRP B 133 -54.96 16.55 -17.98
C TRP B 133 -53.58 16.67 -17.39
N ASP B 134 -53.22 17.75 -16.68
CA ASP B 134 -51.85 17.85 -16.16
C ASP B 134 -51.49 16.85 -15.09
N PRO B 135 -52.32 16.67 -14.10
CA PRO B 135 -52.17 15.61 -13.09
C PRO B 135 -52.05 14.23 -13.70
N TYR B 136 -52.82 13.84 -14.75
CA TYR B 136 -52.63 12.53 -15.42
C TYR B 136 -51.28 12.43 -16.12
N LYS B 137 -50.75 13.59 -16.61
CA LYS B 137 -49.44 13.60 -17.29
C LYS B 137 -48.25 13.49 -16.39
N GLN B 138 -48.31 14.09 -15.20
CA GLN B 138 -47.21 14.14 -14.24
C GLN B 138 -47.27 12.93 -13.25
N GLY B 139 -48.43 12.34 -13.07
CA GLY B 139 -48.69 11.32 -12.10
C GLY B 139 -49.24 11.86 -10.78
N PHE B 140 -49.95 11.05 -10.02
CA PHE B 140 -50.55 11.41 -8.74
C PHE B 140 -50.71 10.18 -7.85
N GLY B 141 -51.03 10.32 -6.56
CA GLY B 141 -51.27 9.21 -5.66
C GLY B 141 -50.06 8.68 -4.91
N ASN B 142 -50.16 7.56 -4.16
CA ASN B 142 -49.04 7.16 -3.28
C ASN B 142 -48.39 5.91 -3.85
N VAL B 143 -47.07 5.95 -4.02
CA VAL B 143 -46.47 4.77 -4.68
C VAL B 143 -46.40 3.63 -3.67
N ALA B 144 -46.19 3.95 -2.39
CA ALA B 144 -45.95 2.96 -1.36
C ALA B 144 -46.15 3.52 0.06
N THR B 145 -46.48 2.67 0.99
CA THR B 145 -46.68 3.08 2.39
C THR B 145 -45.91 2.08 3.28
N ASN B 146 -45.75 2.55 4.50
CA ASN B 146 -45.06 1.87 5.55
C ASN B 146 -45.71 0.60 6.03
N THR B 147 -44.91 -0.46 5.89
CA THR B 147 -45.27 -1.77 6.44
C THR B 147 -45.27 -1.67 7.95
N ASP B 148 -46.28 -2.21 8.63
CA ASP B 148 -46.41 -2.05 10.10
C ASP B 148 -45.19 -2.34 10.97
N GLY B 149 -44.52 -1.25 11.39
CA GLY B 149 -43.31 -1.37 12.18
C GLY B 149 -42.05 -1.65 11.34
N LYS B 150 -41.92 -1.18 10.11
CA LYS B 150 -40.66 -1.35 9.39
C LYS B 150 -40.19 0.06 8.94
N ASN B 151 -38.93 0.15 8.56
CA ASN B 151 -38.45 1.45 8.07
C ASN B 151 -38.44 1.51 6.54
N TYR B 152 -39.08 0.57 5.84
CA TYR B 152 -39.21 0.62 4.39
C TYR B 152 -40.67 0.39 3.94
N CYS B 153 -41.02 0.87 2.75
CA CYS B 153 -42.36 0.75 2.19
C CYS B 153 -42.53 -0.42 1.22
N GLY B 154 -43.06 -1.51 1.82
CA GLY B 154 -43.34 -2.77 1.18
C GLY B 154 -44.77 -2.93 0.69
N LEU B 155 -45.67 -2.05 1.06
CA LEU B 155 -47.06 -2.09 0.60
C LEU B 155 -47.25 -0.99 -0.47
N PRO B 156 -47.98 -1.34 -1.52
CA PRO B 156 -48.24 -0.41 -2.61
C PRO B 156 -49.33 0.54 -2.18
N GLY B 157 -49.35 1.83 -2.59
CA GLY B 157 -50.50 2.65 -2.25
C GLY B 157 -51.30 2.79 -3.59
N GLU B 158 -52.35 3.68 -3.60
CA GLU B 158 -53.08 3.75 -4.87
C GLU B 158 -52.40 4.82 -5.75
N TYR B 159 -52.14 4.50 -7.04
CA TYR B 159 -51.50 5.57 -7.82
C TYR B 159 -51.64 5.42 -9.34
N TRP B 160 -51.19 6.48 -10.05
CA TRP B 160 -51.12 6.59 -11.49
C TRP B 160 -49.72 7.07 -11.85
N LEU B 161 -48.82 6.33 -12.46
CA LEU B 161 -47.48 6.81 -12.69
C LEU B 161 -47.63 8.00 -13.63
N GLY B 162 -46.83 8.93 -13.97
CA GLY B 162 -47.63 9.81 -15.10
C GLY B 162 -47.65 9.26 -16.50
N ASN B 163 -48.42 9.82 -17.47
CA ASN B 163 -48.48 9.55 -18.88
C ASN B 163 -47.15 9.82 -19.61
N ASP B 164 -46.36 10.81 -19.15
CA ASP B 164 -45.03 11.00 -19.75
C ASP B 164 -44.07 9.92 -19.28
N LYS B 165 -44.21 9.54 -18.01
CA LYS B 165 -43.27 8.44 -17.60
C LYS B 165 -43.58 7.12 -18.31
N ILE B 166 -44.87 6.83 -18.42
CA ILE B 166 -45.28 5.55 -19.03
C ILE B 166 -44.96 5.45 -20.51
N SER B 167 -45.16 6.57 -21.24
CA SER B 167 -44.89 6.59 -22.65
C SER B 167 -43.40 6.39 -22.91
N GLN B 168 -42.59 7.06 -22.12
CA GLN B 168 -41.13 6.85 -22.23
C GLN B 168 -40.72 5.42 -21.91
N LEU B 169 -41.32 4.80 -20.89
CA LEU B 169 -40.98 3.40 -20.53
C LEU B 169 -41.33 2.51 -21.70
N THR B 170 -42.48 2.72 -22.32
CA THR B 170 -42.85 1.77 -23.39
C THR B 170 -42.09 2.02 -24.69
N ARG B 171 -41.45 3.20 -24.78
CA ARG B 171 -40.80 3.62 -26.00
C ARG B 171 -39.34 3.25 -25.98
N MET B 172 -38.80 2.76 -24.87
CA MET B 172 -37.43 2.28 -24.85
C MET B 172 -37.29 0.95 -25.61
N GLY B 173 -38.36 0.18 -25.85
CA GLY B 173 -38.21 -1.16 -26.45
C GLY B 173 -39.54 -1.92 -26.31
N PRO B 174 -39.71 -3.02 -27.00
CA PRO B 174 -40.87 -3.87 -26.89
C PRO B 174 -41.11 -4.15 -25.43
N THR B 175 -42.34 -4.08 -24.99
CA THR B 175 -42.82 -4.09 -23.65
C THR B 175 -44.11 -4.86 -23.58
N GLU B 176 -44.27 -5.61 -22.48
CA GLU B 176 -45.50 -6.38 -22.26
C GLU B 176 -46.32 -5.71 -21.17
N LEU B 177 -47.63 -5.83 -21.12
CA LEU B 177 -48.53 -5.26 -20.14
C LEU B 177 -49.26 -6.40 -19.39
N LEU B 178 -49.42 -6.32 -18.09
CA LEU B 178 -50.18 -7.26 -17.27
C LEU B 178 -51.16 -6.49 -16.41
N ILE B 179 -52.42 -6.83 -16.54
CA ILE B 179 -53.52 -6.30 -15.76
C ILE B 179 -54.11 -7.43 -14.90
N GLU B 180 -54.21 -7.26 -13.60
CA GLU B 180 -54.70 -8.15 -12.63
C GLU B 180 -55.89 -7.51 -11.89
N MET B 181 -56.84 -8.30 -11.50
CA MET B 181 -57.96 -7.91 -10.73
C MET B 181 -58.49 -9.01 -9.81
N GLU B 182 -59.19 -8.48 -8.79
CA GLU B 182 -59.86 -9.23 -7.78
C GLU B 182 -61.21 -8.67 -7.38
N ASP B 183 -62.22 -9.56 -7.28
CA ASP B 183 -63.55 -9.16 -6.82
C ASP B 183 -63.70 -9.18 -5.29
N TRP B 184 -64.92 -8.89 -4.81
CA TRP B 184 -65.15 -8.72 -3.38
C TRP B 184 -65.32 -10.05 -2.63
N LYS B 185 -65.16 -11.21 -3.26
CA LYS B 185 -65.13 -12.45 -2.46
C LYS B 185 -63.79 -13.17 -2.74
N GLY B 186 -62.79 -12.44 -3.24
CA GLY B 186 -61.49 -13.01 -3.44
C GLY B 186 -61.19 -13.71 -4.74
N ASP B 187 -62.07 -13.95 -5.70
CA ASP B 187 -61.67 -14.52 -6.98
C ASP B 187 -60.82 -13.44 -7.75
N LYS B 188 -59.91 -13.86 -8.57
CA LYS B 188 -58.87 -13.23 -9.32
C LYS B 188 -58.74 -13.71 -10.77
N VAL B 189 -58.45 -12.82 -11.72
CA VAL B 189 -58.32 -13.08 -13.12
C VAL B 189 -57.22 -12.12 -13.61
N LYS B 190 -56.76 -12.37 -14.83
CA LYS B 190 -55.67 -11.66 -15.45
C LYS B 190 -55.86 -11.37 -16.95
N ALA B 191 -55.22 -10.33 -17.46
CA ALA B 191 -55.18 -10.02 -18.86
C ALA B 191 -53.74 -9.61 -19.20
N HIS B 192 -53.15 -10.34 -20.11
CA HIS B 192 -51.80 -10.11 -20.56
C HIS B 192 -51.76 -9.63 -22.01
N TYR B 193 -50.93 -8.63 -22.30
CA TYR B 193 -50.73 -8.13 -23.64
C TYR B 193 -49.24 -8.19 -23.94
N GLY B 194 -48.87 -9.08 -24.89
CA GLY B 194 -47.42 -9.28 -25.18
C GLY B 194 -46.88 -8.00 -25.83
N GLY B 195 -47.68 -7.05 -26.29
CA GLY B 195 -47.20 -5.77 -26.85
C GLY B 195 -48.05 -4.64 -26.35
N PHE B 196 -47.46 -3.51 -26.00
CA PHE B 196 -48.07 -2.31 -25.45
C PHE B 196 -47.13 -1.08 -25.68
N THR B 197 -47.67 0.00 -26.27
CA THR B 197 -46.94 1.22 -26.46
C THR B 197 -47.89 2.39 -26.17
N VAL B 198 -47.30 3.45 -25.65
CA VAL B 198 -48.13 4.61 -25.38
C VAL B 198 -47.32 5.76 -26.06
N GLN B 199 -47.91 6.46 -27.01
CA GLN B 199 -47.16 7.52 -27.74
C GLN B 199 -47.02 8.79 -26.92
N ASN B 200 -46.27 9.79 -27.37
CA ASN B 200 -46.09 11.04 -26.67
C ASN B 200 -47.31 11.96 -26.63
N GLU B 201 -47.19 12.96 -25.75
CA GLU B 201 -48.26 13.93 -25.48
C GLU B 201 -48.70 14.62 -26.77
N ALA B 202 -47.80 14.93 -27.69
CA ALA B 202 -48.22 15.54 -28.96
C ALA B 202 -49.07 14.55 -29.75
N ASN B 203 -48.94 13.24 -29.45
CA ASN B 203 -49.77 12.27 -30.16
C ASN B 203 -50.89 11.81 -29.25
N LYS B 204 -51.17 12.64 -28.25
CA LYS B 204 -52.25 12.41 -27.29
C LYS B 204 -52.11 11.06 -26.54
N TYR B 205 -50.93 10.51 -26.32
CA TYR B 205 -50.82 9.26 -25.52
C TYR B 205 -51.53 8.07 -26.15
N GLN B 206 -51.61 8.17 -27.48
CA GLN B 206 -52.28 7.16 -28.24
C GLN B 206 -51.86 5.71 -27.85
N ILE B 207 -52.77 4.83 -27.53
CA ILE B 207 -52.44 3.48 -27.09
C ILE B 207 -52.41 2.44 -28.23
N SER B 208 -51.54 1.48 -28.15
CA SER B 208 -51.56 0.29 -29.02
C SER B 208 -51.34 -0.98 -28.20
N VAL B 209 -52.10 -2.05 -28.28
CA VAL B 209 -51.86 -3.31 -27.60
C VAL B 209 -52.02 -4.55 -28.49
N ASN B 210 -51.37 -5.67 -28.21
CA ASN B 210 -51.64 -6.91 -28.96
C ASN B 210 -51.31 -8.17 -28.14
N LYS B 211 -51.45 -9.33 -28.79
CA LYS B 211 -51.01 -10.61 -28.31
C LYS B 211 -51.56 -10.84 -26.91
N TYR B 212 -52.87 -10.84 -26.80
CA TYR B 212 -53.56 -11.12 -25.57
C TYR B 212 -53.44 -12.60 -25.10
N ARG B 213 -53.51 -12.87 -23.82
CA ARG B 213 -53.72 -14.17 -23.23
C ARG B 213 -54.30 -13.83 -21.83
N GLY B 214 -55.15 -14.69 -21.29
CA GLY B 214 -55.62 -14.44 -19.94
C GLY B 214 -56.98 -15.08 -19.64
N THR B 215 -57.45 -14.85 -18.43
CA THR B 215 -58.72 -15.36 -17.96
C THR B 215 -59.70 -14.23 -17.77
N ALA B 216 -59.28 -12.95 -17.91
CA ALA B 216 -60.26 -11.87 -17.66
C ALA B 216 -61.14 -11.57 -18.86
N GLY B 217 -60.76 -12.01 -20.04
CA GLY B 217 -61.52 -11.66 -21.28
C GLY B 217 -60.78 -10.46 -21.94
N ASN B 218 -60.60 -10.29 -23.22
CA ASN B 218 -59.91 -9.34 -24.04
C ASN B 218 -60.70 -8.02 -24.28
N ALA B 219 -60.94 -7.29 -23.22
CA ALA B 219 -61.68 -6.03 -23.24
C ALA B 219 -60.92 -4.95 -24.05
N LEU B 220 -59.60 -4.86 -24.02
CA LEU B 220 -58.86 -3.86 -24.76
C LEU B 220 -58.95 -4.00 -26.27
N MET B 221 -58.64 -5.14 -26.88
CA MET B 221 -58.75 -5.35 -28.33
C MET B 221 -60.12 -5.74 -28.87
N ASP B 222 -61.00 -6.43 -28.14
CA ASP B 222 -62.28 -6.80 -28.75
C ASP B 222 -63.56 -6.14 -28.25
N GLY B 223 -63.55 -5.47 -27.11
CA GLY B 223 -64.70 -4.80 -26.55
C GLY B 223 -65.55 -5.76 -25.74
N ALA B 224 -66.66 -5.27 -25.24
CA ALA B 224 -67.53 -6.05 -24.37
C ALA B 224 -68.20 -7.22 -25.14
N SER B 225 -67.92 -8.40 -24.65
CA SER B 225 -68.46 -9.65 -25.24
C SER B 225 -69.95 -9.69 -25.05
N GLN B 226 -70.59 -8.90 -24.19
CA GLN B 226 -72.05 -9.01 -24.13
C GLN B 226 -72.73 -8.05 -25.11
N LEU B 227 -72.04 -7.39 -26.04
CA LEU B 227 -72.70 -6.54 -27.02
C LEU B 227 -72.39 -7.11 -28.40
N MET B 228 -73.20 -6.66 -29.37
CA MET B 228 -73.00 -7.17 -30.73
C MET B 228 -72.76 -6.03 -31.73
N GLY B 229 -72.12 -6.33 -32.85
CA GLY B 229 -71.97 -5.40 -33.93
C GLY B 229 -71.37 -4.08 -33.48
N GLU B 230 -71.87 -3.01 -34.06
CA GLU B 230 -71.39 -1.66 -33.83
C GLU B 230 -71.38 -1.34 -32.32
N ASN B 231 -72.26 -1.93 -31.51
CA ASN B 231 -72.22 -1.65 -30.08
C ASN B 231 -70.92 -2.18 -29.49
N ARG B 232 -70.36 -3.25 -30.05
CA ARG B 232 -69.20 -3.89 -29.49
C ARG B 232 -67.96 -3.11 -29.89
N THR B 233 -67.85 -2.81 -31.18
CA THR B 233 -66.74 -2.10 -31.73
C THR B 233 -66.61 -0.72 -31.15
N MET B 234 -67.63 0.01 -30.75
CA MET B 234 -67.38 1.29 -30.11
C MET B 234 -66.86 1.14 -28.67
N THR B 235 -66.62 -0.10 -28.19
CA THR B 235 -66.10 -0.18 -26.81
C THR B 235 -64.67 -0.69 -26.82
N ILE B 236 -64.07 -0.90 -28.00
CA ILE B 236 -62.66 -1.22 -28.10
C ILE B 236 -61.78 -0.01 -27.79
N HIS B 237 -60.68 -0.20 -27.08
CA HIS B 237 -59.75 0.70 -26.52
C HIS B 237 -58.44 0.90 -27.34
N ASN B 238 -58.09 -0.17 -27.99
CA ASN B 238 -56.88 -0.07 -28.83
C ASN B 238 -56.95 1.01 -29.92
N GLY B 239 -55.83 1.68 -30.23
CA GLY B 239 -55.95 2.76 -31.25
C GLY B 239 -56.55 4.06 -30.73
N MET B 240 -57.09 4.13 -29.52
CA MET B 240 -57.66 5.35 -29.00
C MET B 240 -56.60 6.31 -28.41
N PHE B 241 -57.00 7.57 -28.31
CA PHE B 241 -56.33 8.60 -27.56
C PHE B 241 -56.85 8.69 -26.13
N PHE B 242 -56.00 9.33 -25.26
CA PHE B 242 -56.35 9.56 -23.87
C PHE B 242 -57.17 10.83 -23.74
N SER B 243 -58.20 10.88 -22.95
CA SER B 243 -59.11 11.90 -22.60
C SER B 243 -59.14 12.04 -21.04
N THR B 244 -59.34 13.25 -20.57
CA THR B 244 -59.57 13.70 -19.21
C THR B 244 -60.81 14.61 -19.23
N TYR B 245 -61.39 14.93 -18.10
CA TYR B 245 -62.64 15.72 -18.16
C TYR B 245 -62.45 17.15 -18.67
N ASP B 246 -61.25 17.70 -18.80
CA ASP B 246 -61.03 19.02 -19.38
C ASP B 246 -60.31 18.84 -20.73
N ARG B 247 -60.27 17.66 -21.34
CA ARG B 247 -59.60 17.42 -22.59
C ARG B 247 -60.21 16.21 -23.31
N ASP B 248 -61.16 16.58 -24.16
CA ASP B 248 -61.92 15.57 -24.89
C ASP B 248 -61.19 15.14 -26.12
N ASN B 249 -60.78 13.87 -26.15
CA ASN B 249 -60.11 13.30 -27.32
C ASN B 249 -60.81 11.94 -27.56
N ASP B 250 -62.05 11.81 -27.10
CA ASP B 250 -62.71 10.50 -27.29
C ASP B 250 -63.18 10.24 -28.71
N GLY B 251 -63.88 9.12 -28.89
CA GLY B 251 -64.37 8.48 -30.06
C GLY B 251 -65.83 8.81 -30.26
N TRP B 252 -66.36 9.70 -29.41
CA TRP B 252 -67.77 10.09 -29.48
C TRP B 252 -67.85 11.50 -30.09
N LEU B 253 -68.45 11.65 -31.27
CA LEU B 253 -68.54 12.98 -31.91
C LEU B 253 -69.87 13.66 -31.66
N THR B 254 -70.04 14.39 -30.56
CA THR B 254 -71.19 15.07 -30.07
C THR B 254 -70.99 16.59 -29.98
N SER B 255 -72.10 17.27 -29.70
CA SER B 255 -72.14 18.71 -29.61
C SER B 255 -72.39 19.15 -28.17
N ASP B 256 -73.19 18.34 -27.49
CA ASP B 256 -73.48 18.60 -26.09
C ASP B 256 -72.23 18.42 -25.25
N PRO B 257 -71.75 19.49 -24.61
CA PRO B 257 -70.56 19.48 -23.82
C PRO B 257 -70.59 18.41 -22.74
N ARG B 258 -71.82 18.13 -22.31
CA ARG B 258 -72.05 17.13 -21.28
C ARG B 258 -71.83 15.71 -21.81
N LYS B 259 -71.92 15.56 -23.13
CA LYS B 259 -71.67 14.24 -23.74
C LYS B 259 -70.22 13.99 -24.01
N GLN B 260 -69.50 13.62 -22.97
CA GLN B 260 -68.08 13.36 -22.94
C GLN B 260 -67.80 12.14 -22.06
N CYS B 261 -67.22 11.07 -22.64
CA CYS B 261 -66.98 9.84 -21.90
C CYS B 261 -66.23 10.14 -20.59
N SER B 262 -65.27 11.05 -20.63
CA SER B 262 -64.51 11.33 -19.42
C SER B 262 -65.29 12.07 -18.33
N LYS B 263 -66.29 12.86 -18.62
CA LYS B 263 -67.17 13.50 -17.63
C LYS B 263 -68.16 12.47 -17.05
N GLU B 264 -68.60 11.54 -17.88
CA GLU B 264 -69.44 10.46 -17.37
C GLU B 264 -68.38 9.35 -17.14
N ASP B 265 -68.53 8.43 -16.27
CA ASP B 265 -67.42 7.41 -16.25
C ASP B 265 -66.22 7.85 -15.44
N GLY B 266 -65.97 9.13 -15.12
CA GLY B 266 -65.13 9.52 -14.04
C GLY B 266 -63.66 9.37 -14.01
N GLY B 267 -62.93 9.02 -15.08
CA GLY B 267 -61.50 8.99 -14.92
C GLY B 267 -60.82 9.55 -16.20
N GLY B 268 -59.52 9.39 -16.20
CA GLY B 268 -58.75 9.65 -17.41
C GLY B 268 -58.43 8.24 -17.99
N TRP B 269 -58.74 8.09 -19.26
CA TRP B 269 -58.62 6.83 -19.95
C TRP B 269 -58.66 7.02 -21.46
N TRP B 270 -58.29 5.92 -22.12
CA TRP B 270 -58.36 5.76 -23.54
C TRP B 270 -59.78 5.33 -23.92
N TYR B 271 -60.72 6.25 -23.67
CA TYR B 271 -62.11 6.10 -24.03
C TYR B 271 -62.43 6.10 -25.52
N ASN B 272 -63.46 5.34 -25.91
CA ASN B 272 -63.98 5.18 -27.23
C ASN B 272 -65.50 5.20 -27.17
N ARG B 273 -66.29 6.19 -27.02
CA ARG B 273 -67.73 5.82 -26.96
C ARG B 273 -68.32 4.63 -26.26
N CYS B 274 -68.02 4.40 -25.01
CA CYS B 274 -66.99 4.90 -24.15
C CYS B 274 -66.00 3.78 -23.75
N HIS B 275 -66.48 2.66 -23.17
CA HIS B 275 -65.57 1.62 -22.75
C HIS B 275 -66.02 0.15 -22.56
N ALA B 276 -65.05 -0.76 -22.47
CA ALA B 276 -65.37 -2.13 -22.03
C ALA B 276 -64.68 -2.26 -20.65
N ALA B 277 -63.60 -1.51 -20.47
CA ALA B 277 -62.86 -1.50 -19.20
C ALA B 277 -62.69 -0.05 -18.68
N ASN B 278 -62.84 0.16 -17.39
CA ASN B 278 -62.74 1.49 -16.79
C ASN B 278 -61.82 1.44 -15.61
N PRO B 279 -60.56 1.07 -15.75
CA PRO B 279 -59.71 1.13 -14.57
C PRO B 279 -59.68 2.65 -14.43
N ASN B 280 -59.50 3.22 -13.29
CA ASN B 280 -59.46 4.73 -13.23
C ASN B 280 -60.85 5.21 -12.94
N GLY B 281 -61.78 4.26 -12.87
CA GLY B 281 -63.19 4.59 -12.51
C GLY B 281 -63.41 4.86 -11.05
N ARG B 282 -64.63 4.98 -10.55
CA ARG B 282 -64.95 5.33 -9.20
C ARG B 282 -64.96 4.05 -8.30
N TYR B 283 -64.39 4.15 -7.10
CA TYR B 283 -64.26 2.91 -6.27
C TYR B 283 -65.50 2.69 -5.42
N TYR B 284 -66.47 1.88 -5.79
CA TYR B 284 -67.67 1.64 -5.04
C TYR B 284 -67.37 0.53 -4.01
N TRP B 285 -67.71 0.75 -2.77
CA TRP B 285 -67.44 -0.15 -1.68
C TRP B 285 -68.38 -1.37 -1.73
N GLY B 286 -67.85 -2.60 -1.69
CA GLY B 286 -68.75 -3.78 -1.70
C GLY B 286 -69.02 -4.30 -3.09
N GLY B 287 -68.65 -3.62 -4.19
CA GLY B 287 -68.82 -4.18 -5.50
C GLY B 287 -70.03 -3.85 -6.34
N GLN B 288 -71.24 -4.07 -5.85
CA GLN B 288 -72.44 -3.79 -6.62
C GLN B 288 -72.86 -2.33 -6.65
N TYR B 289 -73.35 -1.87 -7.79
CA TYR B 289 -73.86 -0.47 -7.82
C TYR B 289 -74.86 -0.45 -8.95
N THR B 290 -75.70 0.58 -8.97
CA THR B 290 -76.76 0.76 -9.93
C THR B 290 -76.81 2.18 -10.48
N TRP B 291 -77.66 2.40 -11.48
CA TRP B 291 -77.78 3.61 -12.25
C TRP B 291 -78.18 4.76 -11.31
N ASP B 292 -78.99 4.43 -10.29
CA ASP B 292 -79.39 5.50 -9.38
C ASP B 292 -78.43 5.69 -8.18
N MET B 293 -77.21 5.21 -8.30
CA MET B 293 -76.09 5.39 -7.38
C MET B 293 -74.96 6.14 -8.04
N ALA B 294 -74.86 6.06 -9.35
CA ALA B 294 -73.90 6.60 -10.28
C ALA B 294 -74.21 8.06 -10.66
N LYS B 295 -73.27 8.95 -10.50
CA LYS B 295 -73.41 10.39 -10.66
C LYS B 295 -74.17 10.77 -11.90
N HIS B 296 -73.78 10.35 -13.07
CA HIS B 296 -74.43 10.59 -14.35
C HIS B 296 -75.27 9.43 -14.84
N GLY B 297 -75.61 8.45 -13.97
CA GLY B 297 -76.49 7.38 -14.47
C GLY B 297 -75.76 6.44 -15.43
N THR B 298 -74.41 6.45 -15.50
CA THR B 298 -73.74 5.46 -16.35
C THR B 298 -72.85 4.48 -15.57
N ASP B 299 -72.20 3.51 -16.23
CA ASP B 299 -71.36 2.52 -15.60
C ASP B 299 -69.93 3.03 -15.38
N ASP B 300 -69.84 3.75 -14.26
CA ASP B 300 -68.55 4.39 -13.93
C ASP B 300 -67.90 3.51 -12.91
N GLY B 301 -67.05 3.85 -11.97
CA GLY B 301 -66.88 2.44 -11.15
C GLY B 301 -65.83 1.60 -11.84
N VAL B 302 -65.00 0.92 -11.07
CA VAL B 302 -63.84 0.11 -11.59
C VAL B 302 -64.18 -1.22 -12.24
N VAL B 303 -64.52 -1.05 -13.54
CA VAL B 303 -65.10 -2.06 -14.39
C VAL B 303 -64.24 -2.85 -15.34
N TRP B 304 -64.61 -4.12 -15.53
CA TRP B 304 -63.96 -4.98 -16.57
C TRP B 304 -65.12 -5.77 -17.18
N MET B 305 -65.81 -5.23 -18.19
CA MET B 305 -67.10 -5.78 -18.60
C MET B 305 -67.03 -7.29 -18.93
N ASN B 306 -66.00 -7.79 -19.53
CA ASN B 306 -65.89 -9.16 -20.00
C ASN B 306 -65.85 -10.16 -18.83
N TRP B 307 -65.52 -9.73 -17.64
CA TRP B 307 -65.43 -10.60 -16.48
C TRP B 307 -66.75 -10.52 -15.70
N LYS B 308 -67.09 -9.35 -15.18
CA LYS B 308 -68.23 -9.08 -14.35
C LYS B 308 -69.29 -8.14 -14.82
N GLY B 309 -69.34 -7.73 -16.10
CA GLY B 309 -70.38 -6.84 -16.58
C GLY B 309 -70.08 -5.39 -16.18
N SER B 310 -71.06 -4.53 -16.46
CA SER B 310 -71.03 -3.12 -16.21
C SER B 310 -71.30 -2.60 -14.79
N TRP B 311 -72.09 -3.32 -14.01
CA TRP B 311 -72.53 -2.81 -12.73
C TRP B 311 -71.81 -3.43 -11.55
N TYR B 312 -70.52 -3.79 -11.68
CA TYR B 312 -69.75 -4.41 -10.63
C TYR B 312 -68.36 -3.75 -10.64
N SER B 313 -67.94 -3.25 -9.48
CA SER B 313 -66.69 -2.49 -9.42
C SER B 313 -65.67 -3.25 -8.58
N MET B 314 -64.47 -3.47 -9.13
CA MET B 314 -63.49 -4.34 -8.53
C MET B 314 -63.03 -3.92 -7.14
N ARG B 315 -62.51 -4.88 -6.36
CA ARG B 315 -61.88 -4.64 -5.10
C ARG B 315 -60.41 -4.24 -5.36
N LYS B 316 -59.82 -4.93 -6.31
CA LYS B 316 -58.47 -4.75 -6.70
C LYS B 316 -58.31 -4.69 -8.21
N MET B 317 -57.39 -3.80 -8.59
CA MET B 317 -57.21 -3.64 -10.07
C MET B 317 -55.82 -3.07 -10.25
N SER B 318 -54.93 -3.54 -11.13
CA SER B 318 -53.56 -3.06 -11.20
C SER B 318 -53.11 -3.22 -12.66
N MET B 319 -52.06 -2.51 -13.05
CA MET B 319 -51.52 -2.46 -14.36
C MET B 319 -50.00 -2.44 -14.27
N LYS B 320 -49.25 -3.27 -15.05
CA LYS B 320 -47.84 -3.28 -14.82
C LYS B 320 -47.09 -3.71 -16.05
N ILE B 321 -45.84 -3.33 -16.19
CA ILE B 321 -45.19 -3.56 -17.49
C ILE B 321 -43.76 -4.12 -17.29
N ARG B 322 -43.26 -4.76 -18.36
CA ARG B 322 -41.98 -5.37 -18.35
C ARG B 322 -41.32 -5.42 -19.72
N PRO B 323 -40.06 -5.10 -19.83
CA PRO B 323 -39.32 -5.25 -21.07
C PRO B 323 -39.51 -6.57 -21.79
N PHE B 324 -40.03 -7.73 -21.47
CA PHE B 324 -40.32 -8.76 -22.48
C PHE B 324 -39.17 -9.73 -22.78
N PHE B 325 -38.29 -9.42 -23.74
CA PHE B 325 -37.21 -10.41 -23.94
C PHE B 325 -37.74 -11.85 -24.05
N GLU C 10 -117.74 19.71 1.76
CA GLU C 10 -116.45 19.17 1.24
C GLU C 10 -115.56 20.27 0.70
N ALA C 11 -116.10 21.48 0.56
CA ALA C 11 -115.35 22.62 0.08
C ALA C 11 -114.62 23.25 1.27
N SER C 12 -114.18 22.34 2.13
CA SER C 12 -113.48 22.68 3.35
C SER C 12 -112.25 21.77 3.53
N ILE C 13 -112.49 20.49 3.32
CA ILE C 13 -111.46 19.45 3.39
C ILE C 13 -110.33 19.93 2.49
N LEU C 14 -110.69 20.74 1.51
CA LEU C 14 -109.76 21.42 0.63
C LEU C 14 -108.88 22.34 1.45
N THR C 15 -108.49 21.85 2.62
CA THR C 15 -107.56 22.54 3.53
C THR C 15 -106.15 22.14 3.12
N HIS C 16 -106.14 21.17 2.22
CA HIS C 16 -105.04 20.52 1.57
C HIS C 16 -104.24 21.49 0.73
N ASP C 17 -104.93 22.56 0.29
CA ASP C 17 -104.31 23.60 -0.52
C ASP C 17 -103.08 24.13 0.23
N SER C 18 -103.32 24.39 1.51
CA SER C 18 -102.27 24.90 2.38
C SER C 18 -101.26 23.82 2.70
N SER C 19 -101.68 22.63 3.11
CA SER C 19 -100.79 21.53 3.46
C SER C 19 -99.85 21.17 2.31
N ILE C 20 -100.38 21.17 1.09
CA ILE C 20 -99.65 20.93 -0.13
C ILE C 20 -98.62 22.01 -0.42
N ARG C 21 -98.91 23.25 -0.04
CA ARG C 21 -97.94 24.33 -0.22
C ARG C 21 -96.82 24.24 0.80
N TYR C 22 -97.03 23.53 1.90
CA TYR C 22 -96.06 23.26 2.93
C TYR C 22 -94.95 22.34 2.38
N LEU C 23 -95.41 21.27 1.76
CA LEU C 23 -94.62 20.22 1.17
C LEU C 23 -93.77 20.75 0.01
N GLN C 24 -94.35 21.64 -0.79
CA GLN C 24 -93.68 22.30 -1.88
C GLN C 24 -92.50 23.17 -1.40
N GLU C 25 -92.65 23.83 -0.26
CA GLU C 25 -91.59 24.60 0.32
C GLU C 25 -90.42 23.69 0.76
N ILE C 26 -90.62 22.58 1.46
CA ILE C 26 -89.46 21.80 1.86
C ILE C 26 -88.83 21.12 0.64
N TYR C 27 -89.64 20.76 -0.32
CA TYR C 27 -89.19 20.16 -1.57
C TYR C 27 -88.18 21.09 -2.28
N ASN C 28 -88.48 22.36 -2.35
CA ASN C 28 -87.65 23.43 -2.94
C ASN C 28 -86.45 23.83 -2.09
N SER C 29 -86.56 23.86 -0.76
CA SER C 29 -85.36 24.16 0.03
C SER C 29 -84.39 22.96 0.01
N ASN C 30 -84.96 21.75 0.05
CA ASN C 30 -84.15 20.55 -0.05
C ASN C 30 -83.34 20.59 -1.37
N ASN C 31 -83.96 20.99 -2.52
CA ASN C 31 -83.20 21.01 -3.77
C ASN C 31 -81.97 21.93 -3.76
N GLN C 32 -82.18 23.13 -3.22
CA GLN C 32 -81.09 24.12 -3.09
C GLN C 32 -80.01 23.64 -2.12
N LYS C 33 -80.48 23.03 -1.01
CA LYS C 33 -79.53 22.48 -0.01
C LYS C 33 -78.68 21.43 -0.68
N ILE C 34 -79.21 20.69 -1.64
CA ILE C 34 -78.41 19.69 -2.39
C ILE C 34 -77.37 20.36 -3.30
N VAL C 35 -77.89 21.42 -3.99
CA VAL C 35 -76.94 22.22 -4.81
C VAL C 35 -75.90 22.77 -3.86
N ASN C 36 -76.26 23.34 -2.70
CA ASN C 36 -75.18 23.86 -1.84
C ASN C 36 -74.14 22.82 -1.40
N LEU C 37 -74.63 21.61 -1.10
CA LEU C 37 -73.76 20.54 -0.58
C LEU C 37 -72.82 20.11 -1.69
N LYS C 38 -73.38 20.04 -2.92
CA LYS C 38 -72.40 19.71 -3.98
C LYS C 38 -71.35 20.80 -4.09
N GLU C 39 -71.61 22.08 -3.78
CA GLU C 39 -70.53 23.05 -3.84
C GLU C 39 -69.47 22.68 -2.78
N LYS C 40 -69.90 22.36 -1.60
CA LYS C 40 -68.99 22.05 -0.48
C LYS C 40 -68.15 20.79 -0.80
N VAL C 41 -68.71 19.82 -1.52
CA VAL C 41 -67.99 18.63 -1.86
C VAL C 41 -66.87 18.98 -2.85
N ALA C 42 -67.11 19.95 -3.75
CA ALA C 42 -66.05 20.36 -4.68
C ALA C 42 -64.87 21.02 -3.94
N GLN C 43 -65.11 21.74 -2.87
CA GLN C 43 -64.11 22.37 -2.02
C GLN C 43 -63.38 21.33 -1.18
N LEU C 44 -64.05 20.24 -0.70
CA LEU C 44 -63.23 19.21 -0.06
C LEU C 44 -62.28 18.60 -1.09
N GLU C 45 -62.68 18.35 -2.31
CA GLU C 45 -61.86 17.69 -3.33
C GLU C 45 -60.56 18.40 -3.60
N ALA C 46 -60.61 19.75 -3.63
CA ALA C 46 -59.46 20.60 -3.81
C ALA C 46 -58.49 20.44 -2.64
N GLN C 47 -58.89 20.05 -1.44
CA GLN C 47 -57.92 19.73 -0.40
C GLN C 47 -57.42 18.29 -0.42
N CYS C 48 -57.92 17.33 -1.13
CA CYS C 48 -57.51 15.93 -1.07
C CYS C 48 -56.70 15.50 -2.29
N GLN C 49 -55.89 16.34 -2.92
CA GLN C 49 -55.18 16.08 -4.14
C GLN C 49 -53.72 15.69 -4.00
N GLU C 50 -53.00 16.18 -3.00
CA GLU C 50 -51.62 15.84 -2.75
C GLU C 50 -51.43 14.45 -2.16
N PRO C 51 -50.29 13.83 -2.41
CA PRO C 51 -49.92 12.54 -1.88
C PRO C 51 -49.40 12.66 -0.46
N CYS C 52 -49.30 11.61 0.33
CA CYS C 52 -48.72 11.71 1.67
C CYS C 52 -47.30 12.28 1.52
N LYS C 53 -46.86 13.02 2.54
CA LYS C 53 -45.51 13.61 2.47
C LYS C 53 -44.48 12.59 2.90
N ASP C 54 -43.46 12.36 2.09
CA ASP C 54 -42.37 11.44 2.43
C ASP C 54 -41.31 12.17 3.28
N THR C 55 -40.95 11.65 4.41
CA THR C 55 -39.85 12.27 5.18
C THR C 55 -38.50 12.03 4.52
N VAL C 56 -38.30 10.96 3.70
CA VAL C 56 -36.98 10.83 3.12
C VAL C 56 -36.77 11.57 1.84
N GLN C 57 -35.61 12.23 1.80
CA GLN C 57 -35.19 13.05 0.69
C GLN C 57 -33.70 12.85 0.41
N ILE C 58 -33.32 13.07 -0.83
CA ILE C 58 -31.98 12.91 -1.34
C ILE C 58 -31.46 14.34 -1.65
N HIS C 59 -30.25 14.68 -1.26
CA HIS C 59 -29.62 15.95 -1.56
C HIS C 59 -29.28 16.05 -3.05
N ASP C 60 -29.26 17.25 -3.60
CA ASP C 60 -28.89 17.51 -4.98
C ASP C 60 -27.40 17.57 -5.29
N ILE C 61 -26.49 17.85 -4.36
CA ILE C 61 -25.09 17.94 -4.78
C ILE C 61 -24.61 16.58 -5.27
N THR C 62 -23.74 16.49 -6.24
CA THR C 62 -23.14 15.27 -6.74
C THR C 62 -21.63 15.42 -6.92
N GLY C 63 -20.93 14.33 -7.16
CA GLY C 63 -19.49 14.28 -7.32
C GLY C 63 -19.07 12.82 -7.44
N LYS C 64 -17.78 12.57 -7.52
CA LYS C 64 -17.20 11.25 -7.68
C LYS C 64 -17.26 10.35 -6.47
N ASP C 65 -17.29 10.86 -5.26
CA ASP C 65 -17.41 10.15 -4.02
C ASP C 65 -17.84 11.17 -2.95
N CYS C 66 -18.06 10.76 -1.74
CA CYS C 66 -18.48 11.61 -0.64
C CYS C 66 -17.40 12.65 -0.28
N GLN C 67 -16.10 12.34 -0.44
CA GLN C 67 -15.09 13.38 -0.18
C GLN C 67 -15.19 14.48 -1.23
N ASP C 68 -15.36 14.25 -2.52
CA ASP C 68 -15.54 15.25 -3.55
C ASP C 68 -16.78 16.09 -3.27
N ILE C 69 -17.83 15.51 -2.67
CA ILE C 69 -19.07 16.16 -2.35
C ILE C 69 -18.79 17.10 -1.16
N ALA C 70 -18.02 16.61 -0.20
CA ALA C 70 -17.67 17.34 0.99
C ALA C 70 -16.75 18.53 0.64
N ASN C 71 -16.00 18.47 -0.44
CA ASN C 71 -15.10 19.55 -0.82
C ASN C 71 -15.89 20.58 -1.63
N LYS C 72 -17.07 20.21 -2.12
CA LYS C 72 -17.80 21.17 -2.94
C LYS C 72 -18.69 21.99 -2.01
N GLY C 73 -18.65 21.67 -0.70
CA GLY C 73 -19.49 22.40 0.22
C GLY C 73 -20.55 21.66 1.01
N ALA C 74 -20.95 20.42 0.73
CA ALA C 74 -21.98 19.77 1.52
C ALA C 74 -21.60 19.66 3.00
N LYS C 75 -22.53 19.97 3.90
CA LYS C 75 -22.23 19.87 5.32
C LYS C 75 -22.95 18.71 5.99
N GLN C 76 -24.11 18.34 5.45
CA GLN C 76 -24.91 17.30 6.09
C GLN C 76 -24.70 15.88 5.60
N SER C 77 -24.63 15.01 6.57
CA SER C 77 -24.70 13.57 6.45
C SER C 77 -26.03 13.20 5.81
N GLY C 78 -26.10 12.15 5.02
CA GLY C 78 -27.32 11.73 4.36
C GLY C 78 -27.14 11.10 2.96
N LEU C 79 -28.22 11.10 2.20
CA LEU C 79 -28.28 10.51 0.88
C LEU C 79 -27.86 11.46 -0.25
N TYR C 80 -26.95 11.02 -1.10
CA TYR C 80 -26.50 11.71 -2.28
C TYR C 80 -26.17 10.75 -3.44
N PHE C 81 -26.27 11.25 -4.69
CA PHE C 81 -25.78 10.47 -5.81
C PHE C 81 -24.27 10.65 -6.05
N ILE C 82 -23.53 9.61 -6.40
CA ILE C 82 -22.11 9.81 -6.72
C ILE C 82 -21.88 9.19 -8.09
N LYS C 83 -20.78 9.52 -8.75
CA LYS C 83 -20.48 8.85 -9.99
C LYS C 83 -18.97 8.85 -10.22
N PRO C 84 -18.29 7.77 -9.86
CA PRO C 84 -16.83 7.64 -10.08
C PRO C 84 -16.43 7.69 -11.53
N LEU C 85 -15.20 8.00 -11.94
CA LEU C 85 -14.81 8.09 -13.36
C LEU C 85 -15.30 6.96 -14.27
N LYS C 86 -14.78 5.77 -13.97
CA LYS C 86 -15.04 4.58 -14.74
C LYS C 86 -16.46 4.07 -14.59
N ALA C 87 -17.33 4.63 -13.77
CA ALA C 87 -18.67 4.09 -13.59
C ALA C 87 -19.59 4.45 -14.75
N ASN C 88 -20.46 3.53 -15.13
CA ASN C 88 -21.37 3.77 -16.24
C ASN C 88 -22.55 4.65 -15.83
N GLN C 89 -23.12 4.42 -14.66
CA GLN C 89 -24.31 5.13 -14.21
C GLN C 89 -24.02 5.61 -12.79
N GLN C 90 -24.70 6.69 -12.39
CA GLN C 90 -24.57 7.21 -11.05
C GLN C 90 -25.40 6.26 -10.14
N PHE C 91 -25.06 6.29 -8.82
CA PHE C 91 -25.71 5.43 -7.86
C PHE C 91 -25.78 6.13 -6.51
N LEU C 92 -26.78 5.78 -5.71
CA LEU C 92 -27.06 6.34 -4.40
C LEU C 92 -26.20 5.76 -3.29
N VAL C 93 -25.72 6.61 -2.39
CA VAL C 93 -24.92 6.24 -1.25
C VAL C 93 -25.34 7.12 -0.08
N TYR C 94 -24.89 6.65 1.09
CA TYR C 94 -24.99 7.38 2.32
C TYR C 94 -23.62 8.04 2.63
N CYS C 95 -23.58 9.35 2.73
CA CYS C 95 -22.30 10.03 3.02
C CYS C 95 -22.23 10.43 4.51
N GLU C 96 -21.12 10.12 5.16
CA GLU C 96 -20.98 10.56 6.56
C GLU C 96 -20.07 11.80 6.59
N ILE C 97 -20.63 12.96 6.85
CA ILE C 97 -19.78 14.17 6.81
C ILE C 97 -19.46 14.70 8.21
N ASP C 98 -18.20 15.08 8.46
CA ASP C 98 -17.86 15.67 9.76
C ASP C 98 -17.66 17.18 9.71
N GLY C 99 -17.55 17.82 10.87
CA GLY C 99 -17.24 19.25 10.93
C GLY C 99 -15.87 19.55 10.31
N SER C 100 -14.96 18.57 10.33
CA SER C 100 -13.64 18.83 9.74
C SER C 100 -13.60 18.62 8.24
N GLY C 101 -14.74 18.66 7.55
CA GLY C 101 -14.72 18.56 6.10
C GLY C 101 -14.36 17.22 5.47
N ASN C 102 -14.17 16.18 6.28
CA ASN C 102 -13.91 14.83 5.82
C ASN C 102 -15.25 14.18 5.38
N GLY C 103 -15.26 13.64 4.15
CA GLY C 103 -16.50 12.97 3.63
C GLY C 103 -16.27 11.47 3.51
N TRP C 104 -16.87 10.64 4.35
CA TRP C 104 -16.74 9.20 4.34
C TRP C 104 -17.90 8.57 3.55
N THR C 105 -17.61 7.64 2.66
CA THR C 105 -18.63 6.92 1.94
C THR C 105 -18.77 5.54 2.62
N VAL C 106 -19.99 5.34 3.15
CA VAL C 106 -20.29 4.15 3.95
C VAL C 106 -20.70 2.96 3.08
N PHE C 107 -20.13 1.78 3.22
CA PHE C 107 -20.53 0.66 2.39
C PHE C 107 -21.13 -0.53 3.16
N GLN C 108 -21.10 -0.53 4.47
CA GLN C 108 -21.63 -1.62 5.28
C GLN C 108 -22.11 -1.06 6.62
N LYS C 109 -23.29 -1.54 7.02
CA LYS C 109 -23.91 -1.19 8.29
C LYS C 109 -24.71 -2.32 8.92
N ARG C 110 -24.40 -2.64 10.20
CA ARG C 110 -25.17 -3.62 10.93
C ARG C 110 -25.67 -2.88 12.18
N LEU C 111 -26.94 -2.99 12.60
CA LEU C 111 -27.31 -2.27 13.81
C LEU C 111 -28.47 -2.92 14.56
N ASP C 112 -29.31 -3.75 13.93
CA ASP C 112 -30.39 -4.37 14.68
C ASP C 112 -30.74 -5.77 14.21
N GLY C 113 -30.09 -6.36 13.22
CA GLY C 113 -30.49 -7.65 12.70
C GLY C 113 -31.71 -7.65 11.80
N SER C 114 -32.28 -6.53 11.38
CA SER C 114 -33.44 -6.59 10.48
C SER C 114 -33.11 -7.19 9.10
N VAL C 115 -31.92 -6.98 8.53
CA VAL C 115 -31.65 -7.56 7.21
C VAL C 115 -30.95 -8.88 7.27
N ASP C 116 -31.27 -9.81 6.38
CA ASP C 116 -30.60 -11.11 6.26
C ASP C 116 -29.37 -11.04 5.36
N PHE C 117 -28.15 -11.35 5.76
CA PHE C 117 -26.90 -11.21 5.09
C PHE C 117 -26.46 -12.53 4.42
N LYS C 118 -27.37 -13.51 4.38
CA LYS C 118 -27.06 -14.72 3.66
C LYS C 118 -27.60 -14.53 2.24
N LYS C 119 -26.83 -13.89 1.39
CA LYS C 119 -27.24 -13.52 0.04
C LYS C 119 -26.36 -14.20 -0.99
N ASN C 120 -26.68 -14.16 -2.25
CA ASN C 120 -25.93 -14.82 -3.31
C ASN C 120 -24.91 -13.90 -3.95
N TRP C 121 -24.17 -14.35 -4.93
CA TRP C 121 -23.08 -13.65 -5.57
C TRP C 121 -23.56 -12.32 -6.19
N ILE C 122 -24.66 -12.32 -6.87
CA ILE C 122 -25.24 -11.17 -7.54
C ILE C 122 -25.74 -10.15 -6.54
N GLN C 123 -26.29 -10.58 -5.42
CA GLN C 123 -26.79 -9.62 -4.41
C GLN C 123 -25.60 -9.03 -3.67
N TYR C 124 -24.51 -9.80 -3.52
CA TYR C 124 -23.35 -9.11 -2.92
C TYR C 124 -22.68 -8.18 -3.96
N LYS C 125 -22.80 -8.46 -5.24
CA LYS C 125 -22.19 -7.60 -6.26
C LYS C 125 -22.91 -6.22 -6.36
N GLU C 126 -24.20 -6.24 -6.52
CA GLU C 126 -25.09 -5.12 -6.72
C GLU C 126 -25.52 -4.39 -5.44
N GLY C 127 -25.64 -5.09 -4.28
CA GLY C 127 -26.06 -4.37 -3.06
C GLY C 127 -27.44 -4.82 -2.57
N PHE C 128 -27.68 -4.75 -1.25
CA PHE C 128 -28.96 -5.18 -0.67
C PHE C 128 -29.21 -4.36 0.57
N GLY C 129 -30.33 -4.51 1.29
CA GLY C 129 -30.58 -3.59 2.41
C GLY C 129 -31.15 -2.23 2.00
N HIS C 130 -31.31 -1.29 2.90
CA HIS C 130 -31.84 0.05 2.65
C HIS C 130 -30.99 1.23 3.07
N LEU C 131 -31.05 2.31 2.34
CA LEU C 131 -30.40 3.57 2.66
C LEU C 131 -31.33 4.57 3.35
N SER C 132 -30.79 5.26 4.36
CA SER C 132 -31.60 6.27 5.08
C SER C 132 -30.83 7.53 5.43
N PRO C 133 -31.53 8.66 5.39
CA PRO C 133 -30.93 9.97 5.69
C PRO C 133 -30.40 10.04 7.13
N THR C 134 -30.88 9.28 8.07
CA THR C 134 -30.47 9.21 9.45
C THR C 134 -29.42 8.15 9.74
N GLY C 135 -29.04 7.34 8.75
CA GLY C 135 -28.01 6.34 9.00
C GLY C 135 -28.53 5.26 9.96
N THR C 136 -29.83 4.95 9.95
CA THR C 136 -30.37 4.01 10.91
C THR C 136 -30.90 2.70 10.32
N THR C 137 -30.22 2.29 9.28
CA THR C 137 -30.64 1.11 8.52
C THR C 137 -29.53 0.18 8.15
N GLU C 138 -29.79 -1.11 7.99
CA GLU C 138 -28.76 -2.08 7.62
C GLU C 138 -28.60 -2.21 6.10
N PHE C 139 -27.36 -2.34 5.56
CA PHE C 139 -27.21 -2.52 4.14
C PHE C 139 -25.82 -3.02 3.83
N TRP C 140 -25.60 -3.37 2.57
CA TRP C 140 -24.34 -3.74 1.94
C TRP C 140 -24.33 -2.92 0.61
N LEU C 141 -23.38 -2.05 0.33
CA LEU C 141 -23.41 -1.20 -0.82
C LEU C 141 -23.27 -1.92 -2.18
N GLY C 142 -22.46 -2.96 -2.17
CA GLY C 142 -22.26 -3.72 -3.42
C GLY C 142 -20.81 -3.78 -3.85
N ASN C 143 -20.35 -5.00 -4.09
CA ASN C 143 -18.92 -5.12 -4.47
C ASN C 143 -18.58 -4.33 -5.75
N GLU C 144 -19.49 -4.22 -6.72
CA GLU C 144 -19.10 -3.48 -7.92
C GLU C 144 -18.81 -2.01 -7.58
N LYS C 145 -19.63 -1.42 -6.76
CA LYS C 145 -19.51 -0.05 -6.28
C LYS C 145 -18.28 0.23 -5.42
N ILE C 146 -17.94 -0.68 -4.52
CA ILE C 146 -16.78 -0.57 -3.63
C ILE C 146 -15.50 -0.63 -4.47
N HIS C 147 -15.53 -1.56 -5.45
CA HIS C 147 -14.47 -1.57 -6.46
C HIS C 147 -14.30 -0.26 -7.24
N LEU C 148 -15.36 0.38 -7.72
CA LEU C 148 -15.25 1.60 -8.51
C LEU C 148 -14.76 2.79 -7.69
N ILE C 149 -15.21 3.02 -6.47
CA ILE C 149 -14.78 4.06 -5.60
C ILE C 149 -13.34 3.86 -5.12
N SER C 150 -12.89 2.66 -4.71
CA SER C 150 -11.57 2.44 -4.18
C SER C 150 -10.47 2.30 -5.23
N THR C 151 -10.68 2.20 -6.53
CA THR C 151 -9.67 2.12 -7.56
C THR C 151 -9.76 3.24 -8.59
N GLN C 152 -10.37 4.38 -8.37
CA GLN C 152 -10.37 5.48 -9.33
C GLN C 152 -8.91 5.98 -9.42
N SER C 153 -8.51 6.41 -10.59
CA SER C 153 -7.14 6.82 -10.89
C SER C 153 -6.07 6.81 -9.81
N ALA C 154 -5.71 5.66 -9.24
CA ALA C 154 -4.58 5.57 -8.34
C ALA C 154 -4.43 6.62 -7.24
N ILE C 155 -5.45 6.71 -6.42
CA ILE C 155 -5.63 7.62 -5.28
C ILE C 155 -5.74 6.77 -4.04
N PRO C 156 -4.71 6.65 -3.24
CA PRO C 156 -4.69 5.74 -2.09
C PRO C 156 -5.92 5.98 -1.24
N TYR C 157 -6.60 4.90 -0.88
CA TYR C 157 -7.84 5.01 -0.12
C TYR C 157 -7.64 4.35 1.24
N ALA C 158 -8.39 4.75 2.24
CA ALA C 158 -8.35 4.13 3.56
C ALA C 158 -9.73 3.51 3.93
N LEU C 159 -9.72 2.40 4.65
CA LEU C 159 -10.88 1.75 5.24
C LEU C 159 -10.91 1.95 6.76
N ARG C 160 -12.06 2.23 7.33
CA ARG C 160 -12.24 2.34 8.77
C ARG C 160 -13.42 1.44 9.16
N VAL C 161 -13.22 0.49 10.03
CA VAL C 161 -14.17 -0.38 10.62
C VAL C 161 -14.54 0.13 12.03
N GLU C 162 -15.80 0.23 12.37
CA GLU C 162 -16.23 0.77 13.67
C GLU C 162 -17.11 -0.27 14.36
N LEU C 163 -16.64 -0.67 15.54
CA LEU C 163 -17.44 -1.67 16.25
C LEU C 163 -18.06 -1.03 17.50
N GLU C 164 -19.09 -1.75 17.94
CA GLU C 164 -19.88 -1.42 19.08
C GLU C 164 -20.37 -2.71 19.74
N ASP C 165 -20.24 -2.74 21.09
CA ASP C 165 -20.69 -3.98 21.76
C ASP C 165 -22.00 -3.77 22.52
N TRP C 166 -22.49 -4.88 23.10
CA TRP C 166 -23.74 -4.81 23.85
C TRP C 166 -23.63 -4.02 25.13
N ASN C 167 -22.63 -3.15 25.36
CA ASN C 167 -22.56 -2.26 26.51
C ASN C 167 -22.30 -0.81 26.13
N GLY C 168 -22.44 -0.40 24.87
CA GLY C 168 -22.22 1.01 24.52
C GLY C 168 -20.75 1.30 24.22
N ARG C 169 -19.91 0.30 24.45
CA ARG C 169 -18.50 0.41 24.15
C ARG C 169 -18.14 0.22 22.67
N THR C 170 -17.40 1.19 22.14
CA THR C 170 -16.95 1.22 20.77
C THR C 170 -15.46 1.11 20.54
N SER C 171 -15.02 0.50 19.44
CA SER C 171 -13.64 0.39 19.02
C SER C 171 -13.52 0.48 17.49
N THR C 172 -12.38 0.90 16.96
CA THR C 172 -12.07 1.06 15.56
C THR C 172 -10.75 0.44 15.10
N ALA C 173 -10.61 0.27 13.79
CA ALA C 173 -9.54 -0.43 13.11
C ALA C 173 -9.38 0.11 11.69
N ASP C 174 -8.19 0.65 11.39
CA ASP C 174 -7.91 1.30 10.15
C ASP C 174 -6.98 0.54 9.22
N TYR C 175 -7.25 0.65 7.91
CA TYR C 175 -6.38 -0.04 6.98
C TYR C 175 -5.99 0.89 5.83
N ALA C 176 -4.70 0.98 5.54
CA ALA C 176 -4.25 1.95 4.52
C ALA C 176 -4.12 1.38 3.12
N MET C 177 -4.39 2.18 2.09
CA MET C 177 -4.26 1.69 0.71
C MET C 177 -5.23 0.52 0.45
N PHE C 178 -6.44 0.62 0.96
CA PHE C 178 -7.50 -0.35 0.74
C PHE C 178 -7.97 -0.32 -0.71
N LYS C 179 -8.17 -1.50 -1.21
CA LYS C 179 -8.73 -1.69 -2.57
C LYS C 179 -9.54 -3.00 -2.64
N VAL C 180 -10.60 -2.98 -3.47
CA VAL C 180 -11.36 -4.18 -3.78
C VAL C 180 -11.07 -4.37 -5.27
N GLY C 181 -10.75 -5.64 -5.68
CA GLY C 181 -10.38 -5.85 -7.08
C GLY C 181 -11.56 -5.97 -8.02
N PRO C 182 -11.35 -6.10 -9.34
CA PRO C 182 -12.37 -6.30 -10.33
C PRO C 182 -13.15 -7.62 -10.18
N GLU C 183 -14.32 -7.69 -10.82
CA GLU C 183 -15.14 -8.88 -10.85
C GLU C 183 -14.33 -10.07 -11.43
N ALA C 184 -13.52 -9.83 -12.46
CA ALA C 184 -12.67 -10.91 -12.96
C ALA C 184 -11.71 -11.40 -11.89
N ASP C 185 -11.28 -10.64 -10.90
CA ASP C 185 -10.43 -11.21 -9.83
C ASP C 185 -11.34 -11.56 -8.64
N LYS C 186 -12.61 -11.81 -8.95
CA LYS C 186 -13.62 -12.04 -7.93
C LYS C 186 -13.55 -10.76 -7.13
N TYR C 187 -13.67 -10.56 -5.90
CA TYR C 187 -13.54 -8.97 -5.71
C TYR C 187 -12.47 -8.95 -4.66
N ARG C 188 -11.25 -9.38 -5.02
CA ARG C 188 -10.24 -9.61 -4.00
C ARG C 188 -10.04 -8.35 -3.17
N LEU C 189 -9.91 -8.59 -1.87
CA LEU C 189 -9.54 -7.55 -0.93
C LEU C 189 -8.02 -7.41 -0.82
N THR C 190 -7.52 -6.19 -0.94
CA THR C 190 -6.11 -5.90 -0.74
C THR C 190 -5.95 -4.57 0.05
N TYR C 191 -4.96 -4.58 0.94
CA TYR C 191 -4.53 -3.39 1.68
C TYR C 191 -3.01 -3.51 1.93
N ALA C 192 -2.27 -2.46 2.05
CA ALA C 192 -0.87 -2.41 2.43
C ALA C 192 -0.59 -2.68 3.91
N TYR C 193 -1.15 -1.85 4.81
CA TYR C 193 -0.93 -2.03 6.24
C TYR C 193 -2.08 -1.67 7.20
N PHE C 194 -2.14 -2.31 8.36
CA PHE C 194 -3.01 -2.02 9.49
C PHE C 194 -2.53 -0.69 10.06
N ALA C 195 -3.31 0.37 10.05
CA ALA C 195 -2.90 1.69 10.45
C ALA C 195 -3.30 2.10 11.87
N GLY C 196 -3.51 1.22 12.82
CA GLY C 196 -3.86 1.52 14.18
C GLY C 196 -5.29 1.25 14.60
N GLY C 197 -5.63 1.39 15.87
CA GLY C 197 -6.92 1.30 16.46
C GLY C 197 -7.15 0.28 17.52
N ASP C 198 -7.90 0.65 18.54
CA ASP C 198 -8.21 -0.16 19.70
C ASP C 198 -8.80 -1.54 19.43
N ALA C 199 -9.46 -1.73 18.29
CA ALA C 199 -10.07 -3.02 17.96
C ALA C 199 -9.03 -4.05 17.51
N GLY C 200 -7.83 -3.55 17.16
CA GLY C 200 -6.80 -4.47 16.69
C GLY C 200 -7.12 -4.98 15.30
N ASP C 201 -6.16 -5.68 14.73
CA ASP C 201 -6.01 -6.21 13.40
C ASP C 201 -6.44 -7.63 13.18
N ALA C 202 -7.75 -7.90 13.15
CA ALA C 202 -8.22 -9.23 12.83
C ALA C 202 -7.93 -9.46 11.34
N PHE C 203 -7.73 -8.45 10.50
CA PHE C 203 -7.42 -8.85 9.10
C PHE C 203 -6.10 -9.60 8.94
N ASP C 204 -5.23 -9.43 9.94
CA ASP C 204 -3.92 -10.06 9.92
C ASP C 204 -4.05 -11.52 10.31
N GLY C 205 -5.25 -11.93 10.78
CA GLY C 205 -5.39 -13.34 11.19
C GLY C 205 -5.26 -13.44 12.72
N PHE C 206 -5.67 -14.57 13.29
CA PHE C 206 -5.59 -14.69 14.75
C PHE C 206 -5.20 -16.10 15.18
N ASP C 207 -4.48 -16.26 16.29
CA ASP C 207 -4.16 -17.62 16.72
C ASP C 207 -5.14 -18.19 17.76
N PHE C 208 -6.27 -18.68 17.27
CA PHE C 208 -7.36 -19.22 18.06
C PHE C 208 -6.94 -20.41 18.92
N GLY C 209 -5.75 -20.90 18.65
CA GLY C 209 -5.10 -22.02 19.26
C GLY C 209 -5.59 -23.41 18.89
N ASP C 210 -6.66 -23.58 18.12
CA ASP C 210 -7.10 -24.96 17.89
C ASP C 210 -6.02 -25.64 17.06
N ASP C 211 -5.12 -24.85 16.51
CA ASP C 211 -4.05 -25.43 15.69
C ASP C 211 -3.00 -24.35 15.42
N PRO C 212 -1.78 -24.79 15.18
CA PRO C 212 -0.65 -23.91 14.94
C PRO C 212 -0.76 -23.14 13.63
N SER C 213 -1.53 -23.70 12.69
CA SER C 213 -1.77 -23.05 11.41
C SER C 213 -2.94 -22.06 11.45
N ASP C 214 -3.66 -21.90 12.55
CA ASP C 214 -4.80 -21.01 12.62
C ASP C 214 -4.53 -19.59 12.14
N LYS C 215 -3.48 -18.93 12.61
CA LYS C 215 -3.30 -17.54 12.20
C LYS C 215 -3.20 -17.40 10.68
N PHE C 216 -2.48 -18.34 10.05
CA PHE C 216 -2.22 -18.21 8.61
C PHE C 216 -3.48 -18.43 7.78
N PHE C 217 -4.34 -19.33 8.19
CA PHE C 217 -5.56 -19.69 7.54
C PHE C 217 -6.74 -18.76 7.87
N THR C 218 -6.57 -17.81 8.75
CA THR C 218 -7.64 -16.89 9.10
C THR C 218 -7.25 -15.45 8.78
N SER C 219 -6.22 -15.22 7.97
CA SER C 219 -5.94 -13.82 7.57
C SER C 219 -6.76 -13.47 6.29
N HIS C 220 -7.00 -12.17 6.09
CA HIS C 220 -7.89 -11.74 5.03
C HIS C 220 -7.18 -11.06 3.88
N ASN C 221 -5.96 -10.53 4.01
CA ASN C 221 -5.31 -9.82 2.90
C ASN C 221 -5.09 -10.72 1.70
N GLY C 222 -5.56 -10.35 0.51
CA GLY C 222 -5.36 -11.11 -0.69
C GLY C 222 -6.35 -12.24 -0.93
N MET C 223 -7.39 -12.33 -0.11
CA MET C 223 -8.48 -13.28 -0.27
C MET C 223 -9.58 -12.76 -1.21
N GLN C 224 -10.00 -13.66 -2.09
CA GLN C 224 -11.11 -13.47 -3.00
C GLN C 224 -12.45 -13.45 -2.20
N PHE C 225 -13.44 -12.75 -2.75
CA PHE C 225 -14.76 -12.74 -2.14
C PHE C 225 -15.46 -14.08 -2.41
N SER C 226 -16.26 -14.57 -1.50
CA SER C 226 -17.03 -15.80 -1.61
C SER C 226 -18.46 -15.63 -1.04
N THR C 227 -19.42 -16.37 -1.55
CA THR C 227 -20.80 -16.48 -1.23
C THR C 227 -21.22 -17.97 -1.40
N TRP C 228 -22.33 -18.47 -0.87
CA TRP C 228 -22.60 -19.92 -0.94
C TRP C 228 -22.60 -20.50 -2.35
N ASP C 229 -22.97 -19.72 -3.36
CA ASP C 229 -23.00 -20.08 -4.76
C ASP C 229 -21.83 -19.66 -5.62
N ASN C 230 -20.72 -19.23 -5.03
CA ASN C 230 -19.49 -18.81 -5.64
C ASN C 230 -18.37 -18.85 -4.58
N ASP C 231 -17.83 -20.06 -4.43
CA ASP C 231 -16.77 -20.37 -3.49
C ASP C 231 -15.39 -20.07 -4.07
N ASN C 232 -14.62 -19.22 -3.42
CA ASN C 232 -13.23 -18.94 -3.87
C ASN C 232 -12.34 -18.89 -2.62
N ASP C 233 -12.72 -19.73 -1.62
CA ASP C 233 -11.98 -19.70 -0.33
C ASP C 233 -10.79 -20.64 -0.42
N LYS C 234 -9.91 -20.73 0.58
CA LYS C 234 -8.79 -21.66 0.55
C LYS C 234 -9.16 -22.98 1.25
N PHE C 235 -10.45 -23.27 1.38
CA PHE C 235 -10.90 -24.43 2.12
C PHE C 235 -11.39 -25.51 1.18
N GLU C 236 -11.33 -26.74 1.62
CA GLU C 236 -11.80 -27.89 0.83
C GLU C 236 -13.32 -27.89 0.72
N GLY C 237 -14.01 -27.48 1.78
CA GLY C 237 -15.44 -27.26 1.75
C GLY C 237 -15.70 -25.78 1.33
N ASN C 238 -16.88 -25.31 1.73
CA ASN C 238 -17.42 -24.00 1.42
C ASN C 238 -17.64 -23.19 2.70
N CYS C 239 -16.70 -22.30 3.02
CA CYS C 239 -16.84 -21.42 4.17
C CYS C 239 -18.11 -20.56 4.09
N ALA C 240 -18.33 -19.91 2.93
CA ALA C 240 -19.50 -19.03 2.81
C ALA C 240 -20.79 -19.82 3.04
N GLU C 241 -21.00 -20.96 2.45
CA GLU C 241 -22.24 -21.74 2.73
C GLU C 241 -22.34 -22.22 4.15
N GLN C 242 -21.26 -22.66 4.80
CA GLN C 242 -21.33 -23.03 6.22
C GLN C 242 -21.62 -21.85 7.15
N ASP C 243 -20.97 -20.68 7.08
CA ASP C 243 -21.19 -19.64 8.08
C ASP C 243 -22.38 -18.72 7.81
N GLY C 244 -23.01 -18.95 6.66
CA GLY C 244 -24.20 -18.24 6.21
C GLY C 244 -24.03 -16.78 5.81
N SER C 245 -22.93 -16.40 5.16
CA SER C 245 -22.71 -15.04 4.71
C SER C 245 -21.93 -14.85 3.41
N GLY C 246 -21.60 -13.56 3.19
CA GLY C 246 -20.82 -13.17 2.00
C GLY C 246 -19.54 -12.55 2.54
N TRP C 247 -18.32 -13.01 2.21
CA TRP C 247 -17.14 -12.39 2.80
C TRP C 247 -15.82 -12.82 2.15
N TRP C 248 -14.71 -12.17 2.54
CA TRP C 248 -13.38 -12.49 1.99
C TRP C 248 -12.79 -13.64 2.77
N MET C 249 -13.20 -14.87 2.54
CA MET C 249 -12.85 -16.06 3.28
C MET C 249 -11.52 -16.73 2.93
N ASN C 250 -10.91 -17.36 3.96
CA ASN C 250 -9.59 -18.03 3.78
C ASN C 250 -9.85 -19.48 4.18
N LYS C 251 -9.73 -19.81 5.46
CA LYS C 251 -10.19 -21.06 5.99
C LYS C 251 -10.45 -20.88 7.47
N CYS C 252 -11.41 -20.06 7.84
CA CYS C 252 -12.32 -19.30 7.04
C CYS C 252 -12.15 -17.83 7.46
N HIS C 253 -12.07 -17.46 8.74
CA HIS C 253 -11.93 -16.03 9.04
C HIS C 253 -11.51 -15.74 10.48
N ALA C 254 -11.17 -14.50 10.78
CA ALA C 254 -10.86 -14.07 12.14
C ALA C 254 -11.60 -12.74 12.34
N GLY C 255 -12.13 -12.23 11.24
CA GLY C 255 -12.92 -10.97 11.29
C GLY C 255 -14.17 -11.26 10.44
N HIS C 256 -15.40 -10.95 10.84
CA HIS C 256 -16.56 -11.46 10.06
C HIS C 256 -17.79 -10.62 10.24
N LEU C 257 -17.76 -9.41 9.65
CA LEU C 257 -18.83 -8.46 9.93
C LEU C 257 -20.13 -8.80 9.18
N ASN C 258 -20.13 -9.67 8.17
CA ASN C 258 -21.40 -9.88 7.47
C ASN C 258 -22.01 -11.12 8.11
N GLY C 259 -21.57 -11.47 9.34
CA GLY C 259 -22.12 -12.67 9.96
C GLY C 259 -23.53 -12.61 10.55
N VAL C 260 -23.87 -13.69 11.28
CA VAL C 260 -25.20 -13.80 11.85
C VAL C 260 -25.39 -12.93 13.07
N TYR C 261 -26.49 -12.20 13.10
CA TYR C 261 -26.85 -11.32 14.18
C TYR C 261 -27.42 -11.99 15.45
N TYR C 262 -26.58 -12.32 16.45
CA TYR C 262 -27.05 -12.77 17.76
C TYR C 262 -27.46 -11.69 18.73
N GLN C 263 -28.66 -11.81 19.28
CA GLN C 263 -29.14 -10.80 20.25
C GLN C 263 -28.37 -10.99 21.54
N GLY C 264 -27.90 -9.98 22.24
CA GLY C 264 -27.13 -10.21 23.46
C GLY C 264 -25.63 -10.36 23.40
N GLY C 265 -25.01 -10.51 22.22
CA GLY C 265 -23.56 -10.57 22.09
C GLY C 265 -23.02 -11.98 22.12
N THR C 266 -23.08 -12.57 23.31
CA THR C 266 -22.68 -13.93 23.66
C THR C 266 -23.54 -15.00 23.03
N TYR C 267 -22.94 -16.05 22.52
CA TYR C 267 -23.65 -17.14 21.86
C TYR C 267 -22.70 -18.34 21.94
N SER C 268 -23.16 -19.52 21.61
CA SER C 268 -22.35 -20.70 21.80
C SER C 268 -22.55 -21.70 20.67
N LYS C 269 -21.62 -22.65 20.63
CA LYS C 269 -21.66 -23.67 19.59
C LYS C 269 -23.03 -24.24 19.31
N ALA C 270 -23.84 -24.43 20.34
CA ALA C 270 -25.21 -24.95 20.19
C ALA C 270 -26.09 -24.01 19.39
N SER C 271 -26.04 -22.71 19.64
CA SER C 271 -26.80 -21.78 18.81
C SER C 271 -26.49 -21.89 17.32
N THR C 272 -25.34 -22.35 16.90
CA THR C 272 -24.93 -22.45 15.50
C THR C 272 -25.46 -23.68 14.80
N PRO C 273 -25.65 -23.63 13.50
CA PRO C 273 -26.21 -24.71 12.72
C PRO C 273 -25.25 -25.81 12.28
N ASN C 274 -23.96 -25.64 12.51
CA ASN C 274 -22.95 -26.58 12.07
C ASN C 274 -21.78 -26.63 13.05
N GLY C 275 -21.89 -25.89 14.16
CA GLY C 275 -20.84 -25.94 15.15
C GLY C 275 -19.64 -25.04 14.89
N TYR C 276 -19.73 -24.09 13.95
CA TYR C 276 -18.61 -23.16 13.75
C TYR C 276 -18.99 -21.77 14.26
N ASP C 277 -18.05 -20.91 14.59
CA ASP C 277 -18.50 -19.58 14.99
C ASP C 277 -18.82 -18.86 13.64
N ASN C 278 -20.04 -18.38 13.51
CA ASN C 278 -20.51 -17.71 12.33
C ASN C 278 -21.17 -16.38 12.67
N GLY C 279 -20.91 -15.79 13.84
CA GLY C 279 -21.52 -14.52 14.23
C GLY C 279 -20.76 -13.29 13.77
N ILE C 280 -21.07 -12.08 14.17
CA ILE C 280 -20.46 -10.85 13.75
C ILE C 280 -19.22 -10.66 14.63
N ILE C 281 -18.12 -11.28 14.20
CA ILE C 281 -16.95 -11.34 15.09
C ILE C 281 -15.75 -10.52 14.68
N TRP C 282 -14.91 -10.17 15.63
CA TRP C 282 -13.64 -9.48 15.42
C TRP C 282 -12.66 -9.98 16.50
N ALA C 283 -11.91 -11.03 16.16
CA ALA C 283 -11.15 -11.82 17.07
C ALA C 283 -10.06 -11.14 17.87
N THR C 284 -9.67 -9.92 17.55
CA THR C 284 -8.64 -9.24 18.27
C THR C 284 -9.29 -8.31 19.30
N TRP C 285 -10.61 -8.35 19.41
CA TRP C 285 -11.32 -7.43 20.32
C TRP C 285 -12.22 -8.24 21.27
N LYS C 286 -12.80 -9.30 20.75
CA LYS C 286 -13.63 -10.17 21.58
C LYS C 286 -13.38 -11.58 21.18
N THR C 287 -13.78 -12.56 21.93
CA THR C 287 -13.73 -13.96 21.58
C THR C 287 -14.48 -14.23 20.29
N ARG C 288 -14.26 -15.42 19.69
CA ARG C 288 -14.97 -15.86 18.50
C ARG C 288 -16.43 -16.20 18.82
N TRP C 289 -16.75 -16.16 20.12
CA TRP C 289 -18.13 -16.43 20.54
C TRP C 289 -18.81 -15.19 21.09
N TYR C 290 -18.36 -14.03 20.65
CA TYR C 290 -19.05 -12.79 20.98
C TYR C 290 -19.40 -12.19 19.58
N SER C 291 -20.66 -11.88 19.36
CA SER C 291 -21.18 -11.28 18.14
C SER C 291 -21.58 -9.83 18.47
N MET C 292 -21.08 -8.88 17.68
CA MET C 292 -21.29 -7.47 17.90
C MET C 292 -22.75 -7.04 17.69
N LYS C 293 -23.05 -5.90 18.35
CA LYS C 293 -24.32 -5.23 18.29
C LYS C 293 -24.34 -4.33 17.06
N LYS C 294 -23.34 -3.50 16.86
CA LYS C 294 -23.38 -2.57 15.71
C LYS C 294 -22.07 -2.76 14.93
N THR C 295 -22.08 -2.44 13.64
CA THR C 295 -20.89 -2.44 12.81
C THR C 295 -20.96 -1.40 11.70
N THR C 296 -19.81 -0.89 11.27
CA THR C 296 -19.76 0.02 10.14
C THR C 296 -18.41 -0.07 9.43
N MET C 297 -18.50 -0.11 8.07
CA MET C 297 -17.29 -0.17 7.25
C MET C 297 -17.41 1.02 6.34
N LYS C 298 -16.43 1.93 6.29
CA LYS C 298 -16.56 3.11 5.42
C LYS C 298 -15.22 3.52 4.81
N ILE C 299 -15.15 4.36 3.77
CA ILE C 299 -13.87 4.63 3.12
C ILE C 299 -13.70 6.08 2.72
N ILE C 300 -12.42 6.43 2.66
CA ILE C 300 -12.06 7.82 2.37
C ILE C 300 -10.67 7.89 1.75
N PRO C 301 -10.43 8.84 0.85
CA PRO C 301 -9.08 9.05 0.29
C PRO C 301 -8.12 9.12 1.46
N PHE C 302 -6.99 8.44 1.44
CA PHE C 302 -6.07 8.38 2.54
C PHE C 302 -5.37 9.68 2.97
N ASN C 303 -5.11 10.62 2.09
CA ASN C 303 -4.50 11.89 2.46
C ASN C 303 -5.33 12.64 3.51
N ARG C 304 -6.59 12.28 3.66
CA ARG C 304 -7.47 12.92 4.64
C ARG C 304 -7.22 12.36 6.03
N LEU C 305 -8.27 12.28 6.83
CA LEU C 305 -8.21 11.65 8.14
C LEU C 305 -7.73 10.20 8.06
N THR C 306 -8.38 9.34 8.87
CA THR C 306 -7.91 7.96 8.97
C THR C 306 -6.39 7.97 9.22
N ILE C 307 -6.05 8.40 10.43
CA ILE C 307 -4.63 8.44 10.82
C ILE C 307 -3.85 9.24 9.79
N GLY C 308 -4.52 10.09 9.02
CA GLY C 308 -4.00 10.78 7.89
C GLY C 308 -3.25 12.07 7.91
N GLU C 309 -2.71 12.45 6.75
CA GLU C 309 -1.97 13.70 6.56
C GLU C 309 -2.93 14.88 6.47
N GLY C 310 -2.88 15.60 5.35
CA GLY C 310 -3.76 16.74 5.11
C GLY C 310 -4.72 16.47 3.94
N ILE D 9 123.03 -8.98 5.23
CA ILE D 9 121.79 -9.73 5.58
C ILE D 9 120.58 -8.80 5.53
N GLU D 10 120.80 -7.50 5.73
CA GLU D 10 119.70 -6.54 5.72
C GLU D 10 118.87 -6.66 4.43
N VAL D 11 119.55 -6.31 3.34
CA VAL D 11 118.96 -6.29 2.01
C VAL D 11 118.32 -7.64 1.68
N LEU D 12 118.57 -8.62 2.56
CA LEU D 12 118.04 -9.96 2.31
C LEU D 12 117.05 -10.42 3.35
N LYS D 13 117.45 -11.33 4.23
CA LYS D 13 116.55 -11.85 5.26
C LYS D 13 115.80 -10.71 5.93
N ARG D 14 116.49 -9.60 6.21
CA ARG D 14 115.81 -8.45 6.79
C ARG D 14 114.74 -7.88 5.86
N LYS D 15 115.09 -7.68 4.58
CA LYS D 15 114.11 -7.11 3.65
C LYS D 15 112.90 -8.02 3.44
N VAL D 16 113.16 -9.32 3.49
CA VAL D 16 112.09 -10.31 3.35
C VAL D 16 111.07 -10.17 4.48
N ILE D 17 111.58 -10.11 5.71
CA ILE D 17 110.75 -9.91 6.90
C ILE D 17 110.14 -8.52 6.90
N GLU D 18 110.69 -7.59 6.12
CA GLU D 18 110.18 -6.23 6.02
C GLU D 18 109.11 -6.10 4.93
N LYS D 19 108.90 -7.20 4.21
CA LYS D 19 107.81 -7.22 3.23
C LYS D 19 106.72 -8.06 3.86
N VAL D 20 107.11 -9.20 4.45
CA VAL D 20 106.17 -10.07 5.13
C VAL D 20 105.20 -9.30 6.03
N GLN D 21 105.69 -8.30 6.75
CA GLN D 21 104.83 -7.52 7.64
C GLN D 21 103.70 -6.84 6.86
N HIS D 22 104.05 -6.15 5.78
CA HIS D 22 103.10 -5.47 4.92
C HIS D 22 102.12 -6.42 4.25
N ILE D 23 102.47 -7.70 4.17
CA ILE D 23 101.59 -8.68 3.55
C ILE D 23 100.54 -9.11 4.58
N GLN D 24 100.98 -9.09 5.85
CA GLN D 24 100.02 -9.48 6.90
C GLN D 24 99.11 -8.26 7.10
N LEU D 25 99.58 -7.10 6.62
CA LEU D 25 98.80 -5.87 6.76
C LEU D 25 97.56 -5.98 5.86
N LEU D 26 97.90 -6.26 4.59
CA LEU D 26 96.88 -6.43 3.56
C LEU D 26 95.99 -7.61 3.89
N GLN D 27 96.55 -8.69 4.50
CA GLN D 27 95.65 -9.79 4.81
C GLN D 27 94.52 -9.37 5.76
N LYS D 28 94.89 -8.63 6.80
CA LYS D 28 93.84 -8.18 7.72
C LYS D 28 92.96 -7.12 7.07
N ASN D 29 93.54 -6.20 6.29
CA ASN D 29 92.75 -5.19 5.61
C ASN D 29 91.67 -5.75 4.67
N VAL D 30 92.03 -6.68 3.80
CA VAL D 30 91.13 -7.33 2.88
C VAL D 30 90.17 -8.21 3.69
N ARG D 31 90.61 -8.68 4.86
CA ARG D 31 89.63 -9.46 5.68
C ARG D 31 88.46 -8.52 6.01
N ALA D 32 88.81 -7.32 6.48
CA ALA D 32 87.92 -6.25 6.88
C ALA D 32 87.09 -5.72 5.70
N GLN D 33 87.75 -5.64 4.52
CA GLN D 33 87.07 -5.10 3.36
C GLN D 33 86.12 -6.09 2.70
N LEU D 34 86.25 -7.38 2.96
CA LEU D 34 85.36 -8.39 2.47
C LEU D 34 84.13 -8.31 3.40
N VAL D 35 84.40 -7.98 4.67
CA VAL D 35 83.25 -7.97 5.60
C VAL D 35 82.45 -6.70 5.29
N ASP D 36 83.10 -5.55 5.06
CA ASP D 36 82.38 -4.35 4.67
C ASP D 36 81.47 -4.50 3.43
N MET D 37 82.03 -5.06 2.37
CA MET D 37 81.35 -5.34 1.12
C MET D 37 80.24 -6.37 1.30
N LYS D 38 80.42 -7.36 2.18
CA LYS D 38 79.32 -8.33 2.32
C LYS D 38 78.16 -7.64 3.05
N ARG D 39 78.45 -6.73 3.96
CA ARG D 39 77.45 -5.94 4.67
C ARG D 39 76.79 -4.88 3.76
N LEU D 40 77.53 -4.27 2.84
CA LEU D 40 76.94 -3.21 2.00
C LEU D 40 76.02 -3.83 0.96
N GLU D 41 76.38 -5.03 0.52
CA GLU D 41 75.59 -5.74 -0.50
C GLU D 41 74.23 -6.05 0.13
N VAL D 42 74.31 -6.56 1.35
CA VAL D 42 73.08 -6.82 2.11
C VAL D 42 72.26 -5.54 2.37
N ASP D 43 72.88 -4.49 2.81
CA ASP D 43 72.20 -3.22 3.06
C ASP D 43 71.53 -2.68 1.80
N ILE D 44 72.24 -2.76 0.64
CA ILE D 44 71.68 -2.30 -0.61
C ILE D 44 70.53 -3.19 -1.02
N ASP D 45 70.63 -4.51 -0.80
CA ASP D 45 69.47 -5.35 -1.12
C ASP D 45 68.19 -4.94 -0.38
N ILE D 46 68.38 -4.63 0.91
CA ILE D 46 67.24 -4.45 1.82
C ILE D 46 66.62 -3.10 1.48
N LYS D 47 67.45 -2.12 1.17
CA LYS D 47 66.99 -0.78 0.85
C LYS D 47 66.32 -0.68 -0.51
N ILE D 48 66.74 -1.40 -1.55
CA ILE D 48 66.06 -1.40 -2.84
C ILE D 48 64.69 -2.02 -2.69
N ARG D 49 64.63 -3.12 -1.92
CA ARG D 49 63.33 -3.80 -1.73
C ARG D 49 62.34 -2.89 -0.97
N SER D 50 62.76 -2.10 0.01
CA SER D 50 61.89 -1.16 0.70
C SER D 50 61.53 0.08 -0.15
N CYS D 51 61.89 0.19 -1.41
CA CYS D 51 61.38 1.20 -2.32
C CYS D 51 60.14 0.66 -3.05
N ARG D 52 59.78 -0.60 -2.85
CA ARG D 52 58.64 -1.15 -3.55
C ARG D 52 57.27 -0.62 -3.08
N GLY D 53 57.23 -0.17 -1.81
CA GLY D 53 56.02 0.43 -1.27
C GLY D 53 55.91 1.97 -1.49
N SER D 54 56.84 2.67 -2.10
CA SER D 54 56.78 4.09 -2.36
C SER D 54 56.96 4.43 -3.85
N CYS D 55 57.87 3.80 -4.55
CA CYS D 55 58.27 4.14 -5.92
C CYS D 55 57.58 3.24 -6.95
N SER D 56 57.58 3.70 -8.20
CA SER D 56 56.95 3.01 -9.32
C SER D 56 57.36 1.54 -9.47
N ARG D 57 58.51 1.07 -9.04
CA ARG D 57 58.88 -0.35 -9.09
C ARG D 57 60.19 -0.56 -8.34
N ALA D 58 60.49 -1.76 -7.86
CA ALA D 58 61.80 -2.00 -7.21
C ALA D 58 62.57 -2.86 -8.21
N LEU D 59 63.85 -2.67 -8.35
CA LEU D 59 64.68 -3.40 -9.29
C LEU D 59 64.67 -4.88 -8.88
N ALA D 60 64.34 -5.78 -9.78
CA ALA D 60 64.47 -7.24 -9.44
C ALA D 60 65.96 -7.63 -9.44
N ARG D 61 66.45 -8.20 -8.35
CA ARG D 61 67.85 -8.56 -8.26
C ARG D 61 68.08 -9.84 -7.49
N GLU D 62 69.29 -10.38 -7.52
CA GLU D 62 69.65 -11.59 -6.81
C GLU D 62 70.96 -11.31 -6.04
N VAL D 63 71.04 -11.88 -4.85
CA VAL D 63 72.20 -11.79 -3.98
C VAL D 63 72.65 -13.17 -3.49
N ASP D 64 73.91 -13.50 -3.72
CA ASP D 64 74.45 -14.75 -3.16
C ASP D 64 75.76 -14.44 -2.44
N LEU D 65 75.80 -14.80 -1.15
CA LEU D 65 76.95 -14.48 -0.33
C LEU D 65 78.07 -15.49 -0.60
N LYS D 66 77.77 -16.42 -1.52
CA LYS D 66 78.70 -17.47 -1.89
C LYS D 66 80.05 -16.94 -2.36
N ASP D 67 79.98 -16.19 -3.45
CA ASP D 67 81.21 -15.58 -3.97
C ASP D 67 81.94 -14.87 -2.84
N TYR D 68 81.19 -14.39 -1.84
CA TYR D 68 81.74 -13.66 -0.71
C TYR D 68 82.35 -14.64 0.30
N GLU D 69 81.67 -15.74 0.53
CA GLU D 69 82.15 -16.75 1.45
C GLU D 69 83.30 -17.54 0.88
N ASP D 70 83.34 -17.83 -0.43
CA ASP D 70 84.52 -18.61 -0.87
C ASP D 70 85.75 -17.74 -0.62
N GLN D 71 85.63 -16.50 -1.07
CA GLN D 71 86.76 -15.57 -0.93
C GLN D 71 87.15 -15.41 0.53
N GLN D 72 86.26 -15.80 1.45
CA GLN D 72 86.58 -15.68 2.87
C GLN D 72 87.39 -16.89 3.34
N LYS D 73 86.84 -18.09 3.21
CA LYS D 73 87.60 -19.29 3.56
C LYS D 73 88.92 -19.27 2.80
N GLN D 74 88.77 -19.05 1.50
CA GLN D 74 89.99 -18.89 0.69
C GLN D 74 90.89 -17.97 1.49
N LEU D 75 90.45 -16.74 1.76
CA LEU D 75 91.32 -15.79 2.47
C LEU D 75 91.90 -16.33 3.76
N GLU D 76 91.07 -16.96 4.55
CA GLU D 76 91.45 -17.51 5.84
C GLU D 76 92.54 -18.57 5.71
N GLN D 77 92.38 -19.54 4.79
CA GLN D 77 93.50 -20.49 4.64
C GLN D 77 94.82 -19.70 4.56
N VAL D 78 95.08 -19.03 3.44
CA VAL D 78 96.33 -18.29 3.30
C VAL D 78 96.74 -17.61 4.60
N ILE D 79 95.83 -16.88 5.25
CA ILE D 79 96.23 -16.16 6.47
C ILE D 79 96.71 -17.14 7.54
N ALA D 80 95.94 -18.22 7.61
CA ALA D 80 96.21 -19.30 8.55
C ALA D 80 97.52 -19.98 8.20
N LYS D 81 97.53 -20.65 7.05
CA LYS D 81 98.66 -21.43 6.59
C LYS D 81 99.91 -20.58 6.37
N ASP D 82 100.13 -19.64 7.29
CA ASP D 82 101.30 -18.77 7.18
C ASP D 82 102.36 -19.16 8.20
N LEU E 18 117.59 -18.63 7.05
CA LEU E 18 118.64 -19.38 6.28
C LEU E 18 118.07 -19.67 4.90
N TYR E 19 117.37 -20.78 4.75
CA TYR E 19 116.75 -21.12 3.47
C TYR E 19 115.37 -20.45 3.39
N ILE E 20 114.88 -20.04 4.57
CA ILE E 20 113.56 -19.43 4.62
C ILE E 20 113.37 -18.43 3.49
N ASP E 21 114.48 -17.93 2.93
CA ASP E 21 114.37 -16.95 1.84
C ASP E 21 113.67 -17.51 0.61
N GLU E 22 113.02 -18.67 0.75
CA GLU E 22 112.25 -19.25 -0.35
C GLU E 22 111.02 -18.35 -0.51
N THR E 23 110.28 -18.32 0.60
CA THR E 23 109.04 -17.59 0.74
C THR E 23 109.05 -16.24 0.03
N VAL E 24 110.23 -15.84 -0.44
CA VAL E 24 110.37 -14.56 -1.12
C VAL E 24 109.91 -14.73 -2.56
N ASN E 25 110.15 -15.92 -3.09
CA ASN E 25 109.73 -16.19 -4.48
C ASN E 25 108.78 -17.38 -4.50
N SER E 26 108.39 -17.84 -3.31
CA SER E 26 107.38 -18.87 -3.12
C SER E 26 106.09 -18.28 -2.55
N ASN E 27 105.96 -18.20 -1.22
CA ASN E 27 104.75 -17.68 -0.60
C ASN E 27 104.41 -16.24 -1.01
N ILE E 28 105.22 -15.28 -0.59
CA ILE E 28 104.99 -13.88 -0.92
C ILE E 28 104.19 -13.71 -2.20
N PRO E 29 104.73 -14.22 -3.30
CA PRO E 29 104.11 -14.11 -4.62
C PRO E 29 102.78 -14.83 -4.73
N THR E 30 102.44 -15.74 -3.81
CA THR E 30 101.07 -16.26 -3.93
C THR E 30 100.19 -15.32 -3.09
N ASN E 31 100.65 -15.02 -1.87
CA ASN E 31 99.92 -14.11 -0.99
C ASN E 31 99.40 -12.96 -1.86
N LEU E 32 100.34 -12.32 -2.54
CA LEU E 32 100.03 -11.20 -3.42
C LEU E 32 99.09 -11.63 -4.55
N ARG E 33 98.99 -12.96 -4.71
CA ARG E 33 98.17 -13.47 -5.82
C ARG E 33 96.69 -13.58 -5.46
N VAL E 34 96.47 -13.98 -4.20
CA VAL E 34 95.10 -14.10 -3.70
C VAL E 34 94.60 -12.67 -3.44
N LEU E 35 95.27 -11.96 -2.56
CA LEU E 35 94.92 -10.58 -2.28
C LEU E 35 94.60 -9.80 -3.55
N ARG E 36 95.51 -9.65 -4.52
CA ARG E 36 95.26 -8.86 -5.71
C ARG E 36 94.01 -9.28 -6.48
N SER E 37 93.72 -10.59 -6.40
CA SER E 37 92.56 -11.08 -7.15
C SER E 37 91.29 -10.48 -6.55
N ILE E 38 91.11 -10.89 -5.28
CA ILE E 38 90.00 -10.42 -4.47
C ILE E 38 89.91 -8.91 -4.61
N LEU E 39 91.00 -8.19 -4.45
CA LEU E 39 90.90 -6.74 -4.50
C LEU E 39 90.20 -6.26 -5.75
N GLU E 40 90.53 -6.85 -6.89
CA GLU E 40 89.98 -6.42 -8.18
C GLU E 40 88.61 -7.01 -8.48
N ASN E 41 88.21 -8.00 -7.67
CA ASN E 41 86.86 -8.54 -7.79
C ASN E 41 85.86 -7.64 -7.03
N LEU E 42 86.30 -7.09 -5.90
CA LEU E 42 85.51 -6.21 -5.07
C LEU E 42 85.24 -4.92 -5.85
N ARG E 43 86.20 -4.48 -6.65
CA ARG E 43 86.10 -3.24 -7.43
C ARG E 43 84.91 -3.25 -8.38
N SER E 44 84.68 -4.46 -8.90
CA SER E 44 83.68 -4.74 -9.92
C SER E 44 82.29 -4.97 -9.33
N LYS E 45 82.26 -5.48 -8.11
CA LYS E 45 81.04 -5.47 -7.32
C LYS E 45 80.64 -4.04 -6.95
N ILE E 46 81.60 -3.22 -6.59
CA ILE E 46 81.31 -1.87 -6.15
C ILE E 46 80.49 -1.19 -7.26
N GLN E 47 81.09 -1.19 -8.46
CA GLN E 47 80.46 -0.37 -9.52
C GLN E 47 79.17 -0.97 -10.02
N LYS E 48 79.03 -2.27 -9.82
CA LYS E 48 77.77 -2.93 -10.09
C LYS E 48 76.67 -2.55 -9.06
N LEU E 49 77.06 -2.25 -7.81
CA LEU E 49 76.14 -1.76 -6.81
C LEU E 49 75.77 -0.29 -7.10
N GLU E 50 76.75 0.50 -7.54
CA GLU E 50 76.46 1.91 -7.80
C GLU E 50 75.41 1.97 -8.92
N SER E 51 75.46 0.93 -9.72
CA SER E 51 74.64 0.83 -10.95
C SER E 51 73.24 0.29 -10.70
N ASP E 52 73.01 -0.51 -9.66
CA ASP E 52 71.74 -0.83 -9.12
C ASP E 52 71.05 0.34 -8.36
N VAL E 53 71.80 1.07 -7.56
CA VAL E 53 71.32 2.16 -6.72
C VAL E 53 70.90 3.31 -7.66
N SER E 54 71.70 3.45 -8.72
CA SER E 54 71.37 4.49 -9.72
C SER E 54 70.15 4.14 -10.57
N ALA E 55 69.94 2.86 -10.89
CA ALA E 55 68.70 2.53 -11.58
C ALA E 55 67.48 2.75 -10.66
N GLN E 56 67.61 2.49 -9.35
CA GLN E 56 66.50 2.64 -8.42
C GLN E 56 66.18 4.12 -8.16
N MET E 57 67.17 4.99 -8.19
CA MET E 57 66.95 6.41 -8.03
C MET E 57 66.04 6.94 -9.13
N GLU E 58 66.25 6.43 -10.35
CA GLU E 58 65.39 6.84 -11.45
C GLU E 58 63.95 6.35 -11.26
N TYR E 59 63.77 5.09 -10.82
CA TYR E 59 62.41 4.62 -10.58
C TYR E 59 61.75 5.50 -9.48
N CYS E 60 62.52 5.94 -8.51
CA CYS E 60 61.90 6.72 -7.45
C CYS E 60 61.53 8.11 -7.91
N ARG E 61 61.54 8.42 -9.22
CA ARG E 61 61.06 9.71 -9.68
C ARG E 61 59.55 9.76 -9.78
N THR E 62 58.89 8.62 -9.80
CA THR E 62 57.43 8.53 -9.88
C THR E 62 57.01 7.66 -8.67
N PRO E 63 55.83 7.84 -8.14
CA PRO E 63 55.37 7.05 -7.01
C PRO E 63 54.55 5.84 -7.42
N CYS E 64 54.27 4.94 -6.52
CA CYS E 64 53.32 3.84 -6.74
C CYS E 64 51.92 4.43 -6.44
N THR E 65 50.82 3.98 -7.02
CA THR E 65 49.47 4.50 -6.75
C THR E 65 48.50 3.39 -6.41
N VAL E 66 47.45 3.61 -5.66
CA VAL E 66 46.36 2.75 -5.32
C VAL E 66 45.05 3.55 -5.55
N SER E 67 43.97 2.84 -5.71
CA SER E 67 42.65 3.50 -5.77
C SER E 67 41.76 2.70 -4.80
N CYS E 68 41.74 3.11 -3.54
CA CYS E 68 41.01 2.34 -2.57
C CYS E 68 39.62 2.88 -2.33
N ASN E 69 38.61 2.51 -3.07
CA ASN E 69 37.20 2.83 -2.86
C ASN E 69 36.73 2.33 -1.51
N ILE E 70 35.84 3.03 -0.85
CA ILE E 70 35.46 2.82 0.53
C ILE E 70 34.24 1.98 0.75
N PRO E 71 34.34 0.85 1.47
CA PRO E 71 33.16 0.07 1.78
C PRO E 71 32.15 0.95 2.47
N VAL E 72 30.89 0.76 2.07
CA VAL E 72 29.80 1.39 2.77
C VAL E 72 29.82 1.06 4.25
N VAL E 73 30.07 -0.22 4.61
CA VAL E 73 29.90 -0.56 6.03
C VAL E 73 31.01 0.02 6.87
N SER E 74 30.71 0.55 8.07
CA SER E 74 31.76 1.11 8.94
C SER E 74 31.33 0.95 10.39
N GLY E 75 32.23 1.22 11.32
CA GLY E 75 32.00 1.14 12.74
C GLY E 75 33.24 1.64 13.52
N LYS E 76 33.26 1.30 14.80
CA LYS E 76 34.27 1.67 15.78
C LYS E 76 35.59 0.91 15.63
N GLU E 77 35.51 -0.35 15.23
CA GLU E 77 36.70 -1.15 14.96
C GLU E 77 36.28 -2.41 14.17
N CYS E 78 37.14 -3.27 13.72
CA CYS E 78 36.78 -4.36 12.84
C CYS E 78 35.80 -5.38 13.44
N GLU E 79 35.74 -5.49 14.77
CA GLU E 79 34.75 -6.37 15.40
C GLU E 79 33.33 -5.84 15.24
N GLU E 80 33.04 -4.56 15.35
CA GLU E 80 31.68 -4.07 15.15
C GLU E 80 31.26 -4.22 13.66
N ILE E 81 32.21 -4.09 12.74
CA ILE E 81 32.03 -4.23 11.32
C ILE E 81 31.72 -5.67 10.95
N ILE E 82 32.44 -6.63 11.47
CA ILE E 82 32.10 -8.05 11.17
C ILE E 82 30.72 -8.29 11.80
N ARG E 83 30.38 -7.64 12.92
CA ARG E 83 29.00 -7.82 13.38
C ARG E 83 27.92 -7.17 12.52
N LYS E 84 28.26 -6.12 11.77
CA LYS E 84 27.36 -5.43 10.89
C LYS E 84 27.34 -6.02 9.49
N GLY E 85 27.87 -7.22 9.28
CA GLY E 85 27.77 -7.83 7.96
C GLY E 85 28.99 -7.78 7.08
N GLY E 86 30.10 -7.19 7.57
CA GLY E 86 31.26 -7.05 6.65
C GLY E 86 32.15 -8.27 6.82
N GLU E 87 32.03 -9.22 5.90
CA GLU E 87 32.66 -10.50 6.07
C GLU E 87 33.91 -10.76 5.26
N THR E 88 34.30 -9.79 4.44
CA THR E 88 35.50 -10.00 3.64
C THR E 88 36.64 -9.14 4.22
N SER E 89 37.86 -9.64 4.06
CA SER E 89 39.06 -9.00 4.50
C SER E 89 39.51 -7.95 3.48
N GLU E 90 39.57 -6.69 4.01
CA GLU E 90 39.97 -5.62 3.13
C GLU E 90 40.14 -4.35 3.93
N MET E 91 40.44 -3.25 3.28
CA MET E 91 40.50 -1.95 3.95
C MET E 91 39.12 -1.47 4.37
N TYR E 92 39.00 -0.87 5.56
CA TYR E 92 37.72 -0.32 5.99
C TYR E 92 38.00 1.05 6.58
N LEU E 93 37.00 1.85 6.80
CA LEU E 93 37.14 3.12 7.56
C LEU E 93 36.57 2.84 8.93
N ILE E 94 37.23 3.13 10.03
CA ILE E 94 36.72 2.99 11.35
C ILE E 94 36.75 4.36 12.09
N GLN E 95 35.79 4.65 12.97
CA GLN E 95 35.81 5.82 13.80
C GLN E 95 35.68 5.40 15.29
N PRO E 96 36.78 5.07 15.95
CA PRO E 96 36.79 4.61 17.32
C PRO E 96 36.11 5.65 18.17
N ASP E 97 36.40 6.92 17.93
CA ASP E 97 35.76 7.92 18.76
C ASP E 97 35.24 9.13 18.00
N SER E 98 34.06 9.58 18.44
CA SER E 98 33.42 10.72 17.81
C SER E 98 34.32 11.95 17.85
N SER E 99 35.37 11.99 18.65
CA SER E 99 36.28 13.11 18.60
C SER E 99 37.37 12.92 17.55
N VAL E 100 37.72 11.69 17.21
CA VAL E 100 38.79 11.50 16.21
C VAL E 100 38.25 11.38 14.80
N LYS E 101 38.98 11.85 13.77
CA LYS E 101 38.42 11.70 12.41
C LYS E 101 38.56 10.23 12.03
N PRO E 102 37.61 9.68 11.32
CA PRO E 102 37.69 8.32 10.83
C PRO E 102 39.02 8.07 10.14
N TYR E 103 39.57 6.85 10.11
CA TYR E 103 40.82 6.61 9.44
C TYR E 103 40.82 5.19 8.89
N ARG E 104 41.79 4.91 8.04
CA ARG E 104 41.88 3.63 7.38
C ARG E 104 42.56 2.49 8.13
N VAL E 105 42.02 1.31 8.02
CA VAL E 105 42.67 0.13 8.65
C VAL E 105 42.44 -1.08 7.82
N TYR E 106 43.29 -2.10 7.89
CA TYR E 106 43.07 -3.42 7.33
C TYR E 106 42.37 -4.32 8.35
N CYS E 107 41.26 -4.92 7.97
CA CYS E 107 40.43 -5.74 8.80
C CYS E 107 40.54 -7.21 8.37
N ASP E 108 41.01 -8.10 9.22
CA ASP E 108 41.16 -9.51 8.91
C ASP E 108 39.88 -10.22 9.38
N MET E 109 39.05 -10.62 8.45
CA MET E 109 37.77 -11.17 8.85
C MET E 109 37.81 -12.69 8.83
N ASN E 110 38.95 -13.31 8.60
CA ASN E 110 38.96 -14.75 8.52
C ASN E 110 39.76 -15.43 9.65
N THR E 111 40.90 -14.96 10.18
CA THR E 111 41.57 -15.74 11.22
C THR E 111 40.83 -15.70 12.55
N GLU E 112 40.97 -16.78 13.33
CA GLU E 112 40.34 -16.87 14.64
C GLU E 112 39.00 -16.22 14.77
N ASN E 113 38.02 -16.56 13.94
CA ASN E 113 36.68 -16.00 13.93
C ASN E 113 36.56 -14.57 13.41
N GLY E 114 37.59 -13.91 12.94
CA GLY E 114 37.54 -12.58 12.39
C GLY E 114 37.26 -11.43 13.30
N GLY E 115 37.11 -10.20 12.80
CA GLY E 115 36.92 -9.05 13.68
C GLY E 115 38.25 -8.53 14.20
N TRP E 116 39.38 -8.84 13.58
CA TRP E 116 40.71 -8.39 14.01
C TRP E 116 41.16 -7.06 13.32
N THR E 117 41.53 -6.04 14.09
CA THR E 117 41.99 -4.77 13.51
C THR E 117 43.51 -4.87 13.38
N VAL E 118 44.11 -4.93 12.18
CA VAL E 118 45.56 -5.02 12.02
C VAL E 118 46.26 -3.68 12.38
N ILE E 119 47.34 -3.74 13.11
CA ILE E 119 48.12 -2.72 13.77
C ILE E 119 49.52 -2.75 13.26
N GLN E 120 49.99 -3.87 12.72
CA GLN E 120 51.32 -4.03 12.17
C GLN E 120 51.30 -5.20 11.20
N ASN E 121 52.02 -5.06 10.09
CA ASN E 121 52.03 -6.14 9.10
C ASN E 121 53.35 -6.23 8.36
N ARG E 122 53.93 -7.43 8.22
CA ARG E 122 55.13 -7.72 7.46
C ARG E 122 54.91 -9.02 6.62
N GLN E 123 55.42 -8.92 5.38
CA GLN E 123 55.11 -9.98 4.40
C GLN E 123 56.04 -9.96 3.21
N ASP E 124 56.66 -8.82 2.89
CA ASP E 124 57.55 -8.85 1.71
C ASP E 124 58.61 -7.85 2.11
N GLY E 125 59.50 -7.23 1.40
CA GLY E 125 60.12 -6.23 2.51
C GLY E 125 59.85 -4.83 1.89
N SER E 126 58.63 -4.50 1.56
CA SER E 126 58.36 -3.29 0.77
C SER E 126 58.31 -1.95 1.48
N VAL E 127 58.43 -1.86 2.80
CA VAL E 127 58.39 -0.64 3.55
C VAL E 127 59.55 -0.53 4.48
N ASP E 128 60.15 0.65 4.68
CA ASP E 128 61.22 0.83 5.68
C ASP E 128 60.67 1.03 7.10
N PHE E 129 61.17 0.31 8.11
CA PHE E 129 60.66 0.27 9.47
C PHE E 129 61.65 0.90 10.41
N GLY E 130 62.80 1.32 9.95
CA GLY E 130 63.86 1.97 10.71
C GLY E 130 63.55 3.47 10.79
N ARG E 131 62.44 3.90 11.36
CA ARG E 131 62.09 5.32 11.41
C ARG E 131 62.15 6.05 12.72
N LYS E 132 61.97 7.39 12.71
CA LYS E 132 61.95 8.17 13.94
C LYS E 132 60.73 8.09 14.81
N TRP E 133 60.78 8.73 15.99
CA TRP E 133 59.66 8.89 16.90
C TRP E 133 58.36 9.42 16.31
N ASP E 134 58.36 10.47 15.50
CA ASP E 134 57.17 11.07 14.93
C ASP E 134 56.41 10.24 13.93
N PRO E 135 57.03 9.66 12.91
CA PRO E 135 56.39 8.67 12.08
C PRO E 135 55.87 7.46 12.89
N TYR E 136 56.60 6.97 13.94
CA TYR E 136 56.04 5.84 14.71
C TYR E 136 54.80 6.27 15.49
N LYS E 137 54.81 7.57 15.84
CA LYS E 137 53.64 8.18 16.52
C LYS E 137 52.39 8.29 15.64
N GLN E 138 52.58 8.73 14.41
CA GLN E 138 51.50 8.99 13.46
C GLN E 138 51.10 7.79 12.64
N GLY E 139 51.98 6.83 12.39
CA GLY E 139 51.65 5.78 11.42
C GLY E 139 52.45 5.99 10.13
N PHE E 140 52.69 4.96 9.36
CA PHE E 140 53.48 4.94 8.15
C PHE E 140 53.19 3.65 7.39
N GLY E 141 53.56 3.63 6.10
CA GLY E 141 53.42 2.44 5.29
C GLY E 141 52.12 2.35 4.52
N ASN E 142 51.81 1.19 3.93
CA ASN E 142 50.61 1.07 3.14
C ASN E 142 49.55 0.21 3.84
N VAL E 143 48.31 0.71 4.00
CA VAL E 143 47.35 -0.21 4.65
C VAL E 143 46.86 -1.35 3.75
N ALA E 144 46.70 -1.01 2.45
CA ALA E 144 46.16 -2.00 1.52
C ALA E 144 46.49 -1.65 0.05
N THR E 145 46.55 -2.60 -0.85
CA THR E 145 46.77 -2.42 -2.28
C THR E 145 45.68 -3.14 -3.07
N ASN E 146 45.39 -2.75 -4.28
CA ASN E 146 44.35 -3.21 -5.15
C ASN E 146 44.52 -4.67 -5.50
N THR E 147 43.48 -5.45 -5.30
CA THR E 147 43.43 -6.87 -5.71
C THR E 147 43.49 -6.93 -7.23
N ASP E 148 44.15 -7.86 -7.86
CA ASP E 148 44.27 -7.93 -9.33
C ASP E 148 42.99 -7.65 -10.10
N GLY E 149 42.89 -6.51 -10.78
CA GLY E 149 41.74 -6.04 -11.51
C GLY E 149 40.49 -5.63 -10.74
N LYS E 150 40.56 -5.12 -9.52
CA LYS E 150 39.38 -4.81 -8.73
C LYS E 150 39.43 -3.34 -8.33
N ASN E 151 38.30 -2.73 -8.11
CA ASN E 151 38.09 -1.38 -7.68
C ASN E 151 38.19 -1.30 -6.13
N TYR E 152 38.64 -2.37 -5.45
CA TYR E 152 38.75 -2.24 -3.97
C TYR E 152 40.09 -2.80 -3.51
N CYS E 153 40.61 -2.43 -2.37
CA CYS E 153 41.89 -2.83 -1.86
C CYS E 153 41.66 -3.99 -0.87
N GLY E 154 41.77 -5.26 -1.30
CA GLY E 154 41.58 -6.45 -0.50
C GLY E 154 42.89 -7.08 -0.05
N LEU E 155 44.03 -6.61 -0.55
CA LEU E 155 45.34 -7.12 -0.11
C LEU E 155 45.99 -6.15 0.87
N PRO E 156 46.53 -6.66 1.99
CA PRO E 156 47.17 -5.84 3.00
C PRO E 156 48.55 -5.38 2.49
N GLY E 157 48.96 -4.18 2.89
CA GLY E 157 50.40 -3.82 2.51
C GLY E 157 51.15 -3.91 3.87
N GLU E 158 52.39 -3.52 4.01
CA GLU E 158 53.19 -3.46 5.17
C GLU E 158 52.96 -2.07 5.82
N TYR E 159 52.64 -2.12 7.12
CA TYR E 159 52.44 -0.86 7.79
C TYR E 159 52.54 -0.96 9.30
N TRP E 160 52.57 0.18 9.95
CA TRP E 160 52.51 0.45 11.37
C TRP E 160 51.38 1.50 11.60
N LEU E 161 50.39 1.14 12.34
CA LEU E 161 49.21 2.00 12.57
C LEU E 161 49.70 3.12 13.42
N GLY E 162 49.42 4.37 13.49
CA GLY E 162 50.43 4.99 14.61
C GLY E 162 50.36 4.44 16.02
N ASN E 163 51.31 4.83 16.95
CA ASN E 163 51.23 4.65 18.39
C ASN E 163 50.12 5.42 19.09
N ASP E 164 49.73 6.64 18.73
CA ASP E 164 48.56 7.26 19.34
C ASP E 164 47.26 6.54 18.93
N LYS E 165 47.14 5.99 17.72
CA LYS E 165 45.90 5.30 17.37
C LYS E 165 45.82 3.99 18.19
N ILE E 166 46.96 3.34 18.30
CA ILE E 166 47.01 2.03 19.01
C ILE E 166 46.62 2.23 20.48
N SER E 167 47.23 3.27 21.07
CA SER E 167 46.96 3.53 22.50
C SER E 167 45.45 3.78 22.73
N GLN E 168 44.81 4.60 21.88
CA GLN E 168 43.37 4.83 22.03
C GLN E 168 42.63 3.51 21.83
N LEU E 169 42.95 2.67 20.83
CA LEU E 169 42.22 1.41 20.65
C LEU E 169 42.29 0.54 21.92
N THR E 170 43.46 0.31 22.50
CA THR E 170 43.61 -0.47 23.69
C THR E 170 42.97 0.17 24.95
N ARG E 171 42.80 1.42 25.14
CA ARG E 171 42.22 1.94 26.38
C ARG E 171 40.71 2.10 26.22
N MET E 172 40.07 1.61 25.17
CA MET E 172 38.62 1.80 25.05
C MET E 172 37.93 0.67 25.83
N GLY E 173 38.64 -0.42 26.10
CA GLY E 173 38.07 -1.53 26.84
C GLY E 173 39.09 -2.68 26.79
N PRO E 174 38.78 -3.80 27.45
CA PRO E 174 39.62 -4.96 27.45
C PRO E 174 39.88 -5.42 26.03
N THR E 175 41.14 -5.57 25.64
CA THR E 175 41.58 -5.87 24.32
C THR E 175 42.60 -7.03 24.31
N GLU E 176 42.41 -7.97 23.43
CA GLU E 176 43.25 -9.10 23.16
C GLU E 176 44.12 -8.76 21.94
N LEU E 177 45.34 -9.23 21.92
CA LEU E 177 46.35 -9.11 20.94
C LEU E 177 46.69 -10.46 20.34
N LEU E 178 46.79 -10.59 19.05
CA LEU E 178 47.14 -11.72 18.26
C LEU E 178 48.33 -11.45 17.34
N ILE E 179 49.39 -12.25 17.48
CA ILE E 179 50.61 -12.15 16.75
C ILE E 179 50.79 -13.43 15.97
N GLU E 180 50.82 -13.37 14.65
CA GLU E 180 50.94 -14.51 13.77
C GLU E 180 52.23 -14.47 12.97
N MET E 181 52.88 -15.62 12.76
CA MET E 181 54.12 -15.53 11.99
C MET E 181 54.26 -16.73 11.10
N GLU E 182 55.19 -16.72 10.14
CA GLU E 182 55.36 -17.82 9.20
C GLU E 182 56.77 -17.87 8.66
N ASP E 183 57.36 -19.09 8.51
CA ASP E 183 58.72 -19.14 8.01
C ASP E 183 58.80 -19.31 6.49
N TRP E 184 60.02 -19.43 5.97
CA TRP E 184 60.18 -19.49 4.51
C TRP E 184 59.86 -20.87 3.94
N LYS E 185 59.30 -21.77 4.75
CA LYS E 185 58.98 -23.11 4.23
C LYS E 185 57.47 -23.21 4.33
N GLY E 186 56.86 -22.28 5.10
CA GLY E 186 55.37 -22.38 5.13
C GLY E 186 54.90 -22.76 6.52
N ASP E 187 55.79 -23.04 7.47
CA ASP E 187 55.25 -23.27 8.82
C ASP E 187 54.70 -21.99 9.46
N LYS E 188 53.62 -22.11 10.20
CA LYS E 188 52.91 -21.08 10.89
C LYS E 188 52.67 -21.23 12.40
N VAL E 189 52.89 -20.23 13.26
CA VAL E 189 52.63 -20.31 14.67
C VAL E 189 51.97 -18.98 15.10
N LYS E 190 51.49 -18.87 16.29
CA LYS E 190 50.80 -17.80 16.95
C LYS E 190 51.32 -17.56 18.38
N ALA E 191 51.13 -16.37 18.91
CA ALA E 191 51.30 -15.88 20.23
C ALA E 191 50.09 -14.97 20.45
N HIS E 192 49.21 -15.33 21.38
CA HIS E 192 47.97 -14.69 21.66
C HIS E 192 48.03 -14.17 23.08
N TYR E 193 47.67 -12.91 23.33
CA TYR E 193 47.75 -12.30 24.64
C TYR E 193 46.34 -11.80 24.93
N GLY E 194 45.65 -12.45 25.89
CA GLY E 194 44.26 -12.08 26.16
C GLY E 194 44.04 -10.72 26.71
N GLY E 195 45.01 -10.02 27.24
CA GLY E 195 44.98 -8.67 27.81
C GLY E 195 46.20 -7.90 27.20
N PHE E 196 46.03 -6.72 26.62
CA PHE E 196 47.02 -5.92 25.91
C PHE E 196 46.73 -4.41 26.03
N THR E 197 47.60 -3.59 26.54
CA THR E 197 47.38 -2.17 26.68
C THR E 197 48.65 -1.38 26.33
N VAL E 198 48.49 -0.16 25.84
CA VAL E 198 49.61 0.70 25.50
C VAL E 198 49.24 2.09 26.03
N GLN E 199 50.05 2.66 26.94
CA GLN E 199 49.69 3.96 27.51
C GLN E 199 49.89 5.05 26.45
N ASN E 200 49.61 6.29 26.78
CA ASN E 200 49.76 7.43 25.88
C ASN E 200 51.20 7.93 25.81
N GLU E 201 51.41 9.00 25.04
CA GLU E 201 52.73 9.47 24.76
C GLU E 201 53.46 10.00 25.99
N ALA E 202 52.64 10.65 26.86
CA ALA E 202 53.26 11.20 28.08
C ALA E 202 53.77 10.05 28.97
N ASN E 203 53.36 8.79 28.81
CA ASN E 203 53.86 7.65 29.52
C ASN E 203 54.76 6.76 28.64
N LYS E 204 55.31 7.36 27.60
CA LYS E 204 56.13 6.76 26.57
C LYS E 204 55.59 5.52 25.89
N TYR E 205 54.25 5.43 25.72
CA TYR E 205 53.63 4.28 25.11
C TYR E 205 53.90 2.93 25.82
N GLN E 206 54.03 3.00 27.16
CA GLN E 206 54.39 1.79 27.92
C GLN E 206 53.55 0.58 27.63
N ILE E 207 54.03 -0.59 27.28
CA ILE E 207 53.22 -1.75 27.00
C ILE E 207 52.92 -2.61 28.26
N SER E 208 51.76 -3.25 28.23
CA SER E 208 51.43 -4.24 29.27
C SER E 208 50.69 -5.39 28.64
N VAL E 209 51.08 -6.66 28.76
CA VAL E 209 50.33 -7.74 28.18
C VAL E 209 50.05 -8.85 29.22
N ASN E 210 48.99 -9.71 29.08
CA ASN E 210 48.86 -10.90 29.89
C ASN E 210 48.14 -12.06 29.20
N LYS E 211 47.82 -13.14 29.90
CA LYS E 211 47.07 -14.29 29.48
C LYS E 211 47.57 -14.90 28.20
N TYR E 212 48.79 -15.34 28.14
CA TYR E 212 49.41 -15.93 27.01
C TYR E 212 48.83 -17.29 26.64
N ARG E 213 48.71 -17.58 25.34
CA ARG E 213 48.35 -18.86 24.80
C ARG E 213 49.08 -18.99 23.46
N GLY E 214 49.35 -20.20 22.99
CA GLY E 214 49.88 -20.37 21.67
C GLY E 214 51.13 -21.19 21.60
N THR E 215 51.60 -21.41 20.41
CA THR E 215 52.67 -22.15 19.90
C THR E 215 53.96 -21.43 19.68
N ALA E 216 53.98 -20.10 19.47
CA ALA E 216 55.26 -19.46 19.16
C ALA E 216 56.23 -19.39 20.32
N GLY E 217 55.79 -19.26 21.54
CA GLY E 217 56.72 -19.09 22.66
C GLY E 217 56.38 -17.70 23.27
N ASN E 218 56.24 -17.56 24.58
CA ASN E 218 55.96 -16.35 25.29
C ASN E 218 57.16 -15.40 25.49
N ALA E 219 57.73 -14.96 24.37
CA ALA E 219 58.73 -13.97 24.28
C ALA E 219 58.33 -12.70 25.03
N LEU E 220 57.14 -12.10 24.91
CA LEU E 220 56.92 -10.79 25.53
C LEU E 220 57.00 -10.79 27.04
N MET E 221 56.38 -11.81 27.68
CA MET E 221 56.33 -11.85 29.14
C MET E 221 57.50 -12.56 29.84
N ASP E 222 58.12 -13.55 29.23
CA ASP E 222 59.22 -14.30 29.80
C ASP E 222 60.57 -14.07 29.15
N GLY E 223 60.81 -13.67 27.90
CA GLY E 223 62.22 -13.50 27.49
C GLY E 223 62.66 -14.69 26.67
N ALA E 224 63.85 -14.71 26.06
CA ALA E 224 64.27 -15.79 25.17
C ALA E 224 64.53 -17.12 25.93
N SER E 225 63.65 -18.10 25.85
CA SER E 225 63.86 -19.35 26.62
C SER E 225 65.22 -19.97 26.41
N GLN E 226 66.10 -19.65 25.48
CA GLN E 226 67.38 -20.27 25.28
C GLN E 226 68.51 -19.60 26.08
N LEU E 227 68.17 -18.59 26.87
CA LEU E 227 69.17 -17.88 27.67
C LEU E 227 68.73 -18.17 29.09
N MET E 228 69.61 -18.07 30.06
CA MET E 228 69.25 -18.30 31.44
C MET E 228 69.55 -17.07 32.30
N GLY E 229 68.94 -17.08 33.45
CA GLY E 229 69.18 -16.10 34.50
C GLY E 229 68.99 -14.66 33.98
N GLU E 230 69.90 -13.78 34.31
CA GLU E 230 69.87 -12.36 34.02
C GLU E 230 69.76 -12.07 32.51
N ASN E 231 70.38 -12.94 31.73
CA ASN E 231 70.42 -12.89 30.31
C ASN E 231 69.03 -13.08 29.76
N ARG E 232 68.18 -13.81 30.47
CA ARG E 232 66.79 -13.97 30.07
C ARG E 232 65.88 -12.79 30.45
N THR E 233 66.01 -12.34 31.69
CA THR E 233 65.13 -11.28 32.18
C THR E 233 65.36 -9.92 31.55
N MET E 234 66.56 -9.64 31.02
CA MET E 234 66.81 -8.38 30.31
C MET E 234 66.19 -8.44 28.89
N THR E 235 65.52 -9.51 28.48
CA THR E 235 64.91 -9.67 27.18
C THR E 235 63.41 -9.71 27.34
N ILE E 236 62.86 -9.27 28.46
CA ILE E 236 61.41 -9.19 28.69
C ILE E 236 60.88 -7.85 28.15
N HIS E 237 59.76 -7.90 27.41
CA HIS E 237 59.18 -6.70 26.80
C HIS E 237 58.04 -6.12 27.65
N ASN E 238 57.35 -6.99 28.38
CA ASN E 238 56.26 -6.53 29.25
C ASN E 238 56.65 -5.42 30.21
N GLY E 239 55.89 -4.37 30.42
CA GLY E 239 56.34 -3.24 31.27
C GLY E 239 57.38 -2.37 30.56
N MET E 240 57.92 -2.58 29.37
CA MET E 240 58.85 -1.63 28.77
C MET E 240 58.26 -0.37 28.12
N PHE E 241 59.04 0.69 27.91
CA PHE E 241 58.70 1.87 27.14
C PHE E 241 59.11 1.72 25.65
N PHE E 242 58.55 2.56 24.78
CA PHE E 242 58.80 2.53 23.32
C PHE E 242 60.02 3.36 23.00
N SER E 243 60.92 2.88 22.17
CA SER E 243 62.13 3.57 21.84
C SER E 243 62.23 3.70 20.27
N THR E 244 62.89 4.73 19.78
CA THR E 244 63.11 4.84 18.33
C THR E 244 64.61 5.26 18.19
N TYR E 245 65.24 5.38 17.06
CA TYR E 245 66.65 5.68 17.02
C TYR E 245 67.00 7.11 17.41
N ASP E 246 66.08 8.02 17.39
CA ASP E 246 66.27 9.39 17.84
C ASP E 246 65.64 9.60 19.22
N ARG E 247 65.15 8.53 19.87
CA ARG E 247 64.54 8.63 21.20
C ARG E 247 64.75 7.35 22.00
N ASP E 248 65.71 7.38 22.91
CA ASP E 248 66.05 6.27 23.76
C ASP E 248 65.34 6.10 25.10
N ASN E 249 64.37 5.22 25.25
CA ASN E 249 63.71 4.89 26.49
C ASN E 249 63.93 3.41 26.87
N ASP E 250 65.03 2.81 26.38
CA ASP E 250 65.24 1.37 26.52
C ASP E 250 65.70 1.04 27.92
N GLY E 251 65.98 -0.25 28.19
CA GLY E 251 66.38 -0.61 29.57
C GLY E 251 67.86 -0.86 29.68
N TRP E 252 68.67 -0.15 28.93
CA TRP E 252 70.10 -0.36 28.82
C TRP E 252 70.78 0.96 29.23
N LEU E 253 71.44 1.09 30.38
CA LEU E 253 72.10 2.30 30.84
C LEU E 253 73.54 2.34 30.37
N THR E 254 73.79 3.09 29.33
CA THR E 254 75.06 3.17 28.61
C THR E 254 75.46 4.64 28.49
N SER E 255 76.72 4.82 28.16
CA SER E 255 77.21 6.19 28.00
C SER E 255 77.53 6.39 26.53
N ASP E 256 77.89 5.35 25.80
CA ASP E 256 78.19 5.52 24.38
C ASP E 256 76.87 5.69 23.62
N PRO E 257 76.74 6.76 22.86
CA PRO E 257 75.58 7.04 22.04
C PRO E 257 75.34 5.98 20.97
N ARG E 258 76.30 5.22 20.48
CA ARG E 258 75.93 4.14 19.53
C ARG E 258 75.26 2.99 20.30
N LYS E 259 75.46 2.92 21.62
CA LYS E 259 74.87 1.71 22.30
C LYS E 259 73.41 1.79 22.69
N GLN E 260 72.51 1.80 21.69
CA GLN E 260 71.07 1.93 21.88
C GLN E 260 70.35 0.79 21.16
N CYS E 261 69.37 0.16 21.78
CA CYS E 261 68.76 -1.01 21.18
C CYS E 261 68.07 -0.62 19.86
N SER E 262 67.43 0.55 19.82
CA SER E 262 66.85 0.99 18.56
C SER E 262 67.85 1.27 17.44
N LYS E 263 69.07 1.75 17.72
CA LYS E 263 70.08 1.90 16.67
C LYS E 263 70.61 0.54 16.20
N GLU E 264 70.94 -0.34 17.13
CA GLU E 264 71.37 -1.69 16.62
C GLU E 264 70.04 -2.37 16.44
N ASP E 265 69.71 -3.42 15.82
CA ASP E 265 68.29 -3.93 16.00
C ASP E 265 67.35 -3.18 15.08
N GLY E 266 67.56 -1.90 14.78
CA GLY E 266 67.00 -1.35 13.56
C GLY E 266 65.51 -1.12 13.42
N GLY E 267 64.76 -0.99 14.48
CA GLY E 267 63.34 -0.61 14.32
C GLY E 267 62.89 0.20 15.51
N GLY E 268 61.57 0.38 15.54
CA GLY E 268 60.97 1.10 16.67
C GLY E 268 60.28 0.09 17.56
N TRP E 269 60.48 0.04 18.90
CA TRP E 269 59.90 -1.10 19.58
C TRP E 269 59.94 -0.93 21.11
N TRP E 270 59.32 -1.89 21.81
CA TRP E 270 59.40 -1.78 23.30
C TRP E 270 60.65 -2.50 23.75
N TYR E 271 61.84 -2.01 23.43
CA TYR E 271 63.13 -2.61 23.73
C TYR E 271 63.50 -2.61 25.21
N ASN E 272 64.12 -3.73 25.63
CA ASN E 272 64.65 -3.79 27.02
C ASN E 272 66.10 -4.23 26.98
N ARG E 273 67.19 -3.59 26.75
CA ARG E 273 68.41 -4.50 26.73
C ARG E 273 68.57 -5.86 26.12
N CYS E 274 68.23 -6.15 24.85
CA CYS E 274 67.43 -5.37 23.95
C CYS E 274 66.14 -6.14 23.66
N HIS E 275 66.17 -7.40 23.15
CA HIS E 275 64.89 -8.05 22.90
C HIS E 275 64.89 -9.58 22.88
N ALA E 276 63.70 -10.15 22.84
CA ALA E 276 63.57 -11.60 22.55
C ALA E 276 62.74 -11.67 21.25
N ALA E 277 61.92 -10.63 21.05
CA ALA E 277 61.16 -10.45 19.83
C ALA E 277 61.47 -9.10 19.12
N ASN E 278 61.59 -9.08 17.80
CA ASN E 278 61.85 -7.86 17.03
C ASN E 278 61.01 -7.76 15.77
N PRO E 279 59.72 -7.73 15.86
CA PRO E 279 58.85 -7.49 14.70
C PRO E 279 59.20 -6.10 14.27
N ASN E 280 59.02 -5.54 13.13
CA ASN E 280 59.59 -4.11 13.03
C ASN E 280 61.09 -4.19 12.84
N GLY E 281 61.74 -5.34 12.83
CA GLY E 281 63.14 -5.50 12.41
C GLY E 281 63.32 -5.52 10.89
N ARG E 282 64.54 -5.78 10.45
CA ARG E 282 64.98 -5.75 9.05
C ARG E 282 64.64 -7.04 8.29
N TYR E 283 64.15 -6.82 7.08
CA TYR E 283 63.68 -7.97 6.32
C TYR E 283 64.75 -8.63 5.45
N TYR E 284 65.25 -9.75 5.90
CA TYR E 284 66.28 -10.56 5.22
C TYR E 284 65.57 -11.58 4.33
N TRP E 285 65.88 -11.52 3.05
CA TRP E 285 65.24 -12.42 2.09
C TRP E 285 65.71 -13.86 2.32
N GLY E 286 64.85 -14.85 2.36
CA GLY E 286 65.34 -16.22 2.49
C GLY E 286 65.43 -16.76 3.88
N GLY E 287 65.35 -15.97 4.96
CA GLY E 287 65.33 -16.49 6.32
C GLY E 287 66.59 -16.29 7.17
N GLN E 288 67.61 -17.04 6.80
CA GLN E 288 68.89 -17.15 7.49
C GLN E 288 69.83 -15.97 7.30
N TYR E 289 70.43 -15.49 8.35
CA TYR E 289 71.42 -14.42 8.13
C TYR E 289 72.47 -14.58 9.21
N THR E 290 73.56 -13.84 9.20
CA THR E 290 74.54 -14.06 10.27
C THR E 290 75.10 -12.71 10.71
N TRP E 291 75.90 -12.73 11.77
CA TRP E 291 76.46 -11.54 12.36
C TRP E 291 77.17 -10.64 11.36
N ASP E 292 77.86 -11.27 10.39
CA ASP E 292 78.65 -10.54 9.43
C ASP E 292 77.88 -10.07 8.18
N MET E 293 76.57 -10.30 8.18
CA MET E 293 75.65 -9.76 7.22
C MET E 293 74.96 -8.54 7.85
N ALA E 294 74.91 -8.46 9.17
CA ALA E 294 74.15 -7.43 9.88
C ALA E 294 74.89 -6.11 10.04
N LYS E 295 74.21 -5.01 9.85
CA LYS E 295 74.74 -3.67 9.92
C LYS E 295 75.59 -3.48 11.19
N HIS E 296 75.09 -3.78 12.38
CA HIS E 296 75.90 -3.56 13.56
C HIS E 296 76.34 -4.86 14.19
N GLY E 297 76.29 -5.99 13.48
CA GLY E 297 76.78 -7.21 14.11
C GLY E 297 75.76 -7.84 15.03
N THR E 298 74.52 -7.38 15.10
CA THR E 298 73.50 -7.91 15.96
C THR E 298 72.32 -8.56 15.26
N ASP E 299 71.49 -9.23 16.06
CA ASP E 299 70.34 -9.93 15.52
C ASP E 299 69.19 -8.97 15.26
N ASP E 300 69.36 -8.26 14.16
CA ASP E 300 68.31 -7.31 13.73
C ASP E 300 67.43 -8.24 12.93
N GLY E 301 66.61 -7.95 11.99
CA GLY E 301 65.90 -9.13 11.37
C GLY E 301 64.55 -9.26 12.09
N VAL E 302 63.56 -9.75 11.33
CA VAL E 302 62.21 -9.93 11.93
C VAL E 302 62.19 -11.17 12.81
N VAL E 303 62.69 -11.02 14.05
CA VAL E 303 62.93 -12.17 14.93
C VAL E 303 61.91 -12.56 15.96
N TRP E 304 61.83 -13.87 16.32
CA TRP E 304 60.98 -14.33 17.44
C TRP E 304 61.80 -15.48 18.04
N MET E 305 62.74 -15.16 18.91
CA MET E 305 63.78 -16.00 19.46
C MET E 305 63.28 -17.38 19.91
N ASN E 306 62.21 -17.40 20.66
CA ASN E 306 61.63 -18.60 21.19
C ASN E 306 61.12 -19.53 20.08
N TRP E 307 61.13 -19.12 18.80
CA TRP E 307 60.64 -20.02 17.77
C TRP E 307 61.82 -20.39 16.91
N LYS E 308 62.56 -19.39 16.38
CA LYS E 308 63.64 -19.81 15.45
C LYS E 308 64.98 -19.23 15.85
N GLY E 309 65.04 -18.75 17.08
CA GLY E 309 66.31 -18.21 17.60
C GLY E 309 66.54 -16.80 17.02
N SER E 310 67.75 -16.34 17.13
CA SER E 310 68.18 -15.01 16.79
C SER E 310 68.51 -14.80 15.34
N TRP E 311 68.97 -15.81 14.63
CA TRP E 311 69.50 -15.62 13.29
C TRP E 311 68.59 -16.06 12.15
N TYR E 312 67.30 -16.07 12.40
CA TYR E 312 66.30 -16.36 11.37
C TYR E 312 65.22 -15.24 11.35
N SER E 313 65.01 -14.67 10.17
CA SER E 313 64.02 -13.60 9.99
C SER E 313 62.76 -14.11 9.34
N MET E 314 61.56 -13.98 9.87
CA MET E 314 60.34 -14.42 9.28
C MET E 314 60.04 -13.87 7.87
N ARG E 315 59.17 -14.60 7.21
CA ARG E 315 58.58 -14.36 5.92
C ARG E 315 57.31 -13.48 6.15
N LYS E 316 56.54 -13.81 7.18
CA LYS E 316 55.40 -13.01 7.52
C LYS E 316 55.36 -12.76 9.02
N MET E 317 54.86 -11.60 9.43
CA MET E 317 54.70 -11.33 10.87
C MET E 317 53.59 -10.32 11.03
N SER E 318 52.64 -10.40 11.94
CA SER E 318 51.59 -9.45 12.04
C SER E 318 51.09 -9.34 13.45
N MET E 319 50.49 -8.18 13.77
CA MET E 319 49.96 -7.95 15.09
C MET E 319 48.55 -7.49 14.82
N LYS E 320 47.56 -7.91 15.59
CA LYS E 320 46.21 -7.45 15.44
C LYS E 320 45.47 -7.59 16.77
N ILE E 321 44.47 -6.77 16.95
CA ILE E 321 43.68 -6.70 18.15
C ILE E 321 42.17 -6.76 17.94
N ARG E 322 41.43 -6.99 19.01
CA ARG E 322 40.00 -7.19 18.95
C ARG E 322 39.51 -7.02 20.36
N PRO E 323 38.35 -6.45 20.59
CA PRO E 323 37.79 -6.22 21.89
C PRO E 323 37.73 -7.34 22.89
N PHE E 324 37.67 -8.64 22.68
CA PHE E 324 37.74 -9.54 23.89
C PHE E 324 36.36 -9.87 24.44
N PHE E 325 35.71 -9.08 25.26
CA PHE E 325 34.31 -9.32 25.61
C PHE E 325 34.00 -10.70 26.19
N GLU F 10 119.14 -13.06 -4.64
CA GLU F 10 117.65 -12.96 -4.64
C GLU F 10 117.16 -11.59 -4.19
N ALA F 11 118.03 -10.59 -4.17
CA ALA F 11 117.60 -9.27 -3.69
C ALA F 11 117.20 -8.45 -4.92
N SER F 12 116.29 -9.07 -5.66
CA SER F 12 115.70 -8.53 -6.88
C SER F 12 114.30 -9.12 -7.05
N ILE F 13 114.08 -10.36 -6.58
CA ILE F 13 112.74 -10.95 -6.62
C ILE F 13 111.86 -10.06 -5.74
N LEU F 14 112.55 -9.45 -4.77
CA LEU F 14 111.95 -8.47 -3.88
C LEU F 14 111.40 -7.31 -4.70
N THR F 15 110.78 -7.63 -5.84
CA THR F 15 110.19 -6.60 -6.72
C THR F 15 108.72 -6.47 -6.33
N HIS F 16 108.39 -7.34 -5.37
CA HIS F 16 107.05 -7.39 -4.76
C HIS F 16 106.89 -6.05 -4.05
N ASP F 17 107.99 -5.57 -3.47
CA ASP F 17 107.96 -4.27 -2.78
C ASP F 17 107.12 -3.28 -3.59
N SER F 18 107.25 -3.38 -4.92
CA SER F 18 106.45 -2.50 -5.79
C SER F 18 105.02 -3.03 -5.92
N SER F 19 104.94 -4.26 -6.43
CA SER F 19 103.68 -4.94 -6.67
C SER F 19 102.87 -5.26 -5.42
N ILE F 20 103.39 -4.90 -4.27
CA ILE F 20 102.66 -5.09 -3.00
C ILE F 20 101.98 -3.75 -2.78
N ARG F 21 102.71 -2.70 -3.21
CA ARG F 21 102.26 -1.33 -3.13
C ARG F 21 101.29 -0.97 -4.25
N TYR F 22 100.85 -1.98 -4.98
CA TYR F 22 99.91 -1.88 -6.08
C TYR F 22 98.52 -2.38 -5.65
N LEU F 23 98.56 -3.47 -4.89
CA LEU F 23 97.34 -3.98 -4.29
C LEU F 23 96.89 -2.95 -3.27
N GLN F 24 97.77 -2.56 -2.35
CA GLN F 24 97.49 -1.56 -1.34
C GLN F 24 96.69 -0.40 -1.91
N GLU F 25 97.08 0.06 -3.11
CA GLU F 25 96.39 1.19 -3.73
C GLU F 25 94.92 0.88 -4.07
N ILE F 26 94.66 -0.31 -4.65
CA ILE F 26 93.27 -0.58 -4.98
C ILE F 26 92.51 -1.03 -3.74
N TYR F 27 93.23 -1.30 -2.65
CA TYR F 27 92.51 -1.66 -1.45
C TYR F 27 91.82 -0.37 -0.99
N ASN F 28 92.74 0.57 -0.83
CA ASN F 28 92.40 1.89 -0.31
C ASN F 28 91.41 2.63 -1.20
N SER F 29 91.40 2.30 -2.50
CA SER F 29 90.52 2.96 -3.45
C SER F 29 89.15 2.27 -3.65
N ASN F 30 89.12 1.02 -3.21
CA ASN F 30 87.92 0.26 -3.05
C ASN F 30 87.31 0.90 -1.78
N ASN F 31 88.14 1.03 -0.75
CA ASN F 31 87.64 1.52 0.55
C ASN F 31 86.90 2.84 0.33
N GLN F 32 87.50 3.75 -0.44
CA GLN F 32 86.89 5.04 -0.65
C GLN F 32 85.73 5.15 -1.65
N LYS F 33 85.57 4.06 -2.38
CA LYS F 33 84.45 3.92 -3.27
C LYS F 33 83.26 3.37 -2.45
N ILE F 34 83.54 2.58 -1.44
CA ILE F 34 82.50 2.09 -0.54
C ILE F 34 81.88 3.33 0.10
N VAL F 35 82.70 4.14 0.76
CA VAL F 35 82.24 5.30 1.54
C VAL F 35 81.37 6.24 0.71
N ASN F 36 81.72 6.35 -0.58
CA ASN F 36 80.95 7.18 -1.49
C ASN F 36 79.61 6.60 -1.95
N LEU F 37 79.61 5.27 -2.08
CA LEU F 37 78.39 4.60 -2.44
C LEU F 37 77.47 4.64 -1.22
N LYS F 38 77.96 4.48 0.00
CA LYS F 38 77.20 4.53 1.24
C LYS F 38 76.47 5.88 1.32
N GLU F 39 77.09 6.98 0.94
CA GLU F 39 76.38 8.25 0.90
C GLU F 39 75.24 8.26 -0.12
N LYS F 40 75.35 7.55 -1.21
CA LYS F 40 74.31 7.44 -2.24
C LYS F 40 73.13 6.58 -1.77
N VAL F 41 73.47 5.55 -1.00
CA VAL F 41 72.42 4.76 -0.39
C VAL F 41 71.65 5.63 0.59
N ALA F 42 72.30 6.50 1.34
CA ALA F 42 71.58 7.34 2.31
C ALA F 42 70.61 8.24 1.53
N GLN F 43 70.94 8.78 0.38
CA GLN F 43 70.04 9.68 -0.32
C GLN F 43 68.86 8.86 -0.87
N LEU F 44 69.11 7.63 -1.30
CA LEU F 44 68.00 6.79 -1.79
C LEU F 44 67.03 6.48 -0.68
N GLU F 45 67.56 6.26 0.53
CA GLU F 45 66.65 5.91 1.64
C GLU F 45 65.64 7.02 1.90
N ALA F 46 66.21 8.24 1.81
CA ALA F 46 65.40 9.45 2.02
C ALA F 46 64.27 9.60 1.03
N GLN F 47 64.41 9.04 -0.17
CA GLN F 47 63.35 9.14 -1.17
C GLN F 47 62.32 8.03 -1.14
N CYS F 48 62.47 6.98 -0.34
CA CYS F 48 61.63 5.82 -0.30
C CYS F 48 60.85 5.79 1.02
N GLN F 49 60.31 6.85 1.55
CA GLN F 49 59.70 6.87 2.86
C GLN F 49 58.20 7.13 2.79
N GLU F 50 57.66 7.62 1.69
CA GLU F 50 56.24 7.95 1.61
C GLU F 50 55.50 6.70 1.17
N PRO F 51 54.24 6.59 1.44
CA PRO F 51 53.44 5.50 0.94
C PRO F 51 52.96 5.67 -0.51
N CYS F 52 52.30 4.68 -1.07
CA CYS F 52 51.70 4.90 -2.38
C CYS F 52 50.65 6.03 -2.32
N LYS F 53 50.48 6.72 -3.44
CA LYS F 53 49.47 7.79 -3.40
C LYS F 53 48.11 7.23 -3.75
N ASP F 54 47.09 7.39 -2.90
CA ASP F 54 45.76 6.97 -3.08
C ASP F 54 44.97 8.04 -3.86
N THR F 55 44.35 7.66 -4.96
CA THR F 55 43.61 8.64 -5.74
C THR F 55 42.27 8.94 -5.09
N VAL F 56 41.82 8.28 -4.02
CA VAL F 56 40.49 8.65 -3.55
C VAL F 56 40.58 9.64 -2.40
N GLN F 57 39.69 10.62 -2.31
CA GLN F 57 39.70 11.59 -1.24
C GLN F 57 38.25 11.91 -0.83
N ILE F 58 38.03 12.30 0.41
CA ILE F 58 36.74 12.67 0.94
C ILE F 58 36.64 14.19 1.14
N HIS F 59 35.53 14.87 0.87
CA HIS F 59 35.48 16.32 1.11
C HIS F 59 35.29 16.58 2.61
N ASP F 60 35.71 17.74 3.04
CA ASP F 60 35.68 18.14 4.44
C ASP F 60 34.39 18.83 4.92
N ILE F 61 33.53 19.33 4.06
CA ILE F 61 32.27 19.95 4.43
C ILE F 61 31.28 18.91 4.91
N THR F 62 30.58 19.15 6.01
CA THR F 62 29.61 18.27 6.58
C THR F 62 28.22 18.90 6.75
N GLY F 63 27.29 18.09 7.24
CA GLY F 63 25.93 18.54 7.42
C GLY F 63 24.94 17.38 7.59
N LYS F 64 23.66 17.71 7.43
CA LYS F 64 22.57 16.81 7.68
C LYS F 64 22.15 15.90 6.52
N ASP F 65 22.38 16.27 5.29
CA ASP F 65 22.07 15.55 4.06
C ASP F 65 22.83 16.31 2.98
N CYS F 66 22.79 15.88 1.72
CA CYS F 66 23.60 16.48 0.68
C CYS F 66 23.11 17.89 0.30
N GLN F 67 21.80 18.11 0.54
CA GLN F 67 21.18 19.39 0.24
C GLN F 67 21.69 20.37 1.30
N ASP F 68 21.81 19.93 2.55
CA ASP F 68 22.40 20.78 3.57
C ASP F 68 23.87 21.13 3.27
N ILE F 69 24.61 20.22 2.67
CA ILE F 69 26.03 20.41 2.28
C ILE F 69 26.18 21.34 1.09
N ALA F 70 25.31 21.16 0.11
CA ALA F 70 25.26 22.05 -1.03
C ALA F 70 24.91 23.48 -0.55
N ASN F 71 24.03 23.63 0.45
CA ASN F 71 23.61 25.00 0.81
C ASN F 71 24.73 25.74 1.56
N LYS F 72 25.71 24.98 2.07
CA LYS F 72 26.85 25.51 2.77
C LYS F 72 28.02 25.79 1.83
N GLY F 73 27.89 25.49 0.55
CA GLY F 73 29.00 25.89 -0.34
C GLY F 73 29.56 24.84 -1.26
N ALA F 74 29.39 23.56 -0.95
CA ALA F 74 29.92 22.47 -1.79
C ALA F 74 29.53 22.57 -3.23
N LYS F 75 30.36 22.41 -4.23
CA LYS F 75 30.04 22.48 -5.64
C LYS F 75 30.27 21.16 -6.38
N GLN F 76 31.12 20.27 -5.87
CA GLN F 76 31.52 19.12 -6.64
C GLN F 76 30.84 17.83 -6.17
N SER F 77 30.52 16.93 -7.11
CA SER F 77 29.91 15.65 -6.71
C SER F 77 30.99 14.82 -6.02
N GLY F 78 30.74 13.97 -5.03
CA GLY F 78 31.83 13.12 -4.46
C GLY F 78 31.42 12.61 -3.07
N LEU F 79 32.34 12.33 -2.18
CA LEU F 79 32.16 11.72 -0.89
C LEU F 79 32.20 12.69 0.25
N TYR F 80 31.17 12.69 1.10
CA TYR F 80 31.13 13.59 2.21
C TYR F 80 30.57 12.87 3.44
N PHE F 81 30.87 13.30 4.65
CA PHE F 81 30.19 12.78 5.82
C PHE F 81 28.90 13.53 6.10
N ILE F 82 27.84 12.82 6.55
CA ILE F 82 26.59 13.50 6.89
C ILE F 82 26.18 12.94 8.21
N LYS F 83 25.30 13.69 8.86
CA LYS F 83 24.79 13.31 10.16
C LYS F 83 23.42 13.91 10.47
N PRO F 84 22.35 13.23 10.08
CA PRO F 84 21.00 13.68 10.39
C PRO F 84 20.90 13.93 11.90
N LEU F 85 19.92 14.72 12.35
CA LEU F 85 19.82 14.97 13.80
C LEU F 85 19.64 13.70 14.62
N LYS F 86 18.74 12.78 14.30
CA LYS F 86 18.57 11.61 15.16
C LYS F 86 19.60 10.53 15.00
N ALA F 87 20.63 10.70 14.21
CA ALA F 87 21.64 9.66 14.01
C ALA F 87 22.67 9.80 15.13
N ASN F 88 23.22 8.69 15.54
CA ASN F 88 24.17 8.54 16.61
C ASN F 88 25.59 8.85 16.14
N GLN F 89 25.99 8.40 14.96
CA GLN F 89 27.33 8.60 14.41
C GLN F 89 27.14 9.11 12.98
N GLN F 90 28.11 9.89 12.53
CA GLN F 90 28.09 10.43 11.19
C GLN F 90 28.37 9.23 10.26
N PHE F 91 28.07 9.35 8.97
CA PHE F 91 28.44 8.27 8.05
C PHE F 91 28.77 8.82 6.67
N LEU F 92 29.55 8.04 5.92
CA LEU F 92 29.92 8.50 4.55
C LEU F 92 28.80 8.34 3.52
N VAL F 93 28.66 9.28 2.57
CA VAL F 93 27.69 9.07 1.49
C VAL F 93 28.25 9.53 0.14
N TYR F 94 27.60 9.20 -0.97
CA TYR F 94 27.96 9.84 -2.24
C TYR F 94 26.97 11.02 -2.50
N CYS F 95 27.49 12.24 -2.66
CA CYS F 95 26.60 13.38 -2.99
C CYS F 95 26.62 13.75 -4.46
N GLU F 96 25.48 13.93 -5.12
CA GLU F 96 25.46 14.42 -6.51
C GLU F 96 24.97 15.88 -6.43
N ILE F 97 25.80 16.79 -6.90
CA ILE F 97 25.57 18.24 -6.75
C ILE F 97 25.54 18.91 -8.10
N ASP F 98 24.47 19.51 -8.55
CA ASP F 98 24.39 20.16 -9.85
C ASP F 98 24.74 21.65 -9.83
N GLY F 99 24.74 22.29 -10.99
CA GLY F 99 25.04 23.70 -11.16
C GLY F 99 23.98 24.55 -10.43
N SER F 100 22.75 24.10 -10.48
CA SER F 100 21.64 24.76 -9.81
C SER F 100 21.70 24.73 -8.30
N GLY F 101 22.63 24.06 -7.61
CA GLY F 101 22.59 24.07 -6.15
C GLY F 101 21.75 22.97 -5.49
N ASN F 102 21.38 21.99 -6.32
CA ASN F 102 20.65 20.84 -5.81
C ASN F 102 21.66 19.76 -5.39
N GLY F 103 21.52 19.35 -4.13
CA GLY F 103 22.36 18.29 -3.56
C GLY F 103 21.56 17.01 -3.35
N TRP F 104 21.78 16.01 -4.21
CA TRP F 104 21.07 14.73 -4.06
C TRP F 104 21.91 13.74 -3.22
N THR F 105 21.39 13.04 -2.22
CA THR F 105 22.16 11.99 -1.58
C THR F 105 21.77 10.65 -2.25
N VAL F 106 22.75 9.96 -2.90
CA VAL F 106 22.44 8.73 -3.63
C VAL F 106 22.35 7.54 -2.72
N PHE F 107 21.41 6.59 -2.76
CA PHE F 107 21.42 5.47 -1.82
C PHE F 107 21.50 4.09 -2.45
N GLN F 108 21.49 4.05 -3.75
CA GLN F 108 21.61 2.87 -4.56
C GLN F 108 22.21 3.20 -5.90
N LYS F 109 23.16 2.38 -6.28
CA LYS F 109 23.78 2.44 -7.57
C LYS F 109 24.03 1.09 -8.22
N ARG F 110 23.65 0.80 -9.48
CA ARG F 110 24.09 -0.40 -10.17
C ARG F 110 24.79 0.02 -11.46
N LEU F 111 25.78 -0.70 -12.01
CA LEU F 111 26.33 -0.16 -13.24
C LEU F 111 27.20 -1.19 -13.95
N ASP F 112 27.51 -2.33 -13.41
CA ASP F 112 28.34 -3.28 -14.12
C ASP F 112 28.25 -4.68 -13.52
N GLY F 113 27.51 -4.93 -12.48
CA GLY F 113 27.33 -6.28 -11.90
C GLY F 113 28.48 -6.74 -11.04
N SER F 114 29.36 -5.82 -10.59
CA SER F 114 30.51 -6.24 -9.79
C SER F 114 30.16 -6.57 -8.36
N VAL F 115 29.00 -6.27 -7.84
CA VAL F 115 28.64 -6.43 -6.44
C VAL F 115 27.40 -7.32 -6.44
N ASP F 116 27.44 -8.32 -5.63
CA ASP F 116 26.37 -9.26 -5.38
C ASP F 116 25.31 -8.66 -4.47
N PHE F 117 24.05 -8.57 -4.87
CA PHE F 117 22.94 -8.03 -4.05
C PHE F 117 22.14 -9.07 -3.31
N LYS F 118 22.52 -10.35 -3.40
CA LYS F 118 21.93 -11.41 -2.58
C LYS F 118 22.56 -11.42 -1.18
N LYS F 119 22.05 -10.66 -0.25
CA LYS F 119 22.60 -10.31 1.01
C LYS F 119 21.47 -10.45 2.03
N ASN F 120 21.90 -10.45 3.29
CA ASN F 120 20.92 -10.70 4.35
C ASN F 120 20.35 -9.49 5.02
N TRP F 121 19.41 -9.64 5.93
CA TRP F 121 18.80 -8.57 6.67
C TRP F 121 19.77 -7.55 7.30
N ILE F 122 20.82 -8.00 7.99
CA ILE F 122 21.80 -7.10 8.59
C ILE F 122 22.68 -6.39 7.55
N GLN F 123 23.06 -7.08 6.48
CA GLN F 123 23.80 -6.40 5.40
C GLN F 123 22.89 -5.36 4.76
N TYR F 124 21.60 -5.65 4.46
CA TYR F 124 20.73 -4.65 3.89
C TYR F 124 20.49 -3.47 4.84
N LYS F 125 20.51 -3.74 6.15
CA LYS F 125 20.32 -2.70 7.14
C LYS F 125 21.56 -1.78 7.26
N GLU F 126 22.74 -2.38 7.19
CA GLU F 126 23.94 -1.57 7.46
C GLU F 126 24.55 -0.95 6.22
N GLY F 127 24.35 -1.62 5.09
CA GLY F 127 24.91 -1.17 3.81
C GLY F 127 26.03 -2.09 3.39
N PHE F 128 26.22 -2.16 2.06
CA PHE F 128 27.26 -2.92 1.41
C PHE F 128 27.69 -2.30 0.10
N GLY F 129 28.73 -2.73 -0.53
CA GLY F 129 29.37 -2.32 -1.77
C GLY F 129 30.36 -1.20 -1.33
N HIS F 130 30.75 -0.31 -2.22
CA HIS F 130 31.78 0.67 -2.09
C HIS F 130 31.34 2.00 -2.73
N LEU F 131 31.90 3.07 -2.24
CA LEU F 131 31.70 4.47 -2.50
C LEU F 131 32.98 4.99 -3.12
N SER F 132 32.86 5.71 -4.24
CA SER F 132 33.97 6.25 -5.00
C SER F 132 33.66 7.73 -5.31
N PRO F 133 34.67 8.57 -5.33
CA PRO F 133 34.55 9.98 -5.64
C PRO F 133 34.02 10.27 -7.02
N THR F 134 34.23 9.40 -7.95
CA THR F 134 33.71 9.51 -9.30
C THR F 134 32.33 8.95 -9.51
N GLY F 135 31.75 8.22 -8.54
CA GLY F 135 30.39 7.68 -8.79
C GLY F 135 30.47 6.52 -9.76
N THR F 136 31.52 5.68 -9.74
CA THR F 136 31.60 4.56 -10.69
C THR F 136 31.65 3.24 -9.91
N THR F 137 30.89 3.13 -8.82
CA THR F 137 30.96 1.88 -7.98
C THR F 137 29.56 1.42 -7.64
N GLU F 138 29.22 0.16 -7.41
CA GLU F 138 27.89 -0.27 -7.02
C GLU F 138 27.73 -0.32 -5.50
N PHE F 139 26.52 -0.03 -4.95
CA PHE F 139 26.37 -0.05 -3.52
C PHE F 139 24.93 0.05 -3.11
N TRP F 140 24.62 -0.26 -1.87
CA TRP F 140 23.39 -0.09 -1.13
C TRP F 140 23.80 0.70 0.13
N LEU F 141 23.29 1.91 0.36
CA LEU F 141 23.66 2.73 1.50
C LEU F 141 23.25 2.13 2.85
N GLY F 142 22.11 1.41 2.89
CA GLY F 142 21.73 0.86 4.21
C GLY F 142 20.39 1.39 4.68
N ASN F 143 19.43 0.51 4.93
CA ASN F 143 18.09 0.91 5.36
C ASN F 143 18.06 1.86 6.52
N GLU F 144 18.84 1.60 7.55
CA GLU F 144 18.90 2.44 8.74
C GLU F 144 19.27 3.88 8.34
N LYS F 145 20.30 4.04 7.56
CA LYS F 145 20.64 5.41 7.11
C LYS F 145 19.55 6.05 6.23
N ILE F 146 18.93 5.24 5.30
CA ILE F 146 17.95 5.86 4.38
C ILE F 146 16.80 6.41 5.25
N HIS F 147 16.43 5.61 6.25
CA HIS F 147 15.42 5.97 7.23
C HIS F 147 15.74 7.26 7.96
N LEU F 148 16.94 7.40 8.56
CA LEU F 148 17.34 8.61 9.27
C LEU F 148 17.34 9.82 8.37
N ILE F 149 17.73 9.71 7.10
CA ILE F 149 17.74 10.89 6.24
C ILE F 149 16.34 11.34 5.84
N SER F 150 15.41 10.41 5.62
CA SER F 150 14.10 10.67 5.03
C SER F 150 13.05 10.94 6.09
N THR F 151 13.31 10.73 7.37
CA THR F 151 12.37 11.01 8.43
C THR F 151 12.86 12.10 9.37
N GLN F 152 13.70 12.99 8.88
CA GLN F 152 14.23 14.12 9.61
C GLN F 152 13.14 15.14 9.93
N SER F 153 12.94 15.40 11.21
CA SER F 153 11.98 16.38 11.68
C SER F 153 10.90 16.81 10.71
N ALA F 154 10.21 15.86 10.08
CA ALA F 154 9.10 16.22 9.19
C ALA F 154 9.45 17.29 8.18
N ILE F 155 10.25 16.87 7.19
CA ILE F 155 10.63 17.74 6.06
C ILE F 155 10.46 16.91 4.80
N PRO F 156 9.46 17.15 3.98
CA PRO F 156 9.19 16.29 2.84
C PRO F 156 10.39 16.00 1.96
N TYR F 157 10.60 14.71 1.72
CA TYR F 157 11.65 14.26 0.81
C TYR F 157 11.07 13.73 -0.50
N ALA F 158 11.80 13.88 -1.59
CA ALA F 158 11.42 13.27 -2.86
C ALA F 158 12.43 12.19 -3.27
N LEU F 159 11.96 11.18 -4.01
CA LEU F 159 12.85 10.14 -4.53
C LEU F 159 12.94 10.25 -6.04
N ARG F 160 14.13 10.09 -6.61
CA ARG F 160 14.25 9.97 -8.05
C ARG F 160 14.91 8.63 -8.41
N VAL F 161 14.28 7.89 -9.29
CA VAL F 161 14.81 6.65 -9.86
C VAL F 161 15.34 6.96 -11.26
N GLU F 162 16.60 6.74 -11.56
CA GLU F 162 17.14 7.00 -12.90
C GLU F 162 17.62 5.66 -13.50
N LEU F 163 17.12 5.33 -14.69
CA LEU F 163 17.42 4.11 -15.38
C LEU F 163 18.14 4.30 -16.70
N GLU F 164 18.96 3.34 -17.09
CA GLU F 164 19.67 3.38 -18.37
C GLU F 164 19.59 2.01 -19.02
N ASP F 165 19.23 1.96 -20.33
CA ASP F 165 19.17 0.66 -21.00
C ASP F 165 20.51 0.37 -21.65
N TRP F 166 20.62 -0.70 -22.43
CA TRP F 166 21.82 -1.17 -23.09
C TRP F 166 22.05 -0.52 -24.46
N ASN F 167 21.31 0.54 -24.76
CA ASN F 167 21.39 1.28 -25.99
C ASN F 167 21.65 2.77 -25.78
N GLY F 168 22.05 3.25 -24.63
CA GLY F 168 22.27 4.67 -24.47
C GLY F 168 21.04 5.44 -24.00
N ARG F 169 19.86 4.82 -23.96
CA ARG F 169 18.72 5.55 -23.47
C ARG F 169 18.55 5.53 -21.95
N THR F 170 18.14 6.69 -21.43
CA THR F 170 17.82 6.92 -20.05
C THR F 170 16.37 7.34 -19.81
N SER F 171 15.84 7.13 -18.62
CA SER F 171 14.50 7.52 -18.23
C SER F 171 14.46 7.76 -16.72
N THR F 172 13.45 8.44 -16.17
CA THR F 172 13.38 8.68 -14.76
C THR F 172 11.93 8.54 -14.29
N ALA F 173 11.73 8.45 -12.99
CA ALA F 173 10.45 8.33 -12.36
C ALA F 173 10.47 9.09 -11.04
N ASP F 174 9.56 9.95 -10.65
CA ASP F 174 9.78 10.68 -9.38
C ASP F 174 8.72 10.38 -8.37
N TYR F 175 8.97 10.31 -7.08
CA TYR F 175 7.92 10.05 -6.12
C TYR F 175 7.93 11.05 -4.98
N ALA F 176 6.80 11.64 -4.66
CA ALA F 176 6.71 12.68 -3.65
C ALA F 176 6.50 12.17 -2.25
N MET F 177 7.14 12.81 -1.27
CA MET F 177 6.97 12.50 0.13
C MET F 177 7.38 11.06 0.45
N PHE F 178 8.54 10.74 -0.12
CA PHE F 178 9.21 9.50 0.07
C PHE F 178 9.64 9.35 1.53
N LYS F 179 9.35 8.19 2.08
CA LYS F 179 9.83 7.91 3.43
C LYS F 179 10.11 6.39 3.53
N VAL F 180 11.08 6.10 4.35
CA VAL F 180 11.35 4.76 4.82
C VAL F 180 11.22 4.80 6.35
N GLY F 181 10.40 3.92 6.85
CA GLY F 181 10.06 3.57 8.18
C GLY F 181 11.21 2.97 8.99
N PRO F 182 11.04 2.91 10.30
CA PRO F 182 12.02 2.35 11.21
C PRO F 182 12.11 0.84 11.15
N GLU F 183 13.17 0.24 11.68
CA GLU F 183 13.33 -1.20 11.78
C GLU F 183 12.15 -1.92 12.47
N ALA F 184 11.55 -1.33 13.54
CA ALA F 184 10.45 -1.99 14.20
C ALA F 184 9.33 -2.30 13.18
N ASP F 185 8.94 -1.33 12.37
CA ASP F 185 7.96 -1.62 11.34
C ASP F 185 8.67 -2.23 10.12
N LYS F 186 9.84 -2.85 10.28
CA LYS F 186 10.58 -3.38 9.12
C LYS F 186 10.94 -2.21 8.23
N TYR F 187 11.05 -2.07 6.95
CA TYR F 187 11.58 -0.63 6.71
C TYR F 187 10.66 -0.13 5.61
N ARG F 188 9.41 -0.10 6.04
CA ARG F 188 8.28 0.10 5.19
C ARG F 188 8.52 1.25 4.23
N LEU F 189 8.29 1.08 2.95
CA LEU F 189 8.34 2.21 2.02
C LEU F 189 6.98 2.92 2.01
N THR F 190 7.02 4.24 1.99
CA THR F 190 5.80 5.03 1.96
C THR F 190 6.01 6.17 0.99
N TYR F 191 5.04 6.57 0.15
CA TYR F 191 5.11 7.79 -0.65
C TYR F 191 3.66 8.34 -0.81
N ALA F 192 3.48 9.59 -1.11
CA ALA F 192 2.18 10.20 -1.30
C ALA F 192 1.71 10.15 -2.75
N TYR F 193 2.51 10.48 -3.77
CA TYR F 193 2.00 10.32 -5.12
C TYR F 193 3.19 10.27 -6.08
N PHE F 194 2.98 9.62 -7.22
CA PHE F 194 3.89 9.51 -8.31
C PHE F 194 3.94 10.92 -8.91
N ALA F 195 5.13 11.52 -9.05
CA ALA F 195 5.19 12.88 -9.53
C ALA F 195 5.62 13.03 -10.97
N GLY F 196 5.71 12.01 -11.78
CA GLY F 196 6.01 12.20 -13.20
C GLY F 196 7.28 11.50 -13.65
N GLY F 197 7.48 11.39 -14.96
CA GLY F 197 8.66 10.75 -15.51
C GLY F 197 8.43 9.75 -16.64
N ASP F 198 9.33 9.74 -17.62
CA ASP F 198 9.15 8.91 -18.79
C ASP F 198 9.28 7.43 -18.46
N ALA F 199 9.85 7.07 -17.32
CA ALA F 199 9.98 5.63 -17.07
C ALA F 199 8.67 4.95 -16.77
N GLY F 200 7.66 5.67 -16.32
CA GLY F 200 6.37 5.14 -15.88
C GLY F 200 6.37 4.90 -14.34
N ASP F 201 5.19 4.63 -13.78
CA ASP F 201 5.01 4.45 -12.37
C ASP F 201 4.99 2.97 -12.03
N ALA F 202 6.12 2.29 -11.94
CA ALA F 202 6.02 0.86 -11.64
C ALA F 202 5.67 0.58 -10.19
N PHE F 203 5.83 1.50 -9.26
CA PHE F 203 5.47 1.31 -7.87
C PHE F 203 3.94 1.24 -7.68
N ASP F 204 3.19 1.61 -8.73
CA ASP F 204 1.76 1.49 -8.67
C ASP F 204 1.31 0.05 -8.94
N GLY F 205 2.21 -0.80 -9.45
CA GLY F 205 1.78 -2.13 -9.84
C GLY F 205 1.54 -2.13 -11.38
N PHE F 206 1.56 -3.34 -11.89
CA PHE F 206 1.47 -3.52 -13.34
C PHE F 206 0.63 -4.73 -13.71
N ASP F 207 -0.20 -4.51 -14.74
CA ASP F 207 -0.99 -5.70 -15.15
C ASP F 207 -0.20 -6.43 -16.24
N PHE F 208 0.56 -7.42 -15.76
CA PHE F 208 1.41 -8.23 -16.61
C PHE F 208 0.64 -9.09 -17.59
N GLY F 209 -0.65 -9.30 -17.40
CA GLY F 209 -1.50 -10.19 -18.16
C GLY F 209 -1.50 -11.65 -17.74
N ASP F 210 -0.86 -12.12 -16.70
CA ASP F 210 -0.86 -13.52 -16.31
C ASP F 210 -2.21 -13.88 -15.68
N ASP F 211 -2.72 -13.00 -14.84
CA ASP F 211 -3.92 -13.17 -14.04
C ASP F 211 -4.46 -11.78 -13.74
N PRO F 212 -5.76 -11.60 -13.61
CA PRO F 212 -6.35 -10.32 -13.26
C PRO F 212 -5.91 -9.80 -11.87
N SER F 213 -5.31 -10.64 -11.02
CA SER F 213 -4.82 -10.10 -9.75
C SER F 213 -3.45 -9.44 -9.83
N ASP F 214 -2.73 -9.51 -10.95
CA ASP F 214 -1.38 -9.02 -11.09
C ASP F 214 -1.05 -7.60 -10.63
N LYS F 215 -1.85 -6.64 -10.99
CA LYS F 215 -1.68 -5.27 -10.59
C LYS F 215 -1.67 -5.11 -9.06
N PHE F 216 -2.63 -5.71 -8.37
CA PHE F 216 -2.71 -5.44 -6.92
C PHE F 216 -1.66 -6.28 -6.20
N PHE F 217 -1.10 -7.29 -6.83
CA PHE F 217 -0.06 -8.04 -6.15
C PHE F 217 1.33 -7.49 -6.52
N THR F 218 1.43 -6.40 -7.30
CA THR F 218 2.78 -6.00 -7.72
C THR F 218 3.01 -4.53 -7.45
N SER F 219 2.23 -3.92 -6.60
CA SER F 219 2.41 -2.50 -6.23
C SER F 219 3.33 -2.40 -5.00
N HIS F 220 4.05 -1.28 -4.81
CA HIS F 220 5.07 -1.26 -3.75
C HIS F 220 4.79 -0.23 -2.65
N ASN F 221 3.87 0.72 -2.88
CA ASN F 221 3.55 1.68 -1.81
C ASN F 221 3.05 0.98 -0.54
N GLY F 222 3.63 1.22 0.63
CA GLY F 222 3.30 0.61 1.89
C GLY F 222 3.89 -0.75 2.10
N MET F 223 4.75 -1.24 1.17
CA MET F 223 5.32 -2.58 1.42
C MET F 223 6.45 -2.52 2.47
N GLN F 224 6.59 -3.58 3.23
CA GLN F 224 7.72 -3.75 4.17
C GLN F 224 8.92 -4.25 3.36
N PHE F 225 10.13 -4.15 3.96
CA PHE F 225 11.37 -4.59 3.36
C PHE F 225 11.52 -6.09 3.67
N SER F 226 12.01 -6.87 2.71
CA SER F 226 12.21 -8.28 2.81
C SER F 226 13.61 -8.76 2.36
N THR F 227 14.12 -9.80 3.03
CA THR F 227 15.35 -10.47 2.64
C THR F 227 15.13 -11.98 2.79
N TRP F 228 15.97 -12.86 2.24
CA TRP F 228 15.70 -14.28 2.36
C TRP F 228 15.51 -14.74 3.82
N ASP F 229 16.19 -14.17 4.78
CA ASP F 229 16.13 -14.52 6.18
C ASP F 229 15.22 -13.63 7.02
N ASN F 230 14.44 -12.76 6.39
CA ASN F 230 13.50 -11.89 7.07
C ASN F 230 12.41 -11.47 6.06
N ASP F 231 11.49 -12.41 5.93
CA ASP F 231 10.36 -12.41 5.05
C ASP F 231 9.16 -11.69 5.63
N ASN F 232 8.82 -10.59 4.98
CA ASN F 232 7.69 -9.74 5.34
C ASN F 232 6.78 -9.47 4.12
N ASP F 233 6.76 -10.42 3.17
CA ASP F 233 6.05 -10.11 1.92
C ASP F 233 4.59 -10.54 1.95
N LYS F 234 3.80 -10.30 0.92
CA LYS F 234 2.37 -10.63 0.94
C LYS F 234 2.13 -11.98 0.30
N PHE F 235 3.10 -12.85 0.22
CA PHE F 235 3.21 -14.04 -0.55
C PHE F 235 3.28 -15.20 0.45
N GLU F 236 2.82 -16.36 0.07
CA GLU F 236 2.86 -17.51 0.97
C GLU F 236 4.24 -18.15 0.87
N GLY F 237 4.94 -17.89 -0.24
CA GLY F 237 6.31 -18.39 -0.37
C GLY F 237 7.28 -17.24 0.07
N ASN F 238 8.54 -17.33 -0.43
CA ASN F 238 9.48 -16.27 -0.01
C ASN F 238 9.99 -15.46 -1.20
N CYS F 239 9.40 -14.32 -1.50
CA CYS F 239 9.85 -13.57 -2.70
C CYS F 239 11.37 -13.30 -2.75
N ALA F 240 11.91 -12.76 -1.65
CA ALA F 240 13.33 -12.43 -1.63
C ALA F 240 14.26 -13.62 -1.89
N GLU F 241 13.91 -14.74 -1.29
CA GLU F 241 14.74 -15.94 -1.53
C GLU F 241 14.65 -16.41 -2.97
N GLN F 242 13.46 -16.37 -3.56
CA GLN F 242 13.34 -16.85 -4.96
C GLN F 242 14.01 -15.90 -5.94
N ASP F 243 13.83 -14.57 -5.77
CA ASP F 243 14.46 -13.69 -6.74
C ASP F 243 15.90 -13.34 -6.41
N GLY F 244 16.50 -13.76 -5.32
CA GLY F 244 17.86 -13.46 -4.95
C GLY F 244 18.18 -12.01 -4.57
N SER F 245 17.32 -11.26 -3.91
CA SER F 245 17.63 -9.90 -3.48
C SER F 245 17.04 -9.46 -2.16
N GLY F 246 17.05 -8.19 -1.84
CA GLY F 246 16.46 -7.57 -0.67
C GLY F 246 15.58 -6.45 -1.30
N TRP F 247 14.28 -6.44 -1.01
CA TRP F 247 13.48 -5.40 -1.66
C TRP F 247 12.18 -5.21 -0.91
N TRP F 248 11.44 -4.18 -1.31
CA TRP F 248 10.10 -3.95 -0.76
C TRP F 248 9.12 -4.82 -1.51
N MET F 249 9.12 -6.14 -1.31
CA MET F 249 8.31 -7.12 -2.00
C MET F 249 6.84 -7.16 -1.55
N ASN F 250 5.96 -7.56 -2.45
CA ASN F 250 4.49 -7.66 -2.33
C ASN F 250 4.21 -9.10 -2.75
N LYS F 251 3.78 -9.28 -4.01
CA LYS F 251 3.67 -10.63 -4.52
C LYS F 251 3.91 -10.72 -6.01
N CYS F 252 5.12 -10.43 -6.40
CA CYS F 252 6.30 -10.07 -5.68
C CYS F 252 6.68 -8.63 -6.06
N HIS F 253 6.81 -8.35 -7.36
CA HIS F 253 7.20 -7.01 -7.79
C HIS F 253 6.86 -6.60 -9.22
N ALA F 254 6.89 -5.30 -9.47
CA ALA F 254 6.76 -4.66 -10.78
C ALA F 254 8.02 -3.79 -11.06
N GLY F 255 8.64 -3.29 -10.00
CA GLY F 255 9.91 -2.58 -10.01
C GLY F 255 10.94 -3.40 -9.20
N HIS F 256 12.18 -3.64 -9.63
CA HIS F 256 13.09 -4.46 -8.79
C HIS F 256 14.55 -4.08 -8.98
N LEU F 257 15.01 -2.92 -8.47
CA LEU F 257 16.37 -2.51 -8.82
C LEU F 257 17.52 -3.23 -8.11
N ASN F 258 17.30 -4.06 -7.12
CA ASN F 258 18.38 -4.79 -6.44
C ASN F 258 18.48 -6.23 -6.93
N GLY F 259 17.84 -6.55 -8.04
CA GLY F 259 17.87 -7.83 -8.74
C GLY F 259 19.23 -8.22 -9.32
N VAL F 260 19.23 -9.32 -10.07
CA VAL F 260 20.36 -9.96 -10.67
C VAL F 260 20.80 -9.19 -11.91
N TYR F 261 22.11 -8.97 -12.02
CA TYR F 261 22.62 -8.20 -13.13
C TYR F 261 22.87 -9.04 -14.38
N TYR F 262 22.30 -8.78 -15.53
CA TYR F 262 22.51 -9.56 -16.75
C TYR F 262 23.17 -8.71 -17.82
N GLN F 263 24.25 -9.15 -18.41
CA GLN F 263 24.95 -8.44 -19.47
C GLN F 263 24.05 -8.27 -20.70
N GLY F 264 24.01 -7.15 -21.37
CA GLY F 264 23.11 -7.02 -22.51
C GLY F 264 21.62 -6.89 -22.22
N GLY F 265 21.11 -6.89 -20.97
CA GLY F 265 19.70 -6.71 -20.72
C GLY F 265 18.81 -7.96 -20.86
N THR F 266 18.69 -8.48 -22.09
CA THR F 266 17.72 -9.55 -22.37
C THR F 266 18.14 -10.84 -21.70
N TYR F 267 17.26 -11.54 -21.05
CA TYR F 267 17.52 -12.82 -20.40
C TYR F 267 16.18 -13.56 -20.51
N SER F 268 16.08 -14.80 -20.14
CA SER F 268 14.90 -15.62 -20.20
C SER F 268 14.80 -16.52 -18.95
N LYS F 269 13.66 -17.18 -18.87
CA LYS F 269 13.30 -18.04 -17.75
C LYS F 269 14.38 -19.07 -17.52
N ALA F 270 14.89 -19.75 -18.54
CA ALA F 270 15.94 -20.75 -18.30
C ALA F 270 17.20 -20.20 -17.63
N SER F 271 17.59 -18.96 -17.84
CA SER F 271 18.75 -18.42 -17.14
C SER F 271 18.41 -18.33 -15.64
N THR F 272 17.12 -18.35 -15.28
CA THR F 272 16.77 -18.16 -13.89
C THR F 272 16.69 -19.48 -13.15
N PRO F 273 17.10 -19.48 -11.90
CA PRO F 273 17.13 -20.66 -11.07
C PRO F 273 15.78 -21.16 -10.61
N ASN F 274 14.73 -20.32 -10.72
CA ASN F 274 13.42 -20.75 -10.24
C ASN F 274 12.33 -20.50 -11.28
N GLY F 275 12.68 -19.96 -12.43
CA GLY F 275 11.67 -19.75 -13.47
C GLY F 275 10.92 -18.44 -13.28
N TYR F 276 11.40 -17.59 -12.34
CA TYR F 276 10.71 -16.31 -12.23
C TYR F 276 11.63 -15.18 -12.68
N ASP F 277 11.08 -14.07 -13.15
CA ASP F 277 11.90 -12.92 -13.58
C ASP F 277 12.60 -12.30 -12.37
N ASN F 278 13.91 -12.33 -12.22
CA ASN F 278 14.62 -11.84 -11.04
C ASN F 278 15.64 -10.74 -11.35
N GLY F 279 15.71 -10.19 -12.53
CA GLY F 279 16.64 -9.19 -12.95
C GLY F 279 16.31 -7.77 -12.50
N ILE F 280 16.99 -6.79 -13.04
CA ILE F 280 16.81 -5.38 -12.65
C ILE F 280 15.69 -4.77 -13.48
N ILE F 281 14.42 -4.95 -13.03
CA ILE F 281 13.32 -4.58 -13.89
C ILE F 281 12.57 -3.32 -13.52
N TRP F 282 11.82 -2.78 -14.49
CA TRP F 282 10.95 -1.63 -14.26
C TRP F 282 9.86 -1.80 -15.32
N ALA F 283 8.82 -2.58 -15.01
CA ALA F 283 7.81 -3.04 -15.91
C ALA F 283 7.07 -1.94 -16.66
N THR F 284 6.92 -0.72 -16.13
CA THR F 284 6.23 0.27 -16.97
C THR F 284 7.11 0.75 -18.11
N TRP F 285 8.39 0.45 -18.14
CA TRP F 285 9.36 0.90 -19.13
C TRP F 285 9.78 -0.23 -20.03
N LYS F 286 10.12 -1.41 -19.55
CA LYS F 286 10.52 -2.54 -20.36
C LYS F 286 9.86 -3.85 -19.89
N THR F 287 9.88 -4.90 -20.70
CA THR F 287 9.30 -6.18 -20.36
C THR F 287 9.92 -6.73 -19.06
N ARG F 288 9.36 -7.69 -18.37
CA ARG F 288 9.99 -8.27 -17.19
C ARG F 288 11.28 -9.02 -17.51
N TRP F 289 11.54 -9.32 -18.77
CA TRP F 289 12.70 -10.08 -19.18
C TRP F 289 13.78 -9.20 -19.76
N TYR F 290 13.79 -7.91 -19.43
CA TYR F 290 14.79 -6.95 -19.84
C TYR F 290 15.39 -6.29 -18.58
N SER F 291 16.68 -6.49 -18.35
CA SER F 291 17.38 -6.02 -17.17
C SER F 291 18.28 -4.83 -17.51
N MET F 292 18.14 -3.79 -16.69
CA MET F 292 18.81 -2.53 -16.93
C MET F 292 20.33 -2.62 -16.85
N LYS F 293 20.93 -1.70 -17.57
CA LYS F 293 22.40 -1.57 -17.59
C LYS F 293 22.86 -0.70 -16.42
N LYS F 294 22.16 0.38 -16.08
CA LYS F 294 22.54 1.24 -14.97
C LYS F 294 21.26 1.66 -14.23
N THR F 295 21.41 1.89 -12.95
CA THR F 295 20.28 2.32 -12.10
C THR F 295 20.81 3.31 -11.06
N THR F 296 19.99 4.21 -10.52
CA THR F 296 20.39 5.10 -9.48
C THR F 296 19.13 5.49 -8.73
N MET F 297 19.17 5.44 -7.40
CA MET F 297 18.05 5.76 -6.55
C MET F 297 18.60 6.85 -5.65
N LYS F 298 17.97 8.02 -5.71
CA LYS F 298 18.48 9.15 -4.95
C LYS F 298 17.42 10.08 -4.36
N ILE F 299 17.76 10.80 -3.25
CA ILE F 299 16.74 11.61 -2.61
C ILE F 299 17.10 13.06 -2.33
N ILE F 300 16.11 13.91 -2.22
CA ILE F 300 16.24 15.35 -2.00
C ILE F 300 15.00 15.95 -1.37
N PRO F 301 15.20 16.95 -0.52
CA PRO F 301 14.06 17.66 0.08
C PRO F 301 13.20 18.13 -1.10
N PHE F 302 11.92 17.84 -0.98
CA PHE F 302 10.92 18.11 -1.99
C PHE F 302 10.83 19.56 -2.46
N ASN F 303 11.07 20.50 -1.54
CA ASN F 303 10.99 21.91 -1.89
C ASN F 303 12.00 22.27 -2.97
N ARG F 304 12.95 21.39 -3.24
CA ARG F 304 13.94 21.55 -4.29
C ARG F 304 13.37 21.08 -5.62
N LEU F 305 14.24 20.72 -6.56
CA LEU F 305 13.84 20.12 -7.81
C LEU F 305 12.88 18.94 -7.65
N THR F 306 13.22 17.83 -8.33
CA THR F 306 12.31 16.68 -8.38
C THR F 306 10.90 17.20 -8.64
N ILE F 307 10.67 17.80 -9.81
CA ILE F 307 9.31 18.30 -10.08
C ILE F 307 8.93 19.26 -8.95
N GLY F 308 9.96 19.82 -8.29
CA GLY F 308 9.83 20.69 -7.15
C GLY F 308 9.61 22.17 -7.35
N GLU F 309 9.26 22.85 -6.26
CA GLU F 309 9.01 24.28 -6.22
C GLU F 309 10.29 25.09 -6.04
N GLY F 310 10.58 25.56 -4.83
CA GLY F 310 11.79 26.33 -4.54
C GLY F 310 11.84 26.78 -3.08
N GLY G 1 -12.49 -17.93 12.76
CA GLY G 1 -13.10 -19.12 12.18
C GLY G 1 -12.12 -20.10 11.56
N PRO G 2 -11.32 -20.81 12.32
CA PRO G 2 -10.40 -21.80 11.82
C PRO G 2 -11.22 -23.00 11.40
N ARG G 3 -10.61 -23.93 10.67
CA ARG G 3 -11.33 -25.14 10.33
C ARG G 3 -10.47 -26.33 10.81
N PRO G 4 -10.44 -26.52 12.12
CA PRO G 4 -9.73 -27.68 12.70
C PRO G 4 -10.32 -28.94 12.08
N GLY H 1 8.00 -9.83 -11.03
CA GLY H 1 6.69 -10.24 -11.59
C GLY H 1 5.70 -10.72 -10.55
N PRO H 2 4.54 -11.16 -11.02
CA PRO H 2 3.48 -11.68 -10.18
C PRO H 2 3.69 -13.13 -9.82
N ARG H 3 2.80 -13.70 -9.05
CA ARG H 3 2.73 -15.06 -8.58
C ARG H 3 1.20 -15.30 -8.62
N PRO H 4 0.83 -16.49 -9.01
CA PRO H 4 -0.59 -16.81 -9.18
C PRO H 4 -1.46 -16.43 -7.99
N GLY I 1 -69.40 0.88 -20.71
CA GLY I 1 -70.57 0.91 -21.64
C GLY I 1 -70.45 1.71 -22.92
N HIS I 2 -71.36 1.41 -23.82
CA HIS I 2 -71.54 1.97 -25.13
C HIS I 2 -72.53 3.15 -25.13
N ARG I 3 -72.62 3.86 -26.25
CA ARG I 3 -73.55 4.99 -26.35
C ARG I 3 -74.30 4.86 -27.66
N PRO I 4 -75.52 4.42 -27.62
CA PRO I 4 -76.35 4.26 -28.82
C PRO I 4 -76.72 5.57 -29.53
N GLY J 1 68.90 -10.97 21.36
CA GLY J 1 68.78 -9.60 21.83
C GLY J 1 69.21 -9.32 23.24
N HIS J 2 70.16 -10.04 23.87
CA HIS J 2 70.60 -9.63 25.21
C HIS J 2 71.92 -8.87 25.08
N ARG J 3 72.34 -8.15 26.09
CA ARG J 3 73.59 -7.43 26.11
C ARG J 3 74.32 -7.68 27.45
N PRO J 4 75.22 -8.62 27.48
CA PRO J 4 75.99 -8.97 28.67
C PRO J 4 76.64 -7.74 29.34
C1 NAG K . -77.18 -1.49 -30.10
C2 NAG K . -77.95 -2.65 -30.69
C3 NAG K . -79.43 -2.35 -30.82
C4 NAG K . -79.95 -1.92 -29.44
C5 NAG K . -79.05 -0.92 -28.70
C6 NAG K . -79.44 -0.96 -27.21
C7 NAG K . -76.91 -4.25 -32.30
C8 NAG K . -76.31 -4.39 -33.64
N2 NAG K . -77.41 -3.01 -32.02
O3 NAG K . -80.15 -3.50 -31.26
O4 NAG K . -81.22 -1.27 -29.61
O5 NAG K . -77.68 -1.23 -28.78
O6 NAG K . -78.83 0.11 -26.52
O7 NAG K . -76.94 -5.07 -31.51
C1 NAG K . -82.83 -1.24 -30.53
C2 NAG K . -83.80 -2.06 -29.73
C3 NAG K . -84.96 -1.26 -29.18
C4 NAG K . -84.52 0.13 -28.68
C5 NAG K . -83.60 0.87 -29.68
C6 NAG K . -83.01 2.15 -29.11
C7 NAG K . -83.89 -4.40 -30.60
C8 NAG K . -84.58 -5.36 -31.49
N2 NAG K . -84.39 -3.15 -30.55
O3 NAG K . -85.50 -1.95 -28.05
O4 NAG K . -85.71 0.90 -28.45
O5 NAG K . -82.49 0.01 -29.91
O6 NAG K . -82.56 2.08 -27.79
O7 NAG K . -82.96 -4.72 -30.01
C1 MAN L . -88.32 -0.06 -27.04
C2 MAN L . -88.04 -1.43 -27.66
C3 MAN L . -88.34 -1.47 -29.15
C4 MAN L . -89.57 -0.68 -29.54
C5 MAN L . -89.43 0.77 -29.03
C6 MAN L . -90.66 1.62 -29.31
O2 MAN L . -88.74 -2.48 -27.00
O3 MAN L . -88.43 -2.87 -29.48
O4 MAN L . -89.79 -0.65 -30.94
O5 MAN L . -89.22 0.80 -27.62
O6 MAN L . -90.35 2.99 -29.09
CA CA M . -65.91 13.68 -28.12
CA CA N . -13.80 -24.02 -1.14
C1 NAG O . 75.34 -14.45 29.45
C2 NAG O . 75.92 -15.48 30.38
C3 NAG O . 77.44 -15.44 30.46
C4 NAG O . 78.03 -15.58 29.04
C5 NAG O . 77.35 -14.54 28.13
C6 NAG O . 77.63 -14.63 26.64
C7 NAG O . 74.48 -16.20 32.24
C8 NAG O . 73.90 -15.83 33.57
N2 NAG O . 75.32 -15.30 31.72
O3 NAG O . 77.78 -16.57 31.24
O4 NAG O . 79.47 -15.42 29.03
O5 NAG O . 75.97 -14.72 28.21
O6 NAG O . 77.25 -13.41 26.06
O7 NAG O . 74.24 -17.18 31.72
CA CA P . 69.56 3.66 27.08
CA CA Q . 6.27 -14.78 2.31
C1 NAG R . 81.14 -14.26 27.40
C2 NAG R . 81.69 -15.52 26.76
C3 NAG R . 82.45 -15.24 25.49
C4 NAG R . 81.64 -14.32 24.55
C5 NAG R . 81.01 -13.11 25.28
C6 NAG R . 79.99 -12.44 24.37
C7 NAG R . 82.15 -17.10 28.64
C8 NAG R . 83.25 -17.76 29.41
N2 NAG R . 82.61 -16.21 27.72
O3 NAG R . 82.68 -16.49 24.82
O4 NAG R . 82.51 -13.78 23.52
O5 NAG R . 80.35 -13.55 26.44
O6 NAG R . 80.43 -11.36 23.63
O7 NAG R . 81.03 -17.30 28.80
#